data_2BNI
# 
_entry.id   2BNI 
# 
_audit_conform.dict_name       mmcif_pdbx.dic 
_audit_conform.dict_version    5.398 
_audit_conform.dict_location   http://mmcif.pdb.org/dictionaries/ascii/mmcif_pdbx.dic 
# 
loop_
_database_2.database_id 
_database_2.database_code 
_database_2.pdbx_database_accession 
_database_2.pdbx_DOI 
PDB   2BNI         pdb_00002bni 10.2210/pdb2bni/pdb 
PDBE  EBI-22455    ?            ?                   
WWPDB D_1290022455 ?            ?                   
# 
loop_
_pdbx_audit_revision_history.ordinal 
_pdbx_audit_revision_history.data_content_type 
_pdbx_audit_revision_history.major_revision 
_pdbx_audit_revision_history.minor_revision 
_pdbx_audit_revision_history.revision_date 
1 'Structure model' 1 0 2005-03-30 
2 'Structure model' 1 1 2011-05-08 
3 'Structure model' 1 2 2011-07-13 
4 'Structure model' 1 3 2019-05-08 
5 'Structure model' 1 4 2024-11-13 
# 
_pdbx_audit_revision_details.ordinal             1 
_pdbx_audit_revision_details.revision_ordinal    1 
_pdbx_audit_revision_details.data_content_type   'Structure model' 
_pdbx_audit_revision_details.provider            repository 
_pdbx_audit_revision_details.type                'Initial release' 
_pdbx_audit_revision_details.description         ? 
_pdbx_audit_revision_details.details             ? 
# 
loop_
_pdbx_audit_revision_group.ordinal 
_pdbx_audit_revision_group.revision_ordinal 
_pdbx_audit_revision_group.data_content_type 
_pdbx_audit_revision_group.group 
1  2 'Structure model' 'Version format compliance' 
2  3 'Structure model' 'Version format compliance' 
3  4 'Structure model' 'Data collection'           
4  4 'Structure model' 'Derived calculations'      
5  4 'Structure model' 'Experimental preparation'  
6  4 'Structure model' Other                       
7  5 'Structure model' 'Data collection'           
8  5 'Structure model' 'Database references'       
9  5 'Structure model' Other                       
10 5 'Structure model' 'Structure summary'         
# 
loop_
_pdbx_audit_revision_category.ordinal 
_pdbx_audit_revision_category.revision_ordinal 
_pdbx_audit_revision_category.data_content_type 
_pdbx_audit_revision_category.category 
1  4 'Structure model' exptl_crystal_grow        
2  4 'Structure model' pdbx_database_proc        
3  4 'Structure model' pdbx_database_status      
4  4 'Structure model' struct_conn               
5  5 'Structure model' chem_comp_atom            
6  5 'Structure model' chem_comp_bond            
7  5 'Structure model' database_2                
8  5 'Structure model' pdbx_database_status      
9  5 'Structure model' pdbx_entry_details        
10 5 'Structure model' pdbx_modification_feature 
# 
loop_
_pdbx_audit_revision_item.ordinal 
_pdbx_audit_revision_item.revision_ordinal 
_pdbx_audit_revision_item.data_content_type 
_pdbx_audit_revision_item.item 
1 4 'Structure model' '_exptl_crystal_grow.method'                  
2 4 'Structure model' '_pdbx_database_status.recvd_author_approval' 
3 4 'Structure model' '_struct_conn.pdbx_leaving_atom_flag'         
4 5 'Structure model' '_database_2.pdbx_DOI'                        
5 5 'Structure model' '_database_2.pdbx_database_accession'         
6 5 'Structure model' '_pdbx_database_status.status_code_sf'        
# 
_pdbx_database_status.status_code                     REL 
_pdbx_database_status.entry_id                        2BNI 
_pdbx_database_status.deposit_site                    PDBE 
_pdbx_database_status.process_site                    PDBE 
_pdbx_database_status.SG_entry                        . 
_pdbx_database_status.recvd_initial_deposition_date   2005-03-24 
_pdbx_database_status.pdb_format_compatible           Y 
_pdbx_database_status.status_code_sf                  REL 
_pdbx_database_status.status_code_mr                  ? 
_pdbx_database_status.status_code_cs                  ? 
_pdbx_database_status.methods_development_category    ? 
_pdbx_database_status.status_code_nmr_data            ? 
# 
loop_
_pdbx_database_related.db_name 
_pdbx_database_related.db_id 
_pdbx_database_related.content_type 
_pdbx_database_related.details 
PDB 1CE9 unspecified 'HELIX CAPPING IN THE GCN4 LEUCINE ZIPPER' 
PDB 1DGC unspecified 'GCN4 LEUCINE ZIPPER COMPLEXED WITH SPECIFIC ATF/CREB SITE DEOXYRIBONUCLEIC ACID' 
PDB 1ENV unspecified 'ATOMIC STRUCTURE OF THE ECTODOMAIN FROM HIV -1 GP41' 
PDB 1FAV unspecified 'THE STRUCTURE OF AN HIV-1 SPECIFIC CELL ENTRY INHIBITOR INCOMPLEX WITH THE HIV-1 GP41 TRIMERIC CORE' 
PDB 1GCL unspecified 'GCN4 LEUCINE ZIPPER CORE MUTANT P-LI' 
PDB 1GCM unspecified 'GCN4 LEUCINE ZIPPER CORE MUTANT P-LI' 
PDB 1GK6 unspecified 'HUMAN VIMENTIN COIL 2B FRAGMENT LINKED TO GCN4 LEUCINE ZIPPER (Z2B)' 
PDB 1GZL unspecified 
'CRYSTAL STRUCTURE OF C14LINKMID/IQN17: A CROSS-LINKED INHIBITOR OF HIV-1 ENTRY BOUND TO THE GP41 HYDROPHOBIC POCKET'          
PDB 1IHQ unspecified 
'GLYTM1BZIP: A CHIMERIC PEPTIDE MODEL OF THE N-TERMINUS OF ARAT SHORT ALPHA TROPOMYOSIN WITH THE N-TERMINUS ENCODED BYEXON 1B' 
PDB 1IJ0 unspecified 'COILED COIL TRIMER GCN4-PVLS SER AT BURIED D POSITION' 
PDB 1IJ1 unspecified 'GCN4-PVLT COILED-COIL TRIMER WITH THREONINE AT THE D(12)POSITION' 
PDB 1IJ2 unspecified 'GCN4-PVTL COILED-COIL TRIMER WITH THREONINE AT THE A(16)POSITION' 
PDB 1IJ3 unspecified 'GCN4-PVSL COILED-COIL TRIMER WITH SERINE AT THE A(16)POSITION' 
PDB 1KQL unspecified 'CRYSTAL STRUCTURE OF THE C-TERMINAL REGION OF STRIATEDMUSCLE ALPHA-TROPOMYOSIN AT 2.7 ANGSTROM RESOLUTION' 
PDB 1LD4 unspecified 'PLACEMENT OF THE STRUCTURAL PROTEINS IN SINDBIS VIRUS' 
PDB 1LLM unspecified 'CRYSTAL STRUCTURE OF A ZIF23-GCN4 CHIMERA BOUND TO DNA' 
PDB 1NKN unspecified 
'VISUALIZING AN UNSTABLE COILED COIL: THE CRYSTAL STRUCTUREOF AN N-TERMINAL SEGMENT OF THE SCALLOP MYOSIN ROD'                 
PDB 1PIQ unspecified 'CRYSTAL STRUCTURE OF GCN4-PIQ, A TRIMERIC COILED COIL WITH BURIED POLAR RESIDUES' 
PDB 1RB1 unspecified 'GCN4-LEUCINE ZIPPER CORE MUTANT AS N16A TRIGONAL AUTOMATICSOLUTION' 
PDB 1RB4 unspecified 'ANTIPARALLEL TRIMER OF GCN4-LEUCINE ZIPPER CORE MUTANT ASN16A TETRAGONAL AUTOMATIC SOLUTION' 
PDB 1RB5 unspecified 'ANTIPARALLEL TRIMER OF GCN4-LEUCINE ZIPPER CORE MUTANT ASN16A TRIGONAL FORM' 
PDB 1RB6 unspecified 'ANTIPARALLEL TRIMER OF GCN4-LEUCINE ZIPPER CORE MUTANT ASN16A TETRAGONAL FORM' 
PDB 1SWI unspecified 'GCN4-LEUCINE ZIPPER CORE MUTANT AS N16A COMPLEXED WITH BENZENE' 
PDB 1TMZ unspecified 'TMZIP: A CHIMERIC PEPTIDE MODEL OF THE N- TERMINUS OF ALPHA TROPOMYOSIN, NMR, 15 STRUCTURES' 
PDB 1UNT unspecified 'STRUCTURE BASED ENGINEERING OF INTERNAL MOLECULAR SURFACES OF FOUR HELIX BUNDLES' 
PDB 1UNU unspecified 'STRUCTURE BASED ENGINEERING OF INTERNAL MOLECULAR SURFACES OF FOUR HELIX BUNDLES' 
PDB 1UNV unspecified 'STRUCTURE BASED ENGINEERING OF INTERNAL MOLECULAR SURFACES OF FOUR HELIX BUNDLES' 
PDB 1UNW unspecified 'STRUCTURE BASED ENGINEERING OF INTERNAL MOLECULAR SURFACES OF FOUR HELIX BUNDLES' 
PDB 1UNX unspecified 'STRUCTURE BASED ENGINEERING OF INTERNAL MOLECULAR SURFACES OF FOUR HELIX BUNDLES' 
PDB 1UNY unspecified 'STRUCTURE BASED ENGINEERING OF INTERNAL MOLECULAR SURFACES OF FOUR HELIX BUNDLES' 
PDB 1UNZ unspecified 'STRUCTURE BASED ENGINEERING OF INTERNAL MOLECULAR SURFACES OF FOUR HELIX BUNDLES' 
PDB 1UO0 unspecified 'STRUCTURE BASED ENGINEERING OF INTERNAL MOLECULAR SURFACES OF FOUR HELIX BUNDLES' 
PDB 1UO1 unspecified 'STRUCTURE BASED ENGINEERING OF INTERNAL MOLECULAR SURFACES OF FOUR HELIX BUNDLES' 
PDB 1UO2 unspecified 'STRUCTURE BASED ENGINEERING OF INTERNAL MOLECULAR SURFACES OF FOUR HELIX BUNDLES' 
PDB 1UO3 unspecified 'STRUCTURE BASED ENGINEERING OF INTERNAL MOLECULAR SURFACES OF FOUR HELIX BUNDLES' 
PDB 1UO4 unspecified 'STRUCTURE BASED ENGINEERING OF INTERNAL MOLECULAR SURFACES OF FOUR HELIX BUNDLES' 
PDB 1UO5 unspecified 'STRUCTURE BASED ENGINEERING OF INTERNAL MOLECULAR SURFACES OF FOUR HELIX BUNDLES' 
PDB 1VZL unspecified 'AN ANTI-PARALLEL FOUR HELIX BUNDLE MUTANT PLI-E20C' 
PDB 1W5G unspecified 'AN ANTI-PARALLEL FOUR HELIX BUNDLE ( ACETIMIDE MODIFICATION).' 
PDB 1W5H unspecified 'AN ANTI-PARALLEL FOUR HELIX BUNDLE.' 
PDB 1W5I unspecified 'ABA DOES NOT AFFECT TOPOLOGY OF PLI.' 
PDB 1W5J unspecified 'AN ANTI-PARALLEL FOUR HELIX BUNDLE' 
PDB 1W5K unspecified 'AN ANTI-PARALLEL FOUR HELIX BUNDLE' 
PDB 1W5L unspecified 'AN ANTI-PARALLEL TO PARALLEL SWITCH.' 
PDB 1YSA unspecified 'GCN4 (BASIC REGION, LEUCINE ZIPPER) COMPLEX WITH AP-1 DEOXYRIBONUCLEIC ACID' 
PDB 1ZII unspecified 'GCN4-LEUCINE ZIPPER CORE MUTANT ASN16ABA IN THE DIMERIC STATE' 
PDB 1ZIJ unspecified 'GCN4-LEUCINE ZIPPER CORE MUTANT ASN16ABA IN THE TRIMERIC STATE' 
PDB 1ZIK unspecified 'GCN4-LEUCINE ZIPPER CORE MUTANT ASN16LYS IN THE DIMERIC STATE' 
PDB 1ZIL unspecified 'GCN4-LEUCINE ZIPPER CORE MUTANT ASN16GLN IN THE DIMERIC STATE' 
PDB 1ZIM unspecified 'GCN4-LEUCINE ZIPPER CORE MUTANT ASN16GLN IN THE TRIMERIC STATE' 
PDB 1ZTA unspecified 'LEUCINE ZIPPER MONOMER (NMR, 20 STRUCTURES)' 
PDB 2DGC unspecified 'GCN4 BASIC DOMAIN, LEUCINE ZIPPER COMPLEXED WITH ATF/CREB SITE DEOXYRIBONUCLEIC ACID' 
PDB 2ZTA unspecified 'GCN4 LEUCINE ZIPPER' 
# 
loop_
_audit_author.name 
_audit_author.pdbx_ordinal 
'Yadav, M.K.'   1 
'Leman, L.J.'   2 
'Stout, C.D.'   3 
'Ghadiri, M.R.' 4 
# 
_citation.id                        primary 
_citation.title                     'Structure-Based Engineering of Internal Cavities in Coiled-Coil Peptides' 
_citation.journal_abbrev            Biochemistry 
_citation.journal_volume            44 
_citation.page_first                9723 
_citation.page_last                 ? 
_citation.year                      2005 
_citation.journal_id_ASTM           BICHAW 
_citation.country                   US 
_citation.journal_id_ISSN           0006-2960 
_citation.journal_id_CSD            0033 
_citation.book_publisher            ? 
_citation.pdbx_database_id_PubMed   16008357 
_citation.pdbx_database_id_DOI      10.1021/BI050742A 
# 
loop_
_citation_author.citation_id 
_citation_author.name 
_citation_author.ordinal 
_citation_author.identifier_ORCID 
primary 'Yadav, M.K.'             1 ? 
primary 'Redman, J.E.'            2 ? 
primary 'Leman, L.J.'             3 ? 
primary 'Alvarez-Gutierrez, J.M.' 4 ? 
primary 'Zhang, Y.'               5 ? 
primary 'Stout, C.D.'             6 ? 
primary 'Ghadiri, M.R.'           7 ? 
# 
loop_
_entity.id 
_entity.type 
_entity.src_method 
_entity.pdbx_description 
_entity.formula_weight 
_entity.pdbx_number_of_molecules 
_entity.pdbx_ec 
_entity.pdbx_mutation 
_entity.pdbx_fragment 
_entity.details 
1 polymer syn 'GENERAL CONTROL PROTEIN GCN4' 4100.854 4  ? YES ? ? 
2 water   nat water                          18.015   55 ? ?   ? ? 
# 
_entity_name_com.entity_id   1 
_entity_name_com.name        'AMINO ACID BIOSYNTHESIS REGULATORY PROTEIN, PLI E20C N16G Y17H' 
# 
_entity_poly.entity_id                      1 
_entity_poly.type                           'polypeptide(L)' 
_entity_poly.nstd_linkage                   no 
_entity_poly.nstd_monomer                   yes 
_entity_poly.pdbx_seq_one_letter_code       '(TYZ)RMKQIEDKLEEILSKGHHICNELARIKKLLGER' 
_entity_poly.pdbx_seq_one_letter_code_can   XRMKQIEDKLEEILSKGHHICNELARIKKLLGER 
_entity_poly.pdbx_strand_id                 A,B,C,D 
_entity_poly.pdbx_target_identifier         ? 
# 
_pdbx_entity_nonpoly.entity_id   2 
_pdbx_entity_nonpoly.name        water 
_pdbx_entity_nonpoly.comp_id     HOH 
# 
loop_
_entity_poly_seq.entity_id 
_entity_poly_seq.num 
_entity_poly_seq.mon_id 
_entity_poly_seq.hetero 
1 1  TYZ n 
1 2  ARG n 
1 3  MET n 
1 4  LYS n 
1 5  GLN n 
1 6  ILE n 
1 7  GLU n 
1 8  ASP n 
1 9  LYS n 
1 10 LEU n 
1 11 GLU n 
1 12 GLU n 
1 13 ILE n 
1 14 LEU n 
1 15 SER n 
1 16 LYS n 
1 17 GLY n 
1 18 HIS n 
1 19 HIS n 
1 20 ILE n 
1 21 CYS n 
1 22 ASN n 
1 23 GLU n 
1 24 LEU n 
1 25 ALA n 
1 26 ARG n 
1 27 ILE n 
1 28 LYS n 
1 29 LYS n 
1 30 LEU n 
1 31 LEU n 
1 32 GLY n 
1 33 GLU n 
1 34 ARG n 
# 
_pdbx_entity_src_syn.entity_id              1 
_pdbx_entity_src_syn.pdbx_src_id            1 
_pdbx_entity_src_syn.pdbx_alt_source_flag   sample 
_pdbx_entity_src_syn.pdbx_beg_seq_num       ? 
_pdbx_entity_src_syn.pdbx_end_seq_num       ? 
_pdbx_entity_src_syn.organism_scientific    'SACCHAROMYCES CEREVISIAE' 
_pdbx_entity_src_syn.organism_common_name   
;BAKER'S YEAST
;
_pdbx_entity_src_syn.ncbi_taxonomy_id       4932 
_pdbx_entity_src_syn.details                ? 
# 
loop_
_chem_comp.id 
_chem_comp.type 
_chem_comp.mon_nstd_flag 
_chem_comp.name 
_chem_comp.pdbx_synonyms 
_chem_comp.formula 
_chem_comp.formula_weight 
ALA 'L-peptide linking' y ALANINE                       ? 'C3 H7 N O2'     89.093  
ARG 'L-peptide linking' y ARGININE                      ? 'C6 H15 N4 O2 1' 175.209 
ASN 'L-peptide linking' y ASPARAGINE                    ? 'C4 H8 N2 O3'    132.118 
ASP 'L-peptide linking' y 'ASPARTIC ACID'               ? 'C4 H7 N O4'     133.103 
CYS 'L-peptide linking' y CYSTEINE                      ? 'C3 H7 N O2 S'   121.158 
GLN 'L-peptide linking' y GLUTAMINE                     ? 'C5 H10 N2 O3'   146.144 
GLU 'L-peptide linking' y 'GLUTAMIC ACID'               ? 'C5 H9 N O4'     147.129 
GLY 'peptide linking'   y GLYCINE                       ? 'C2 H5 N O2'     75.067  
HIS 'L-peptide linking' y HISTIDINE                     ? 'C6 H10 N3 O2 1' 156.162 
HOH non-polymer         . WATER                         ? 'H2 O'           18.015  
ILE 'L-peptide linking' y ISOLEUCINE                    ? 'C6 H13 N O2'    131.173 
LEU 'L-peptide linking' y LEUCINE                       ? 'C6 H13 N O2'    131.173 
LYS 'L-peptide linking' y LYSINE                        ? 'C6 H15 N2 O2 1' 147.195 
MET 'L-peptide linking' y METHIONINE                    ? 'C5 H11 N O2 S'  149.211 
SER 'L-peptide linking' y SERINE                        ? 'C3 H7 N O3'     105.093 
TYR 'L-peptide linking' y TYROSINE                      ? 'C9 H11 N O3'    181.189 
TYZ non-polymer         . 'PARA ACETAMIDO BENZOIC ACID' ? 'C9 H9 N O3'     179.173 
VAL 'L-peptide linking' y VALINE                        ? 'C5 H11 N O2'    117.146 
# 
loop_
_pdbx_poly_seq_scheme.asym_id 
_pdbx_poly_seq_scheme.entity_id 
_pdbx_poly_seq_scheme.seq_id 
_pdbx_poly_seq_scheme.mon_id 
_pdbx_poly_seq_scheme.ndb_seq_num 
_pdbx_poly_seq_scheme.pdb_seq_num 
_pdbx_poly_seq_scheme.auth_seq_num 
_pdbx_poly_seq_scheme.pdb_mon_id 
_pdbx_poly_seq_scheme.auth_mon_id 
_pdbx_poly_seq_scheme.pdb_strand_id 
_pdbx_poly_seq_scheme.pdb_ins_code 
_pdbx_poly_seq_scheme.hetero 
A 1 1  TYZ 1  0  ?  ?   ?   A . n 
A 1 2  ARG 2  1  1  ARG ARG A . n 
A 1 3  MET 3  2  2  MET MET A . n 
A 1 4  LYS 4  3  3  LYS LYS A . n 
A 1 5  GLN 5  4  4  GLN GLN A . n 
A 1 6  ILE 6  5  5  ILE ILE A . n 
A 1 7  GLU 7  6  6  GLU GLU A . n 
A 1 8  ASP 8  7  7  ASP ASP A . n 
A 1 9  LYS 9  8  8  LYS LYS A . n 
A 1 10 LEU 10 9  9  LEU LEU A . n 
A 1 11 GLU 11 10 10 GLU GLU A . n 
A 1 12 GLU 12 11 11 GLU GLU A . n 
A 1 13 ILE 13 12 12 ILE ILE A . n 
A 1 14 LEU 14 13 13 LEU LEU A . n 
A 1 15 SER 15 14 14 SER SER A . n 
A 1 16 LYS 16 15 15 LYS LYS A . n 
A 1 17 GLY 17 16 16 GLY GLY A . n 
A 1 18 HIS 18 17 17 HIS HIS A . n 
A 1 19 HIS 19 18 18 HIS HIS A . n 
A 1 20 ILE 20 19 19 ILE ILE A . n 
A 1 21 CYS 21 20 20 CYS CYS A . n 
A 1 22 ASN 22 21 21 ASN ASN A . n 
A 1 23 GLU 23 22 22 GLU GLU A . n 
A 1 24 LEU 24 23 23 LEU LEU A . n 
A 1 25 ALA 25 24 24 ALA ALA A . n 
A 1 26 ARG 26 25 25 ARG ARG A . n 
A 1 27 ILE 27 26 26 ILE ILE A . n 
A 1 28 LYS 28 27 27 LYS LYS A . n 
A 1 29 LYS 29 28 28 LYS LYS A . n 
A 1 30 LEU 30 29 29 LEU LEU A . n 
A 1 31 LEU 31 30 30 LEU LEU A . n 
A 1 32 GLY 32 31 ?  ?   ?   A . n 
A 1 33 GLU 33 32 ?  ?   ?   A . n 
A 1 34 ARG 34 33 ?  ?   ?   A . n 
B 1 1  TYZ 1  0  0  TYZ TYZ B . n 
B 1 2  ARG 2  1  1  ARG ARG B . n 
B 1 3  MET 3  2  2  MET MET B . n 
B 1 4  LYS 4  3  3  LYS LYS B . n 
B 1 5  GLN 5  4  4  GLN GLN B . n 
B 1 6  ILE 6  5  5  ILE ILE B . n 
B 1 7  GLU 7  6  6  GLU GLU B . n 
B 1 8  ASP 8  7  7  ASP ASP B . n 
B 1 9  LYS 9  8  8  LYS LYS B . n 
B 1 10 LEU 10 9  9  LEU LEU B . n 
B 1 11 GLU 11 10 10 GLU GLU B . n 
B 1 12 GLU 12 11 11 GLU GLU B . n 
B 1 13 ILE 13 12 12 ILE ILE B . n 
B 1 14 LEU 14 13 13 LEU LEU B . n 
B 1 15 SER 15 14 14 SER SER B . n 
B 1 16 LYS 16 15 15 LYS LYS B . n 
B 1 17 GLY 17 16 16 GLY GLY B . n 
B 1 18 HIS 18 17 17 HIS HIS B . n 
B 1 19 HIS 19 18 18 HIS HIS B . n 
B 1 20 ILE 20 19 19 ILE ILE B . n 
B 1 21 CYS 21 20 20 CYS CYS B . n 
B 1 22 ASN 22 21 21 ASN ASN B . n 
B 1 23 GLU 23 22 22 GLU GLU B . n 
B 1 24 LEU 24 23 23 LEU LEU B . n 
B 1 25 ALA 25 24 24 ALA ALA B . n 
B 1 26 ARG 26 25 25 ARG ARG B . n 
B 1 27 ILE 27 26 26 ILE ILE B . n 
B 1 28 LYS 28 27 27 LYS LYS B . n 
B 1 29 LYS 29 28 28 LYS LYS B . n 
B 1 30 LEU 30 29 29 LEU LEU B . n 
B 1 31 LEU 31 30 30 LEU LEU B . n 
B 1 32 GLY 32 31 31 GLY GLY B . n 
B 1 33 GLU 33 32 32 GLU GLU B . n 
B 1 34 ARG 34 33 33 ARG ARG B . n 
C 1 1  TYZ 1  0  0  TYZ TYZ C . n 
C 1 2  ARG 2  1  1  ARG ARG C . n 
C 1 3  MET 3  2  2  MET MET C . n 
C 1 4  LYS 4  3  3  LYS LYS C . n 
C 1 5  GLN 5  4  4  GLN GLN C . n 
C 1 6  ILE 6  5  5  ILE ILE C . n 
C 1 7  GLU 7  6  6  GLU GLU C . n 
C 1 8  ASP 8  7  7  ASP ASP C . n 
C 1 9  LYS 9  8  8  LYS LYS C . n 
C 1 10 LEU 10 9  9  LEU LEU C . n 
C 1 11 GLU 11 10 10 GLU GLU C . n 
C 1 12 GLU 12 11 11 GLU GLU C . n 
C 1 13 ILE 13 12 12 ILE ILE C . n 
C 1 14 LEU 14 13 13 LEU LEU C . n 
C 1 15 SER 15 14 14 SER SER C . n 
C 1 16 LYS 16 15 15 LYS LYS C . n 
C 1 17 GLY 17 16 16 GLY GLY C . n 
C 1 18 HIS 18 17 17 HIS HIS C . n 
C 1 19 HIS 19 18 18 HIS HIS C . n 
C 1 20 ILE 20 19 19 ILE ILE C . n 
C 1 21 CYS 21 20 20 CYS CYS C . n 
C 1 22 ASN 22 21 21 ASN ASN C . n 
C 1 23 GLU 23 22 22 GLU GLU C . n 
C 1 24 LEU 24 23 23 LEU LEU C . n 
C 1 25 ALA 25 24 24 ALA ALA C . n 
C 1 26 ARG 26 25 25 ARG ARG C . n 
C 1 27 ILE 27 26 26 ILE ILE C . n 
C 1 28 LYS 28 27 27 LYS LYS C . n 
C 1 29 LYS 29 28 28 LYS LYS C . n 
C 1 30 LEU 30 29 29 LEU LEU C . n 
C 1 31 LEU 31 30 30 LEU LEU C . n 
C 1 32 GLY 32 31 31 GLY GLY C . n 
C 1 33 GLU 33 32 32 GLU GLU C . n 
C 1 34 ARG 34 33 33 ARG ARG C . n 
D 1 1  TYZ 1  0  ?  ?   ?   D . n 
D 1 2  ARG 2  1  1  ARG ARG D . n 
D 1 3  MET 3  2  2  MET MET D . n 
D 1 4  LYS 4  3  3  LYS LYS D . n 
D 1 5  GLN 5  4  4  GLN GLN D . n 
D 1 6  ILE 6  5  5  ILE ILE D . n 
D 1 7  GLU 7  6  6  GLU GLU D . n 
D 1 8  ASP 8  7  7  ASP ASP D . n 
D 1 9  LYS 9  8  8  LYS LYS D . n 
D 1 10 LEU 10 9  9  LEU LEU D . n 
D 1 11 GLU 11 10 10 GLU GLU D . n 
D 1 12 GLU 12 11 11 GLU GLU D . n 
D 1 13 ILE 13 12 12 ILE ILE D . n 
D 1 14 LEU 14 13 13 LEU LEU D . n 
D 1 15 SER 15 14 14 SER SER D . n 
D 1 16 LYS 16 15 15 LYS LYS D . n 
D 1 17 GLY 17 16 16 GLY GLY D . n 
D 1 18 HIS 18 17 17 HIS HIS D . n 
D 1 19 HIS 19 18 18 HIS HIS D . n 
D 1 20 ILE 20 19 19 ILE ILE D . n 
D 1 21 CYS 21 20 20 CYS CYS D . n 
D 1 22 ASN 22 21 21 ASN ASN D . n 
D 1 23 GLU 23 22 22 GLU GLU D . n 
D 1 24 LEU 24 23 23 LEU LEU D . n 
D 1 25 ALA 25 24 24 ALA ALA D . n 
D 1 26 ARG 26 25 25 ARG ARG D . n 
D 1 27 ILE 27 26 26 ILE ILE D . n 
D 1 28 LYS 28 27 27 LYS LYS D . n 
D 1 29 LYS 29 28 28 LYS LYS D . n 
D 1 30 LEU 30 29 29 LEU LEU D . n 
D 1 31 LEU 31 30 30 LEU LEU D . n 
D 1 32 GLY 32 31 31 GLY GLY D . n 
D 1 33 GLU 33 32 32 GLU GLU D . n 
D 1 34 ARG 34 33 ?  ?   ?   D . n 
# 
loop_
_pdbx_nonpoly_scheme.asym_id 
_pdbx_nonpoly_scheme.entity_id 
_pdbx_nonpoly_scheme.mon_id 
_pdbx_nonpoly_scheme.ndb_seq_num 
_pdbx_nonpoly_scheme.pdb_seq_num 
_pdbx_nonpoly_scheme.auth_seq_num 
_pdbx_nonpoly_scheme.pdb_mon_id 
_pdbx_nonpoly_scheme.auth_mon_id 
_pdbx_nonpoly_scheme.pdb_strand_id 
_pdbx_nonpoly_scheme.pdb_ins_code 
E 2 HOH 1  2001 2001 HOH HOH A . 
E 2 HOH 2  2002 2002 HOH HOH A . 
E 2 HOH 3  2003 2003 HOH HOH A . 
E 2 HOH 4  2004 2004 HOH HOH A . 
E 2 HOH 5  2005 2005 HOH HOH A . 
E 2 HOH 6  2006 2006 HOH HOH A . 
E 2 HOH 7  2007 2007 HOH HOH A . 
E 2 HOH 8  2008 2008 HOH HOH A . 
E 2 HOH 9  2009 2009 HOH HOH A . 
F 2 HOH 1  2001 2001 HOH HOH B . 
F 2 HOH 2  2002 2002 HOH HOH B . 
F 2 HOH 3  2003 2003 HOH HOH B . 
F 2 HOH 4  2004 2004 HOH HOH B . 
F 2 HOH 5  2005 2005 HOH HOH B . 
F 2 HOH 6  2006 2006 HOH HOH B . 
F 2 HOH 7  2007 2007 HOH HOH B . 
F 2 HOH 8  2008 2008 HOH HOH B . 
F 2 HOH 9  2009 2009 HOH HOH B . 
F 2 HOH 10 2010 2010 HOH HOH B . 
F 2 HOH 11 2011 2011 HOH HOH B . 
F 2 HOH 12 2012 2012 HOH HOH B . 
F 2 HOH 13 2013 2013 HOH HOH B . 
F 2 HOH 14 2014 2014 HOH HOH B . 
F 2 HOH 15 2015 2015 HOH HOH B . 
F 2 HOH 16 2016 2016 HOH HOH B . 
F 2 HOH 17 2017 2017 HOH HOH B . 
G 2 HOH 1  2001 2001 HOH HOH C . 
G 2 HOH 2  2002 2002 HOH HOH C . 
G 2 HOH 3  2003 2003 HOH HOH C . 
G 2 HOH 4  2004 2004 HOH HOH C . 
G 2 HOH 5  2005 2005 HOH HOH C . 
G 2 HOH 6  2006 2006 HOH HOH C . 
G 2 HOH 7  2007 2007 HOH HOH C . 
G 2 HOH 8  2008 2008 HOH HOH C . 
G 2 HOH 9  2009 2009 HOH HOH C . 
G 2 HOH 10 2010 2010 HOH HOH C . 
G 2 HOH 11 2011 2011 HOH HOH C . 
G 2 HOH 12 2012 2012 HOH HOH C . 
G 2 HOH 13 2013 2013 HOH HOH C . 
G 2 HOH 14 2014 2014 HOH HOH C . 
G 2 HOH 15 2015 2015 HOH HOH C . 
G 2 HOH 16 2016 2016 HOH HOH C . 
H 2 HOH 1  2001 2001 HOH HOH D . 
H 2 HOH 2  2002 2002 HOH HOH D . 
H 2 HOH 3  2003 2003 HOH HOH D . 
H 2 HOH 4  2004 2004 HOH HOH D . 
H 2 HOH 5  2005 2005 HOH HOH D . 
H 2 HOH 6  2006 2006 HOH HOH D . 
H 2 HOH 7  2007 2007 HOH HOH D . 
H 2 HOH 8  2008 2008 HOH HOH D . 
H 2 HOH 9  2009 2009 HOH HOH D . 
H 2 HOH 10 2010 2010 HOH HOH D . 
H 2 HOH 11 2011 2011 HOH HOH D . 
H 2 HOH 12 2012 2012 HOH HOH D . 
H 2 HOH 13 2013 2013 HOH HOH D . 
# 
loop_
_pdbx_unobs_or_zero_occ_atoms.id 
_pdbx_unobs_or_zero_occ_atoms.PDB_model_num 
_pdbx_unobs_or_zero_occ_atoms.polymer_flag 
_pdbx_unobs_or_zero_occ_atoms.occupancy_flag 
_pdbx_unobs_or_zero_occ_atoms.auth_asym_id 
_pdbx_unobs_or_zero_occ_atoms.auth_comp_id 
_pdbx_unobs_or_zero_occ_atoms.auth_seq_id 
_pdbx_unobs_or_zero_occ_atoms.PDB_ins_code 
_pdbx_unobs_or_zero_occ_atoms.auth_atom_id 
_pdbx_unobs_or_zero_occ_atoms.label_alt_id 
_pdbx_unobs_or_zero_occ_atoms.label_asym_id 
_pdbx_unobs_or_zero_occ_atoms.label_comp_id 
_pdbx_unobs_or_zero_occ_atoms.label_seq_id 
_pdbx_unobs_or_zero_occ_atoms.label_atom_id 
1  1 Y 1 A ARG 1  ? N   ? A ARG 2  N   
2  1 Y 1 A ARG 1  ? CA  ? A ARG 2  CA  
3  1 Y 1 A ARG 1  ? CB  ? A ARG 2  CB  
4  1 Y 1 A ARG 1  ? CG  ? A ARG 2  CG  
5  1 Y 1 A ARG 1  ? CD  ? A ARG 2  CD  
6  1 Y 1 A ARG 1  ? NE  ? A ARG 2  NE  
7  1 Y 1 A ARG 1  ? CZ  ? A ARG 2  CZ  
8  1 Y 1 A ARG 1  ? NH1 ? A ARG 2  NH1 
9  1 Y 1 A ARG 1  ? NH2 ? A ARG 2  NH2 
10 1 Y 1 A LYS 15 ? CG  ? A LYS 16 CG  
11 1 Y 1 A LYS 15 ? CD  ? A LYS 16 CD  
12 1 Y 1 A LYS 15 ? CE  ? A LYS 16 CE  
13 1 Y 1 A LYS 15 ? NZ  ? A LYS 16 NZ  
14 1 Y 1 A ASN 21 ? CG  ? A ASN 22 CG  
15 1 Y 1 A ASN 21 ? OD1 ? A ASN 22 OD1 
16 1 Y 1 A ASN 21 ? ND2 ? A ASN 22 ND2 
17 1 Y 1 A ARG 25 ? CZ  ? A ARG 26 CZ  
18 1 Y 1 A ARG 25 ? NH1 ? A ARG 26 NH1 
19 1 Y 1 A ARG 25 ? NH2 ? A ARG 26 NH2 
20 1 Y 1 A LYS 28 ? CE  ? A LYS 29 CE  
21 1 Y 1 A LYS 28 ? NZ  ? A LYS 29 NZ  
22 1 Y 1 B LYS 3  ? CD  ? B LYS 4  CD  
23 1 Y 1 B LYS 3  ? CE  ? B LYS 4  CE  
24 1 Y 1 B LYS 3  ? NZ  ? B LYS 4  NZ  
25 1 Y 1 B LYS 15 ? CD  ? B LYS 16 CD  
26 1 Y 1 B LYS 15 ? CE  ? B LYS 16 CE  
27 1 Y 1 B LYS 15 ? NZ  ? B LYS 16 NZ  
28 1 Y 1 B ARG 25 ? NE  ? B ARG 26 NE  
29 1 Y 1 B ARG 25 ? CZ  ? B ARG 26 CZ  
30 1 Y 1 B ARG 25 ? NH1 ? B ARG 26 NH1 
31 1 Y 1 B ARG 25 ? NH2 ? B ARG 26 NH2 
32 1 Y 1 C LYS 3  ? CD  ? C LYS 4  CD  
33 1 Y 1 C LYS 3  ? CE  ? C LYS 4  CE  
34 1 Y 1 C LYS 3  ? NZ  ? C LYS 4  NZ  
35 1 Y 1 C LYS 15 ? CD  ? C LYS 16 CD  
36 1 Y 1 C LYS 15 ? CE  ? C LYS 16 CE  
37 1 Y 1 C LYS 15 ? NZ  ? C LYS 16 NZ  
38 1 Y 1 C GLU 22 ? OE2 ? C GLU 23 OE2 
39 1 Y 1 C LYS 28 ? CE  ? C LYS 29 CE  
40 1 Y 1 C LYS 28 ? NZ  ? C LYS 29 NZ  
41 1 Y 1 D ARG 1  ? N   ? D ARG 2  N   
42 1 Y 1 D ARG 1  ? CA  ? D ARG 2  CA  
43 1 Y 1 D ARG 1  ? CB  ? D ARG 2  CB  
44 1 Y 1 D ARG 1  ? CG  ? D ARG 2  CG  
45 1 Y 1 D ARG 1  ? CD  ? D ARG 2  CD  
46 1 Y 1 D ARG 1  ? NE  ? D ARG 2  NE  
47 1 Y 1 D ARG 1  ? CZ  ? D ARG 2  CZ  
48 1 Y 1 D ARG 1  ? NH1 ? D ARG 2  NH1 
49 1 Y 1 D ARG 1  ? NH2 ? D ARG 2  NH2 
50 1 Y 1 D LYS 3  ? CG  ? D LYS 4  CG  
51 1 Y 1 D LYS 3  ? CD  ? D LYS 4  CD  
52 1 Y 1 D LYS 3  ? CE  ? D LYS 4  CE  
53 1 Y 1 D LYS 3  ? NZ  ? D LYS 4  NZ  
54 1 Y 1 D GLN 4  ? CG  ? D GLN 5  CG  
55 1 Y 1 D GLN 4  ? CD  ? D GLN 5  CD  
56 1 Y 1 D GLN 4  ? OE1 ? D GLN 5  OE1 
57 1 Y 1 D GLN 4  ? NE2 ? D GLN 5  NE2 
58 1 Y 1 D ARG 25 ? NE  ? D ARG 26 NE  
59 1 Y 1 D ARG 25 ? CZ  ? D ARG 26 CZ  
60 1 Y 1 D ARG 25 ? NH1 ? D ARG 26 NH1 
61 1 Y 1 D ARG 25 ? NH2 ? D ARG 26 NH2 
# 
loop_
_software.name 
_software.classification 
_software.version 
_software.citation_id 
_software.pdbx_ordinal 
REFMAC   refinement       5.2.0005 ? 1 
HKL-2000 'data reduction' .        ? 2 
HKL-2000 'data scaling'   .        ? 3 
# 
_cell.entry_id           2BNI 
_cell.length_a           25.814 
_cell.length_b           25.814 
_cell.length_c           148.595 
_cell.angle_alpha        90.00 
_cell.angle_beta         90.00 
_cell.angle_gamma        120.00 
_cell.Z_PDB              12 
_cell.pdbx_unique_axis   ? 
# 
_symmetry.entry_id                         2BNI 
_symmetry.space_group_name_H-M             'P 31' 
_symmetry.pdbx_full_space_group_name_H-M   ? 
_symmetry.cell_setting                     ? 
_symmetry.Int_Tables_number                144 
# 
_exptl.entry_id          2BNI 
_exptl.method            'X-RAY DIFFRACTION' 
_exptl.crystals_number   1 
# 
_exptl_crystal.id                    1 
_exptl_crystal.density_meas          ? 
_exptl_crystal.density_Matthews      1.8 
_exptl_crystal.density_percent_sol   30.6 
_exptl_crystal.description           ? 
# 
_exptl_crystal_grow.crystal_id      1 
_exptl_crystal_grow.method          'VAPOR DIFFUSION, SITTING DROP' 
_exptl_crystal_grow.temp            ? 
_exptl_crystal_grow.temp_details    ? 
_exptl_crystal_grow.pH              ? 
_exptl_crystal_grow.pdbx_pH_range   ? 
_exptl_crystal_grow.pdbx_details    
'SITTING DROP WITH 200NL 20% PEG 3350 0.2M POTASSIUM THIOCYANATE AND 200NL 20MG/ML PEPTIDE STOCK IN WATER.' 
# 
_diffrn.id                     1 
_diffrn.ambient_temp           100.0 
_diffrn.ambient_temp_details   ? 
_diffrn.crystal_id             1 
# 
_diffrn_detector.diffrn_id              1 
_diffrn_detector.detector               ? 
_diffrn_detector.type                   ? 
_diffrn_detector.pdbx_collection_date   2004-12-09 
_diffrn_detector.details                ? 
# 
_diffrn_radiation.diffrn_id                        1 
_diffrn_radiation.wavelength_id                    1 
_diffrn_radiation.pdbx_monochromatic_or_laue_m_l   M 
_diffrn_radiation.monochromator                    ? 
_diffrn_radiation.pdbx_diffrn_protocol             'SINGLE WAVELENGTH' 
_diffrn_radiation.pdbx_scattering_type             x-ray 
# 
_diffrn_radiation_wavelength.id           1 
_diffrn_radiation_wavelength.wavelength   0.97 
_diffrn_radiation_wavelength.wt           1.0 
# 
_diffrn_source.diffrn_id                   1 
_diffrn_source.source                      SYNCHROTRON 
_diffrn_source.type                        'APS BEAMLINE 23-ID-D' 
_diffrn_source.pdbx_synchrotron_site       APS 
_diffrn_source.pdbx_synchrotron_beamline   23-ID-D 
_diffrn_source.pdbx_wavelength             0.97 
_diffrn_source.pdbx_wavelength_list        ? 
# 
_reflns.pdbx_diffrn_id               1 
_reflns.pdbx_ordinal                 1 
_reflns.entry_id                     2BNI 
_reflns.observed_criterion_sigma_I   2.000 
_reflns.observed_criterion_sigma_F   ? 
_reflns.d_resolution_low             50.000 
_reflns.d_resolution_high            1.500 
_reflns.number_obs                   89229 
_reflns.number_all                   ? 
_reflns.percent_possible_obs         97.2 
_reflns.pdbx_Rmerge_I_obs            0.07000 
_reflns.pdbx_Rsym_value              ? 
_reflns.pdbx_netI_over_sigmaI        25.6500 
_reflns.B_iso_Wilson_estimate        ? 
_reflns.pdbx_redundancy              5.170 
# 
_refine.pdbx_refine_id                           'X-RAY DIFFRACTION' 
_refine.entry_id                                 2BNI 
_refine.pdbx_diffrn_id                           1 
_refine.pdbx_TLS_residual_ADP_flag               ? 
_refine.ls_number_reflns_obs                     16376 
_refine.ls_number_reflns_all                     ? 
_refine.pdbx_ls_sigma_I                          ? 
_refine.pdbx_ls_sigma_F                          ? 
_refine.pdbx_data_cutoff_high_absF               ? 
_refine.pdbx_data_cutoff_low_absF                ? 
_refine.pdbx_data_cutoff_high_rms_absF           ? 
_refine.ls_d_res_low                             149.07 
_refine.ls_d_res_high                            1.50 
_refine.ls_percent_reflns_obs                    97.2 
_refine.ls_R_factor_obs                          0.239 
_refine.ls_R_factor_all                          ? 
_refine.ls_R_factor_R_work                       0.237 
_refine.ls_R_factor_R_free                       0.276 
_refine.ls_R_factor_R_free_error                 ? 
_refine.ls_R_factor_R_free_error_details         ? 
_refine.ls_percent_reflns_R_free                 5.100 
_refine.ls_number_reflns_R_free                  873 
_refine.ls_number_parameters                     ? 
_refine.ls_number_restraints                     ? 
_refine.occupancy_min                            ? 
_refine.occupancy_max                            ? 
_refine.correlation_coeff_Fo_to_Fc               0.936 
_refine.correlation_coeff_Fo_to_Fc_free          0.921 
_refine.B_iso_mean                               17.70 
_refine.aniso_B[1][1]                            1.22000 
_refine.aniso_B[2][2]                            1.22000 
_refine.aniso_B[3][3]                            -1.83000 
_refine.aniso_B[1][2]                            0.61000 
_refine.aniso_B[1][3]                            0.00000 
_refine.aniso_B[2][3]                            0.00000 
_refine.solvent_model_details                    MASK 
_refine.solvent_model_param_ksol                 ? 
_refine.solvent_model_param_bsol                 ? 
_refine.pdbx_solvent_vdw_probe_radii             1.20 
_refine.pdbx_solvent_ion_probe_radii             0.80 
_refine.pdbx_solvent_shrinkage_radii             0.80 
_refine.pdbx_ls_cross_valid_method               THROUGHOUT 
_refine.details                                  
;HYDROGENS HAVE BEEN ADDED IN THE RIDING POSITIONS. MAPS WERE VERY SHARP AND ABA GROUPS WERE CLEAR. R FACTOR A LITTLE HIGHER THAN EXPECTED, ALTHOUGH CONSISTENT WITH OTHER STRUCTURES. SPOTS WERE A LITTLE STREAKY WITH AN ICE RING, BUT DATA ENDED UP PROCESSING WELL.THIS PEPTIDE IS AN ACTIVE AMINOACYL TRANSFERASE AND WILL HOPEFULLY BE FOUND TO HAVE SOME SORT OF BINDING AND CATALYTIC ABILITY.
;
_refine.pdbx_starting_model                      ? 
_refine.pdbx_method_to_determine_struct          'MOLECULAR REPLACEMENT' 
_refine.pdbx_isotropic_thermal_model             ? 
_refine.pdbx_stereochemistry_target_values       'MAXIMUM LIKELIHOOD' 
_refine.pdbx_stereochem_target_val_spec_case     ? 
_refine.pdbx_R_Free_selection_details            RANDOM 
_refine.pdbx_overall_ESU_R                       0.110 
_refine.pdbx_overall_ESU_R_Free                  0.110 
_refine.overall_SU_ML                            ? 
_refine.pdbx_overall_phase_error                 ? 
_refine.overall_SU_B                             ? 
_refine.overall_SU_R_Cruickshank_DPI             ? 
_refine.pdbx_overall_SU_R_free_Cruickshank_DPI   ? 
_refine.pdbx_overall_SU_R_Blow_DPI               ? 
_refine.pdbx_overall_SU_R_free_Blow_DPI          ? 
# 
_refine_hist.pdbx_refine_id                   'X-RAY DIFFRACTION' 
_refine_hist.cycle_id                         LAST 
_refine_hist.pdbx_number_atoms_protein        1022 
_refine_hist.pdbx_number_atoms_nucleic_acid   0 
_refine_hist.pdbx_number_atoms_ligand         0 
_refine_hist.number_atoms_solvent             55 
_refine_hist.number_atoms_total               1077 
_refine_hist.d_res_high                       1.50 
_refine_hist.d_res_low                        149.07 
# 
loop_
_refine_ls_restr.type 
_refine_ls_restr.dev_ideal 
_refine_ls_restr.dev_ideal_target 
_refine_ls_restr.weight 
_refine_ls_restr.number 
_refine_ls_restr.pdbx_refine_id 
_refine_ls_restr.pdbx_restraint_function 
r_bond_refined_d             0.021  0.021  ? 1043 'X-RAY DIFFRACTION' ? 
r_bond_other_d               ?      ?      ? ?    'X-RAY DIFFRACTION' ? 
r_angle_refined_deg          2.071  2.026  ? 1379 'X-RAY DIFFRACTION' ? 
r_angle_other_deg            ?      ?      ? ?    'X-RAY DIFFRACTION' ? 
r_dihedral_angle_1_deg       4.189  5.000  ? 126  'X-RAY DIFFRACTION' ? 
r_dihedral_angle_2_deg       22.352 25.610 ? 41   'X-RAY DIFFRACTION' ? 
r_dihedral_angle_3_deg       14.937 15.000 ? 232  'X-RAY DIFFRACTION' ? 
r_dihedral_angle_4_deg       10.267 15.000 ? 5    'X-RAY DIFFRACTION' ? 
r_chiral_restr               0.129  0.200  ? 157  'X-RAY DIFFRACTION' ? 
r_gen_planes_refined         0.010  0.020  ? 721  'X-RAY DIFFRACTION' ? 
r_gen_planes_other           ?      ?      ? ?    'X-RAY DIFFRACTION' ? 
r_nbd_refined                0.222  0.200  ? 467  'X-RAY DIFFRACTION' ? 
r_nbd_other                  ?      ?      ? ?    'X-RAY DIFFRACTION' ? 
r_nbtor_refined              0.309  0.200  ? 743  'X-RAY DIFFRACTION' ? 
r_nbtor_other                ?      ?      ? ?    'X-RAY DIFFRACTION' ? 
r_xyhbond_nbd_refined        0.123  0.200  ? 33   'X-RAY DIFFRACTION' ? 
r_xyhbond_nbd_other          ?      ?      ? ?    'X-RAY DIFFRACTION' ? 
r_metal_ion_refined          ?      ?      ? ?    'X-RAY DIFFRACTION' ? 
r_metal_ion_other            ?      ?      ? ?    'X-RAY DIFFRACTION' ? 
r_symmetry_vdw_refined       0.273  0.200  ? 40   'X-RAY DIFFRACTION' ? 
r_symmetry_vdw_other         ?      ?      ? ?    'X-RAY DIFFRACTION' ? 
r_symmetry_hbond_refined     0.286  0.200  ? 12   'X-RAY DIFFRACTION' ? 
r_symmetry_hbond_other       ?      ?      ? ?    'X-RAY DIFFRACTION' ? 
r_symmetry_metal_ion_refined ?      ?      ? ?    'X-RAY DIFFRACTION' ? 
r_symmetry_metal_ion_other   ?      ?      ? ?    'X-RAY DIFFRACTION' ? 
r_mcbond_it                  1.341  1.500  ? 647  'X-RAY DIFFRACTION' ? 
r_mcbond_other               ?      ?      ? ?    'X-RAY DIFFRACTION' ? 
r_mcangle_it                 2.127  2.000  ? 1027 'X-RAY DIFFRACTION' ? 
r_mcangle_other              ?      ?      ? ?    'X-RAY DIFFRACTION' ? 
r_scbond_it                  3.534  3.000  ? 396  'X-RAY DIFFRACTION' ? 
r_scbond_other               ?      ?      ? ?    'X-RAY DIFFRACTION' ? 
r_scangle_it                 5.791  4.500  ? 352  'X-RAY DIFFRACTION' ? 
r_scangle_other              ?      ?      ? ?    'X-RAY DIFFRACTION' ? 
r_long_range_B_refined       ?      ?      ? ?    'X-RAY DIFFRACTION' ? 
r_long_range_B_other         ?      ?      ? ?    'X-RAY DIFFRACTION' ? 
r_rigid_bond_restr           ?      ?      ? ?    'X-RAY DIFFRACTION' ? 
r_sphericity_free            ?      ?      ? ?    'X-RAY DIFFRACTION' ? 
r_sphericity_bonded          ?      ?      ? ?    'X-RAY DIFFRACTION' ? 
# 
_refine_ls_shell.pdbx_refine_id                   'X-RAY DIFFRACTION' 
_refine_ls_shell.pdbx_total_number_of_bins_used   20 
_refine_ls_shell.d_res_high                       1.50 
_refine_ls_shell.d_res_low                        1.54 
_refine_ls_shell.number_reflns_R_work             917 
_refine_ls_shell.R_factor_R_work                  0.2230 
_refine_ls_shell.percent_reflns_obs               ? 
_refine_ls_shell.R_factor_R_free                  0.2730 
_refine_ls_shell.R_factor_R_free_error            ? 
_refine_ls_shell.percent_reflns_R_free            ? 
_refine_ls_shell.number_reflns_R_free             53 
_refine_ls_shell.number_reflns_all                ? 
_refine_ls_shell.R_factor_all                     ? 
# 
_struct.entry_id                  2BNI 
_struct.title                     'pLI mutant E20C L16G Y17H, antiparallel' 
_struct.pdbx_model_details        ? 
_struct.pdbx_CASP_flag            ? 
_struct.pdbx_model_type_details   ? 
# 
_struct_keywords.entry_id        2BNI 
_struct_keywords.pdbx_keywords   'FOUR HELIX BUNDLE' 
_struct_keywords.text            'FOUR HELIX BUNDLE, ANTIPARALLEL FOUR HELIX BUNDLE ACYL TRANSFERASE' 
# 
loop_
_struct_asym.id 
_struct_asym.pdbx_blank_PDB_chainid_flag 
_struct_asym.pdbx_modified 
_struct_asym.entity_id 
_struct_asym.details 
A N N 1 ? 
B N N 1 ? 
C N N 1 ? 
D N N 1 ? 
E N N 2 ? 
F N N 2 ? 
G N N 2 ? 
H N N 2 ? 
# 
loop_
_struct_ref.id 
_struct_ref.db_name 
_struct_ref.db_code 
_struct_ref.entity_id 
_struct_ref.pdbx_seq_one_letter_code 
_struct_ref.pdbx_align_begin 
_struct_ref.pdbx_db_accession 
_struct_ref.pdbx_db_isoform 
1 PDB 2BNI       1 ? ? 2BNI   ? 
2 UNP GCN4_YEAST 1 ? ? P03069 ? 
# 
loop_
_struct_ref_seq.align_id 
_struct_ref_seq.ref_id 
_struct_ref_seq.pdbx_PDB_id_code 
_struct_ref_seq.pdbx_strand_id 
_struct_ref_seq.seq_align_beg 
_struct_ref_seq.pdbx_seq_align_beg_ins_code 
_struct_ref_seq.seq_align_end 
_struct_ref_seq.pdbx_seq_align_end_ins_code 
_struct_ref_seq.pdbx_db_accession 
_struct_ref_seq.db_align_beg 
_struct_ref_seq.pdbx_db_align_beg_ins_code 
_struct_ref_seq.db_align_end 
_struct_ref_seq.pdbx_db_align_end_ins_code 
_struct_ref_seq.pdbx_auth_seq_align_beg 
_struct_ref_seq.pdbx_auth_seq_align_end 
1 1 2BNI A 1 ? 1  ? 2BNI   0   ? 0   ? 0 0  
2 2 2BNI A 2 ? 34 ? P03069 249 ? 281 ? 1 33 
3 1 2BNI B 1 ? 1  ? 2BNI   0   ? 0   ? 0 0  
4 2 2BNI B 2 ? 34 ? P03069 249 ? 281 ? 1 33 
5 1 2BNI C 1 ? 1  ? 2BNI   0   ? 0   ? 0 0  
6 2 2BNI C 2 ? 34 ? P03069 249 ? 281 ? 1 33 
7 1 2BNI D 1 ? 1  ? 2BNI   0   ? 0   ? 0 0  
8 2 2BNI D 2 ? 34 ? P03069 249 ? 281 ? 1 33 
# 
loop_
_struct_ref_seq_dif.align_id 
_struct_ref_seq_dif.pdbx_pdb_id_code 
_struct_ref_seq_dif.mon_id 
_struct_ref_seq_dif.pdbx_pdb_strand_id 
_struct_ref_seq_dif.seq_num 
_struct_ref_seq_dif.pdbx_pdb_ins_code 
_struct_ref_seq_dif.pdbx_seq_db_name 
_struct_ref_seq_dif.pdbx_seq_db_accession_code 
_struct_ref_seq_dif.db_mon_id 
_struct_ref_seq_dif.pdbx_seq_db_seq_num 
_struct_ref_seq_dif.details 
_struct_ref_seq_dif.pdbx_auth_seq_num 
_struct_ref_seq_dif.pdbx_ordinal 
1 2BNI ILE A 6  ? UNP P03069 LEU 253 conflict              5  1  
1 2BNI LEU A 10 ? UNP P03069 VAL 257 conflict              9  2  
1 2BNI ILE A 13 ? UNP P03069 LEU 260 conflict              12 3  
1 2BNI GLY A 17 ? UNP P03069 ASN 264 'engineered mutation' 16 4  
1 2BNI HIS A 18 ? UNP P03069 TYR 265 'engineered mutation' 17 5  
1 2BNI ILE A 20 ? UNP P03069 LEU 267 conflict              19 6  
1 2BNI CYS A 21 ? UNP P03069 GLU 268 'engineered mutation' 20 7  
1 2BNI LEU A 24 ? UNP P03069 VAL 271 conflict              23 8  
1 2BNI ILE A 27 ? UNP P03069 LEU 274 conflict              26 9  
1 2BNI LEU A 31 ? UNP P03069 VAL 278 conflict              30 10 
3 2BNI ILE B 6  ? UNP P03069 LEU 253 conflict              5  11 
3 2BNI LEU B 10 ? UNP P03069 VAL 257 conflict              9  12 
3 2BNI ILE B 13 ? UNP P03069 LEU 260 conflict              12 13 
3 2BNI GLY B 17 ? UNP P03069 ASN 264 'engineered mutation' 16 14 
3 2BNI HIS B 18 ? UNP P03069 TYR 265 'engineered mutation' 17 15 
3 2BNI ILE B 20 ? UNP P03069 LEU 267 conflict              19 16 
3 2BNI CYS B 21 ? UNP P03069 GLU 268 'engineered mutation' 20 17 
3 2BNI LEU B 24 ? UNP P03069 VAL 271 conflict              23 18 
3 2BNI ILE B 27 ? UNP P03069 LEU 274 conflict              26 19 
3 2BNI LEU B 31 ? UNP P03069 VAL 278 conflict              30 20 
5 2BNI ILE C 6  ? UNP P03069 LEU 253 conflict              5  21 
5 2BNI LEU C 10 ? UNP P03069 VAL 257 conflict              9  22 
5 2BNI ILE C 13 ? UNP P03069 LEU 260 conflict              12 23 
5 2BNI GLY C 17 ? UNP P03069 ASN 264 'engineered mutation' 16 24 
5 2BNI HIS C 18 ? UNP P03069 TYR 265 'engineered mutation' 17 25 
5 2BNI ILE C 20 ? UNP P03069 LEU 267 conflict              19 26 
5 2BNI CYS C 21 ? UNP P03069 GLU 268 'engineered mutation' 20 27 
5 2BNI LEU C 24 ? UNP P03069 VAL 271 conflict              23 28 
5 2BNI ILE C 27 ? UNP P03069 LEU 274 conflict              26 29 
5 2BNI LEU C 31 ? UNP P03069 VAL 278 conflict              30 30 
7 2BNI ILE D 6  ? UNP P03069 LEU 253 conflict              5  31 
7 2BNI LEU D 10 ? UNP P03069 VAL 257 conflict              9  32 
7 2BNI ILE D 13 ? UNP P03069 LEU 260 conflict              12 33 
7 2BNI GLY D 17 ? UNP P03069 ASN 264 'engineered mutation' 16 34 
7 2BNI HIS D 18 ? UNP P03069 TYR 265 'engineered mutation' 17 35 
7 2BNI ILE D 20 ? UNP P03069 LEU 267 conflict              19 36 
7 2BNI CYS D 21 ? UNP P03069 GLU 268 'engineered mutation' 20 37 
7 2BNI LEU D 24 ? UNP P03069 VAL 271 conflict              23 38 
7 2BNI ILE D 27 ? UNP P03069 LEU 274 conflict              26 39 
7 2BNI LEU D 31 ? UNP P03069 VAL 278 conflict              30 40 
# 
_pdbx_struct_assembly.id                   1 
_pdbx_struct_assembly.details              author_and_software_defined_assembly 
_pdbx_struct_assembly.method_details       PQS 
_pdbx_struct_assembly.oligomeric_details   tetrameric 
_pdbx_struct_assembly.oligomeric_count     4 
# 
_pdbx_struct_assembly_gen.assembly_id       1 
_pdbx_struct_assembly_gen.oper_expression   1 
_pdbx_struct_assembly_gen.asym_id_list      A,B,C,D,E,F,G,H 
# 
_pdbx_struct_oper_list.id                   1 
_pdbx_struct_oper_list.type                 'identity operation' 
_pdbx_struct_oper_list.name                 1_555 
_pdbx_struct_oper_list.symmetry_operation   x,y,z 
_pdbx_struct_oper_list.matrix[1][1]         1.0000000000 
_pdbx_struct_oper_list.matrix[1][2]         0.0000000000 
_pdbx_struct_oper_list.matrix[1][3]         0.0000000000 
_pdbx_struct_oper_list.vector[1]            0.0000000000 
_pdbx_struct_oper_list.matrix[2][1]         0.0000000000 
_pdbx_struct_oper_list.matrix[2][2]         1.0000000000 
_pdbx_struct_oper_list.matrix[2][3]         0.0000000000 
_pdbx_struct_oper_list.vector[2]            0.0000000000 
_pdbx_struct_oper_list.matrix[3][1]         0.0000000000 
_pdbx_struct_oper_list.matrix[3][2]         0.0000000000 
_pdbx_struct_oper_list.matrix[3][3]         1.0000000000 
_pdbx_struct_oper_list.vector[3]            0.0000000000 
# 
_struct_biol.id   1 
# 
loop_
_struct_conf.conf_type_id 
_struct_conf.id 
_struct_conf.pdbx_PDB_helix_id 
_struct_conf.beg_label_comp_id 
_struct_conf.beg_label_asym_id 
_struct_conf.beg_label_seq_id 
_struct_conf.pdbx_beg_PDB_ins_code 
_struct_conf.end_label_comp_id 
_struct_conf.end_label_asym_id 
_struct_conf.end_label_seq_id 
_struct_conf.pdbx_end_PDB_ins_code 
_struct_conf.beg_auth_comp_id 
_struct_conf.beg_auth_asym_id 
_struct_conf.beg_auth_seq_id 
_struct_conf.end_auth_comp_id 
_struct_conf.end_auth_asym_id 
_struct_conf.end_auth_seq_id 
_struct_conf.pdbx_PDB_helix_class 
_struct_conf.details 
_struct_conf.pdbx_PDB_helix_length 
HELX_P HELX_P1 1 MET A 3 ? LEU A 31 ? MET A 2 LEU A 30 1 ? 29 
HELX_P HELX_P2 2 ARG B 2 ? ARG B 34 ? ARG B 1 ARG B 33 1 ? 33 
HELX_P HELX_P3 3 ARG C 2 ? ARG C 34 ? ARG C 1 ARG C 33 1 ? 33 
HELX_P HELX_P4 4 MET D 3 ? GLY D 32 ? MET D 2 GLY D 31 1 ? 30 
# 
_struct_conf_type.id          HELX_P 
_struct_conf_type.criteria    ? 
_struct_conf_type.reference   ? 
# 
loop_
_struct_conn.id 
_struct_conn.conn_type_id 
_struct_conn.pdbx_leaving_atom_flag 
_struct_conn.pdbx_PDB_id 
_struct_conn.ptnr1_label_asym_id 
_struct_conn.ptnr1_label_comp_id 
_struct_conn.ptnr1_label_seq_id 
_struct_conn.ptnr1_label_atom_id 
_struct_conn.pdbx_ptnr1_label_alt_id 
_struct_conn.pdbx_ptnr1_PDB_ins_code 
_struct_conn.pdbx_ptnr1_standard_comp_id 
_struct_conn.ptnr1_symmetry 
_struct_conn.ptnr2_label_asym_id 
_struct_conn.ptnr2_label_comp_id 
_struct_conn.ptnr2_label_seq_id 
_struct_conn.ptnr2_label_atom_id 
_struct_conn.pdbx_ptnr2_label_alt_id 
_struct_conn.pdbx_ptnr2_PDB_ins_code 
_struct_conn.ptnr1_auth_asym_id 
_struct_conn.ptnr1_auth_comp_id 
_struct_conn.ptnr1_auth_seq_id 
_struct_conn.ptnr2_auth_asym_id 
_struct_conn.ptnr2_auth_comp_id 
_struct_conn.ptnr2_auth_seq_id 
_struct_conn.ptnr2_symmetry 
_struct_conn.pdbx_ptnr3_label_atom_id 
_struct_conn.pdbx_ptnr3_label_seq_id 
_struct_conn.pdbx_ptnr3_label_comp_id 
_struct_conn.pdbx_ptnr3_label_asym_id 
_struct_conn.pdbx_ptnr3_label_alt_id 
_struct_conn.pdbx_ptnr3_PDB_ins_code 
_struct_conn.details 
_struct_conn.pdbx_dist_value 
_struct_conn.pdbx_value_order 
_struct_conn.pdbx_role 
covale1 covale both ? B TYZ 1 C7 ? ? ? 1_555 B ARG 2 N ? ? B TYZ 0 B ARG 1 1_555 ? ? ? ? ? ? ? 1.278 ? ? 
covale2 covale both ? C TYZ 1 C7 ? ? ? 1_555 C ARG 2 N ? ? C TYZ 0 C ARG 1 1_555 ? ? ? ? ? ? ? 1.272 ? ? 
# 
_struct_conn_type.id          covale 
_struct_conn_type.criteria    ? 
_struct_conn_type.reference   ? 
# 
loop_
_pdbx_modification_feature.ordinal 
_pdbx_modification_feature.label_comp_id 
_pdbx_modification_feature.label_asym_id 
_pdbx_modification_feature.label_seq_id 
_pdbx_modification_feature.label_alt_id 
_pdbx_modification_feature.modified_residue_label_comp_id 
_pdbx_modification_feature.modified_residue_label_asym_id 
_pdbx_modification_feature.modified_residue_label_seq_id 
_pdbx_modification_feature.modified_residue_label_alt_id 
_pdbx_modification_feature.auth_comp_id 
_pdbx_modification_feature.auth_asym_id 
_pdbx_modification_feature.auth_seq_id 
_pdbx_modification_feature.PDB_ins_code 
_pdbx_modification_feature.symmetry 
_pdbx_modification_feature.modified_residue_auth_comp_id 
_pdbx_modification_feature.modified_residue_auth_asym_id 
_pdbx_modification_feature.modified_residue_auth_seq_id 
_pdbx_modification_feature.modified_residue_PDB_ins_code 
_pdbx_modification_feature.modified_residue_symmetry 
_pdbx_modification_feature.comp_id_linking_atom 
_pdbx_modification_feature.modified_residue_id_linking_atom 
_pdbx_modification_feature.modified_residue_id 
_pdbx_modification_feature.ref_pcm_id 
_pdbx_modification_feature.ref_comp_id 
_pdbx_modification_feature.type 
_pdbx_modification_feature.category 
1 TYZ B 1 ? . . . . TYZ B 0 ? 1_555 . . . . . . . ? 1 TYZ None 'Non-standard residue' 
2 TYZ C 1 ? . . . . TYZ C 0 ? 1_555 . . . . . . . ? 1 TYZ None 'Non-standard residue' 
# 
_pdbx_entry_details.entry_id                   2BNI 
_pdbx_entry_details.compound_details           ? 
_pdbx_entry_details.source_details             ? 
_pdbx_entry_details.nonpolymer_details         ? 
_pdbx_entry_details.sequence_details           ? 
_pdbx_entry_details.has_ligand_of_interest     ? 
_pdbx_entry_details.has_protein_modification   Y 
# 
_pdbx_validate_close_contact.id               1 
_pdbx_validate_close_contact.PDB_model_num    1 
_pdbx_validate_close_contact.auth_atom_id_1   OE1 
_pdbx_validate_close_contact.auth_asym_id_1   D 
_pdbx_validate_close_contact.auth_comp_id_1   GLU 
_pdbx_validate_close_contact.auth_seq_id_1    32 
_pdbx_validate_close_contact.PDB_ins_code_1   ? 
_pdbx_validate_close_contact.label_alt_id_1   ? 
_pdbx_validate_close_contact.auth_atom_id_2   O 
_pdbx_validate_close_contact.auth_asym_id_2   D 
_pdbx_validate_close_contact.auth_comp_id_2   HOH 
_pdbx_validate_close_contact.auth_seq_id_2    2013 
_pdbx_validate_close_contact.PDB_ins_code_2   ? 
_pdbx_validate_close_contact.label_alt_id_2   ? 
_pdbx_validate_close_contact.dist             1.96 
# 
_pdbx_validate_rmsd_angle.id                         1 
_pdbx_validate_rmsd_angle.PDB_model_num              1 
_pdbx_validate_rmsd_angle.auth_atom_id_1             CB 
_pdbx_validate_rmsd_angle.auth_asym_id_1             A 
_pdbx_validate_rmsd_angle.auth_comp_id_1             SER 
_pdbx_validate_rmsd_angle.auth_seq_id_1              14 
_pdbx_validate_rmsd_angle.PDB_ins_code_1             ? 
_pdbx_validate_rmsd_angle.label_alt_id_1             ? 
_pdbx_validate_rmsd_angle.auth_atom_id_2             CA 
_pdbx_validate_rmsd_angle.auth_asym_id_2             A 
_pdbx_validate_rmsd_angle.auth_comp_id_2             SER 
_pdbx_validate_rmsd_angle.auth_seq_id_2              14 
_pdbx_validate_rmsd_angle.PDB_ins_code_2             ? 
_pdbx_validate_rmsd_angle.label_alt_id_2             ? 
_pdbx_validate_rmsd_angle.auth_atom_id_3             C 
_pdbx_validate_rmsd_angle.auth_asym_id_3             A 
_pdbx_validate_rmsd_angle.auth_comp_id_3             SER 
_pdbx_validate_rmsd_angle.auth_seq_id_3              14 
_pdbx_validate_rmsd_angle.PDB_ins_code_3             ? 
_pdbx_validate_rmsd_angle.label_alt_id_3             ? 
_pdbx_validate_rmsd_angle.angle_value                121.77 
_pdbx_validate_rmsd_angle.angle_target_value         110.10 
_pdbx_validate_rmsd_angle.angle_deviation            11.67 
_pdbx_validate_rmsd_angle.angle_standard_deviation   1.90 
_pdbx_validate_rmsd_angle.linker_flag                N 
# 
loop_
_pdbx_unobs_or_zero_occ_residues.id 
_pdbx_unobs_or_zero_occ_residues.PDB_model_num 
_pdbx_unobs_or_zero_occ_residues.polymer_flag 
_pdbx_unobs_or_zero_occ_residues.occupancy_flag 
_pdbx_unobs_or_zero_occ_residues.auth_asym_id 
_pdbx_unobs_or_zero_occ_residues.auth_comp_id 
_pdbx_unobs_or_zero_occ_residues.auth_seq_id 
_pdbx_unobs_or_zero_occ_residues.PDB_ins_code 
_pdbx_unobs_or_zero_occ_residues.label_asym_id 
_pdbx_unobs_or_zero_occ_residues.label_comp_id 
_pdbx_unobs_or_zero_occ_residues.label_seq_id 
1 1 Y 1 A TYZ 0  ? A TYZ 1  
2 1 Y 1 A GLY 31 ? A GLY 32 
3 1 Y 1 A GLU 32 ? A GLU 33 
4 1 Y 1 A ARG 33 ? A ARG 34 
5 1 Y 1 D TYZ 0  ? D TYZ 1  
6 1 Y 1 D ARG 33 ? D ARG 34 
# 
loop_
_chem_comp_atom.comp_id 
_chem_comp_atom.atom_id 
_chem_comp_atom.type_symbol 
_chem_comp_atom.pdbx_aromatic_flag 
_chem_comp_atom.pdbx_stereo_config 
_chem_comp_atom.pdbx_ordinal 
ALA N    N N N 1   
ALA CA   C N S 2   
ALA C    C N N 3   
ALA O    O N N 4   
ALA CB   C N N 5   
ALA OXT  O N N 6   
ALA H    H N N 7   
ALA H2   H N N 8   
ALA HA   H N N 9   
ALA HB1  H N N 10  
ALA HB2  H N N 11  
ALA HB3  H N N 12  
ALA HXT  H N N 13  
ARG N    N N N 14  
ARG CA   C N S 15  
ARG C    C N N 16  
ARG O    O N N 17  
ARG CB   C N N 18  
ARG CG   C N N 19  
ARG CD   C N N 20  
ARG NE   N N N 21  
ARG CZ   C N N 22  
ARG NH1  N N N 23  
ARG NH2  N N N 24  
ARG OXT  O N N 25  
ARG H    H N N 26  
ARG H2   H N N 27  
ARG HA   H N N 28  
ARG HB2  H N N 29  
ARG HB3  H N N 30  
ARG HG2  H N N 31  
ARG HG3  H N N 32  
ARG HD2  H N N 33  
ARG HD3  H N N 34  
ARG HE   H N N 35  
ARG HH11 H N N 36  
ARG HH12 H N N 37  
ARG HH21 H N N 38  
ARG HH22 H N N 39  
ARG HXT  H N N 40  
ASN N    N N N 41  
ASN CA   C N S 42  
ASN C    C N N 43  
ASN O    O N N 44  
ASN CB   C N N 45  
ASN CG   C N N 46  
ASN OD1  O N N 47  
ASN ND2  N N N 48  
ASN OXT  O N N 49  
ASN H    H N N 50  
ASN H2   H N N 51  
ASN HA   H N N 52  
ASN HB2  H N N 53  
ASN HB3  H N N 54  
ASN HD21 H N N 55  
ASN HD22 H N N 56  
ASN HXT  H N N 57  
ASP N    N N N 58  
ASP CA   C N S 59  
ASP C    C N N 60  
ASP O    O N N 61  
ASP CB   C N N 62  
ASP CG   C N N 63  
ASP OD1  O N N 64  
ASP OD2  O N N 65  
ASP OXT  O N N 66  
ASP H    H N N 67  
ASP H2   H N N 68  
ASP HA   H N N 69  
ASP HB2  H N N 70  
ASP HB3  H N N 71  
ASP HD2  H N N 72  
ASP HXT  H N N 73  
CYS N    N N N 74  
CYS CA   C N R 75  
CYS C    C N N 76  
CYS O    O N N 77  
CYS CB   C N N 78  
CYS SG   S N N 79  
CYS OXT  O N N 80  
CYS H    H N N 81  
CYS H2   H N N 82  
CYS HA   H N N 83  
CYS HB2  H N N 84  
CYS HB3  H N N 85  
CYS HG   H N N 86  
CYS HXT  H N N 87  
GLN N    N N N 88  
GLN CA   C N S 89  
GLN C    C N N 90  
GLN O    O N N 91  
GLN CB   C N N 92  
GLN CG   C N N 93  
GLN CD   C N N 94  
GLN OE1  O N N 95  
GLN NE2  N N N 96  
GLN OXT  O N N 97  
GLN H    H N N 98  
GLN H2   H N N 99  
GLN HA   H N N 100 
GLN HB2  H N N 101 
GLN HB3  H N N 102 
GLN HG2  H N N 103 
GLN HG3  H N N 104 
GLN HE21 H N N 105 
GLN HE22 H N N 106 
GLN HXT  H N N 107 
GLU N    N N N 108 
GLU CA   C N S 109 
GLU C    C N N 110 
GLU O    O N N 111 
GLU CB   C N N 112 
GLU CG   C N N 113 
GLU CD   C N N 114 
GLU OE1  O N N 115 
GLU OE2  O N N 116 
GLU OXT  O N N 117 
GLU H    H N N 118 
GLU H2   H N N 119 
GLU HA   H N N 120 
GLU HB2  H N N 121 
GLU HB3  H N N 122 
GLU HG2  H N N 123 
GLU HG3  H N N 124 
GLU HE2  H N N 125 
GLU HXT  H N N 126 
GLY N    N N N 127 
GLY CA   C N N 128 
GLY C    C N N 129 
GLY O    O N N 130 
GLY OXT  O N N 131 
GLY H    H N N 132 
GLY H2   H N N 133 
GLY HA2  H N N 134 
GLY HA3  H N N 135 
GLY HXT  H N N 136 
HIS N    N N N 137 
HIS CA   C N S 138 
HIS C    C N N 139 
HIS O    O N N 140 
HIS CB   C N N 141 
HIS CG   C Y N 142 
HIS ND1  N Y N 143 
HIS CD2  C Y N 144 
HIS CE1  C Y N 145 
HIS NE2  N Y N 146 
HIS OXT  O N N 147 
HIS H    H N N 148 
HIS H2   H N N 149 
HIS HA   H N N 150 
HIS HB2  H N N 151 
HIS HB3  H N N 152 
HIS HD1  H N N 153 
HIS HD2  H N N 154 
HIS HE1  H N N 155 
HIS HE2  H N N 156 
HIS HXT  H N N 157 
HOH O    O N N 158 
HOH H1   H N N 159 
HOH H2   H N N 160 
ILE N    N N N 161 
ILE CA   C N S 162 
ILE C    C N N 163 
ILE O    O N N 164 
ILE CB   C N S 165 
ILE CG1  C N N 166 
ILE CG2  C N N 167 
ILE CD1  C N N 168 
ILE OXT  O N N 169 
ILE H    H N N 170 
ILE H2   H N N 171 
ILE HA   H N N 172 
ILE HB   H N N 173 
ILE HG12 H N N 174 
ILE HG13 H N N 175 
ILE HG21 H N N 176 
ILE HG22 H N N 177 
ILE HG23 H N N 178 
ILE HD11 H N N 179 
ILE HD12 H N N 180 
ILE HD13 H N N 181 
ILE HXT  H N N 182 
LEU N    N N N 183 
LEU CA   C N S 184 
LEU C    C N N 185 
LEU O    O N N 186 
LEU CB   C N N 187 
LEU CG   C N N 188 
LEU CD1  C N N 189 
LEU CD2  C N N 190 
LEU OXT  O N N 191 
LEU H    H N N 192 
LEU H2   H N N 193 
LEU HA   H N N 194 
LEU HB2  H N N 195 
LEU HB3  H N N 196 
LEU HG   H N N 197 
LEU HD11 H N N 198 
LEU HD12 H N N 199 
LEU HD13 H N N 200 
LEU HD21 H N N 201 
LEU HD22 H N N 202 
LEU HD23 H N N 203 
LEU HXT  H N N 204 
LYS N    N N N 205 
LYS CA   C N S 206 
LYS C    C N N 207 
LYS O    O N N 208 
LYS CB   C N N 209 
LYS CG   C N N 210 
LYS CD   C N N 211 
LYS CE   C N N 212 
LYS NZ   N N N 213 
LYS OXT  O N N 214 
LYS H    H N N 215 
LYS H2   H N N 216 
LYS HA   H N N 217 
LYS HB2  H N N 218 
LYS HB3  H N N 219 
LYS HG2  H N N 220 
LYS HG3  H N N 221 
LYS HD2  H N N 222 
LYS HD3  H N N 223 
LYS HE2  H N N 224 
LYS HE3  H N N 225 
LYS HZ1  H N N 226 
LYS HZ2  H N N 227 
LYS HZ3  H N N 228 
LYS HXT  H N N 229 
MET N    N N N 230 
MET CA   C N S 231 
MET C    C N N 232 
MET O    O N N 233 
MET CB   C N N 234 
MET CG   C N N 235 
MET SD   S N N 236 
MET CE   C N N 237 
MET OXT  O N N 238 
MET H    H N N 239 
MET H2   H N N 240 
MET HA   H N N 241 
MET HB2  H N N 242 
MET HB3  H N N 243 
MET HG2  H N N 244 
MET HG3  H N N 245 
MET HE1  H N N 246 
MET HE2  H N N 247 
MET HE3  H N N 248 
MET HXT  H N N 249 
SER N    N N N 250 
SER CA   C N S 251 
SER C    C N N 252 
SER O    O N N 253 
SER CB   C N N 254 
SER OG   O N N 255 
SER OXT  O N N 256 
SER H    H N N 257 
SER H2   H N N 258 
SER HA   H N N 259 
SER HB2  H N N 260 
SER HB3  H N N 261 
SER HG   H N N 262 
SER HXT  H N N 263 
TYR N    N N N 264 
TYR CA   C N S 265 
TYR C    C N N 266 
TYR O    O N N 267 
TYR CB   C N N 268 
TYR CG   C Y N 269 
TYR CD1  C Y N 270 
TYR CD2  C Y N 271 
TYR CE1  C Y N 272 
TYR CE2  C Y N 273 
TYR CZ   C Y N 274 
TYR OH   O N N 275 
TYR OXT  O N N 276 
TYR H    H N N 277 
TYR H2   H N N 278 
TYR HA   H N N 279 
TYR HB2  H N N 280 
TYR HB3  H N N 281 
TYR HD1  H N N 282 
TYR HD2  H N N 283 
TYR HE1  H N N 284 
TYR HE2  H N N 285 
TYR HH   H N N 286 
TYR HXT  H N N 287 
TYZ O1   O N N 288 
TYZ O2   O N N 289 
TYZ C7   C N N 290 
TYZ C3   C Y N 291 
TYZ C4   C Y N 292 
TYZ C5   C Y N 293 
TYZ C6   C Y N 294 
TYZ C1   C Y N 295 
TYZ C2   C Y N 296 
TYZ C8   C N N 297 
TYZ N    N N N 298 
TYZ O4   O N N 299 
TYZ C9   C N N 300 
TYZ H1   H N N 301 
TYZ H4   H N N 302 
TYZ H5   H N N 303 
TYZ HA   H N N 304 
TYZ H2   H N N 305 
TYZ HN   H N N 306 
TYZ H9C1 H N N 307 
TYZ H9C2 H N N 308 
TYZ H9C3 H N N 309 
VAL N    N N N 310 
VAL CA   C N S 311 
VAL C    C N N 312 
VAL O    O N N 313 
VAL CB   C N N 314 
VAL CG1  C N N 315 
VAL CG2  C N N 316 
VAL OXT  O N N 317 
VAL H    H N N 318 
VAL H2   H N N 319 
VAL HA   H N N 320 
VAL HB   H N N 321 
VAL HG11 H N N 322 
VAL HG12 H N N 323 
VAL HG13 H N N 324 
VAL HG21 H N N 325 
VAL HG22 H N N 326 
VAL HG23 H N N 327 
VAL HXT  H N N 328 
# 
loop_
_chem_comp_bond.comp_id 
_chem_comp_bond.atom_id_1 
_chem_comp_bond.atom_id_2 
_chem_comp_bond.value_order 
_chem_comp_bond.pdbx_aromatic_flag 
_chem_comp_bond.pdbx_stereo_config 
_chem_comp_bond.pdbx_ordinal 
ALA N   CA   sing N N 1   
ALA N   H    sing N N 2   
ALA N   H2   sing N N 3   
ALA CA  C    sing N N 4   
ALA CA  CB   sing N N 5   
ALA CA  HA   sing N N 6   
ALA C   O    doub N N 7   
ALA C   OXT  sing N N 8   
ALA CB  HB1  sing N N 9   
ALA CB  HB2  sing N N 10  
ALA CB  HB3  sing N N 11  
ALA OXT HXT  sing N N 12  
ARG N   CA   sing N N 13  
ARG N   H    sing N N 14  
ARG N   H2   sing N N 15  
ARG CA  C    sing N N 16  
ARG CA  CB   sing N N 17  
ARG CA  HA   sing N N 18  
ARG C   O    doub N N 19  
ARG C   OXT  sing N N 20  
ARG CB  CG   sing N N 21  
ARG CB  HB2  sing N N 22  
ARG CB  HB3  sing N N 23  
ARG CG  CD   sing N N 24  
ARG CG  HG2  sing N N 25  
ARG CG  HG3  sing N N 26  
ARG CD  NE   sing N N 27  
ARG CD  HD2  sing N N 28  
ARG CD  HD3  sing N N 29  
ARG NE  CZ   sing N N 30  
ARG NE  HE   sing N N 31  
ARG CZ  NH1  sing N N 32  
ARG CZ  NH2  doub N N 33  
ARG NH1 HH11 sing N N 34  
ARG NH1 HH12 sing N N 35  
ARG NH2 HH21 sing N N 36  
ARG NH2 HH22 sing N N 37  
ARG OXT HXT  sing N N 38  
ASN N   CA   sing N N 39  
ASN N   H    sing N N 40  
ASN N   H2   sing N N 41  
ASN CA  C    sing N N 42  
ASN CA  CB   sing N N 43  
ASN CA  HA   sing N N 44  
ASN C   O    doub N N 45  
ASN C   OXT  sing N N 46  
ASN CB  CG   sing N N 47  
ASN CB  HB2  sing N N 48  
ASN CB  HB3  sing N N 49  
ASN CG  OD1  doub N N 50  
ASN CG  ND2  sing N N 51  
ASN ND2 HD21 sing N N 52  
ASN ND2 HD22 sing N N 53  
ASN OXT HXT  sing N N 54  
ASP N   CA   sing N N 55  
ASP N   H    sing N N 56  
ASP N   H2   sing N N 57  
ASP CA  C    sing N N 58  
ASP CA  CB   sing N N 59  
ASP CA  HA   sing N N 60  
ASP C   O    doub N N 61  
ASP C   OXT  sing N N 62  
ASP CB  CG   sing N N 63  
ASP CB  HB2  sing N N 64  
ASP CB  HB3  sing N N 65  
ASP CG  OD1  doub N N 66  
ASP CG  OD2  sing N N 67  
ASP OD2 HD2  sing N N 68  
ASP OXT HXT  sing N N 69  
CYS N   CA   sing N N 70  
CYS N   H    sing N N 71  
CYS N   H2   sing N N 72  
CYS CA  C    sing N N 73  
CYS CA  CB   sing N N 74  
CYS CA  HA   sing N N 75  
CYS C   O    doub N N 76  
CYS C   OXT  sing N N 77  
CYS CB  SG   sing N N 78  
CYS CB  HB2  sing N N 79  
CYS CB  HB3  sing N N 80  
CYS SG  HG   sing N N 81  
CYS OXT HXT  sing N N 82  
GLN N   CA   sing N N 83  
GLN N   H    sing N N 84  
GLN N   H2   sing N N 85  
GLN CA  C    sing N N 86  
GLN CA  CB   sing N N 87  
GLN CA  HA   sing N N 88  
GLN C   O    doub N N 89  
GLN C   OXT  sing N N 90  
GLN CB  CG   sing N N 91  
GLN CB  HB2  sing N N 92  
GLN CB  HB3  sing N N 93  
GLN CG  CD   sing N N 94  
GLN CG  HG2  sing N N 95  
GLN CG  HG3  sing N N 96  
GLN CD  OE1  doub N N 97  
GLN CD  NE2  sing N N 98  
GLN NE2 HE21 sing N N 99  
GLN NE2 HE22 sing N N 100 
GLN OXT HXT  sing N N 101 
GLU N   CA   sing N N 102 
GLU N   H    sing N N 103 
GLU N   H2   sing N N 104 
GLU CA  C    sing N N 105 
GLU CA  CB   sing N N 106 
GLU CA  HA   sing N N 107 
GLU C   O    doub N N 108 
GLU C   OXT  sing N N 109 
GLU CB  CG   sing N N 110 
GLU CB  HB2  sing N N 111 
GLU CB  HB3  sing N N 112 
GLU CG  CD   sing N N 113 
GLU CG  HG2  sing N N 114 
GLU CG  HG3  sing N N 115 
GLU CD  OE1  doub N N 116 
GLU CD  OE2  sing N N 117 
GLU OE2 HE2  sing N N 118 
GLU OXT HXT  sing N N 119 
GLY N   CA   sing N N 120 
GLY N   H    sing N N 121 
GLY N   H2   sing N N 122 
GLY CA  C    sing N N 123 
GLY CA  HA2  sing N N 124 
GLY CA  HA3  sing N N 125 
GLY C   O    doub N N 126 
GLY C   OXT  sing N N 127 
GLY OXT HXT  sing N N 128 
HIS N   CA   sing N N 129 
HIS N   H    sing N N 130 
HIS N   H2   sing N N 131 
HIS CA  C    sing N N 132 
HIS CA  CB   sing N N 133 
HIS CA  HA   sing N N 134 
HIS C   O    doub N N 135 
HIS C   OXT  sing N N 136 
HIS CB  CG   sing N N 137 
HIS CB  HB2  sing N N 138 
HIS CB  HB3  sing N N 139 
HIS CG  ND1  sing Y N 140 
HIS CG  CD2  doub Y N 141 
HIS ND1 CE1  doub Y N 142 
HIS ND1 HD1  sing N N 143 
HIS CD2 NE2  sing Y N 144 
HIS CD2 HD2  sing N N 145 
HIS CE1 NE2  sing Y N 146 
HIS CE1 HE1  sing N N 147 
HIS NE2 HE2  sing N N 148 
HIS OXT HXT  sing N N 149 
HOH O   H1   sing N N 150 
HOH O   H2   sing N N 151 
ILE N   CA   sing N N 152 
ILE N   H    sing N N 153 
ILE N   H2   sing N N 154 
ILE CA  C    sing N N 155 
ILE CA  CB   sing N N 156 
ILE CA  HA   sing N N 157 
ILE C   O    doub N N 158 
ILE C   OXT  sing N N 159 
ILE CB  CG1  sing N N 160 
ILE CB  CG2  sing N N 161 
ILE CB  HB   sing N N 162 
ILE CG1 CD1  sing N N 163 
ILE CG1 HG12 sing N N 164 
ILE CG1 HG13 sing N N 165 
ILE CG2 HG21 sing N N 166 
ILE CG2 HG22 sing N N 167 
ILE CG2 HG23 sing N N 168 
ILE CD1 HD11 sing N N 169 
ILE CD1 HD12 sing N N 170 
ILE CD1 HD13 sing N N 171 
ILE OXT HXT  sing N N 172 
LEU N   CA   sing N N 173 
LEU N   H    sing N N 174 
LEU N   H2   sing N N 175 
LEU CA  C    sing N N 176 
LEU CA  CB   sing N N 177 
LEU CA  HA   sing N N 178 
LEU C   O    doub N N 179 
LEU C   OXT  sing N N 180 
LEU CB  CG   sing N N 181 
LEU CB  HB2  sing N N 182 
LEU CB  HB3  sing N N 183 
LEU CG  CD1  sing N N 184 
LEU CG  CD2  sing N N 185 
LEU CG  HG   sing N N 186 
LEU CD1 HD11 sing N N 187 
LEU CD1 HD12 sing N N 188 
LEU CD1 HD13 sing N N 189 
LEU CD2 HD21 sing N N 190 
LEU CD2 HD22 sing N N 191 
LEU CD2 HD23 sing N N 192 
LEU OXT HXT  sing N N 193 
LYS N   CA   sing N N 194 
LYS N   H    sing N N 195 
LYS N   H2   sing N N 196 
LYS CA  C    sing N N 197 
LYS CA  CB   sing N N 198 
LYS CA  HA   sing N N 199 
LYS C   O    doub N N 200 
LYS C   OXT  sing N N 201 
LYS CB  CG   sing N N 202 
LYS CB  HB2  sing N N 203 
LYS CB  HB3  sing N N 204 
LYS CG  CD   sing N N 205 
LYS CG  HG2  sing N N 206 
LYS CG  HG3  sing N N 207 
LYS CD  CE   sing N N 208 
LYS CD  HD2  sing N N 209 
LYS CD  HD3  sing N N 210 
LYS CE  NZ   sing N N 211 
LYS CE  HE2  sing N N 212 
LYS CE  HE3  sing N N 213 
LYS NZ  HZ1  sing N N 214 
LYS NZ  HZ2  sing N N 215 
LYS NZ  HZ3  sing N N 216 
LYS OXT HXT  sing N N 217 
MET N   CA   sing N N 218 
MET N   H    sing N N 219 
MET N   H2   sing N N 220 
MET CA  C    sing N N 221 
MET CA  CB   sing N N 222 
MET CA  HA   sing N N 223 
MET C   O    doub N N 224 
MET C   OXT  sing N N 225 
MET CB  CG   sing N N 226 
MET CB  HB2  sing N N 227 
MET CB  HB3  sing N N 228 
MET CG  SD   sing N N 229 
MET CG  HG2  sing N N 230 
MET CG  HG3  sing N N 231 
MET SD  CE   sing N N 232 
MET CE  HE1  sing N N 233 
MET CE  HE2  sing N N 234 
MET CE  HE3  sing N N 235 
MET OXT HXT  sing N N 236 
SER N   CA   sing N N 237 
SER N   H    sing N N 238 
SER N   H2   sing N N 239 
SER CA  C    sing N N 240 
SER CA  CB   sing N N 241 
SER CA  HA   sing N N 242 
SER C   O    doub N N 243 
SER C   OXT  sing N N 244 
SER CB  OG   sing N N 245 
SER CB  HB2  sing N N 246 
SER CB  HB3  sing N N 247 
SER OG  HG   sing N N 248 
SER OXT HXT  sing N N 249 
TYR N   CA   sing N N 250 
TYR N   H    sing N N 251 
TYR N   H2   sing N N 252 
TYR CA  C    sing N N 253 
TYR CA  CB   sing N N 254 
TYR CA  HA   sing N N 255 
TYR C   O    doub N N 256 
TYR C   OXT  sing N N 257 
TYR CB  CG   sing N N 258 
TYR CB  HB2  sing N N 259 
TYR CB  HB3  sing N N 260 
TYR CG  CD1  doub Y N 261 
TYR CG  CD2  sing Y N 262 
TYR CD1 CE1  sing Y N 263 
TYR CD1 HD1  sing N N 264 
TYR CD2 CE2  doub Y N 265 
TYR CD2 HD2  sing N N 266 
TYR CE1 CZ   doub Y N 267 
TYR CE1 HE1  sing N N 268 
TYR CE2 CZ   sing Y N 269 
TYR CE2 HE2  sing N N 270 
TYR CZ  OH   sing N N 271 
TYR OH  HH   sing N N 272 
TYR OXT HXT  sing N N 273 
TYZ O1  C7   doub N N 274 
TYZ O2  C7   sing N N 275 
TYZ O2  H1   sing N N 276 
TYZ C7  C3   sing N N 277 
TYZ C3  C4   sing Y N 278 
TYZ C3  C2   doub Y N 279 
TYZ C4  C5   doub Y N 280 
TYZ C4  H4   sing N N 281 
TYZ C5  C6   sing Y N 282 
TYZ C5  H5   sing N N 283 
TYZ C6  C1   doub Y N 284 
TYZ C6  N    sing N N 285 
TYZ C1  C2   sing Y N 286 
TYZ C1  HA   sing N N 287 
TYZ C2  H2   sing N N 288 
TYZ C8  N    sing N N 289 
TYZ C8  O4   doub N N 290 
TYZ C8  C9   sing N N 291 
TYZ N   HN   sing N N 292 
TYZ C9  H9C1 sing N N 293 
TYZ C9  H9C2 sing N N 294 
TYZ C9  H9C3 sing N N 295 
VAL N   CA   sing N N 296 
VAL N   H    sing N N 297 
VAL N   H2   sing N N 298 
VAL CA  C    sing N N 299 
VAL CA  CB   sing N N 300 
VAL CA  HA   sing N N 301 
VAL C   O    doub N N 302 
VAL C   OXT  sing N N 303 
VAL CB  CG1  sing N N 304 
VAL CB  CG2  sing N N 305 
VAL CB  HB   sing N N 306 
VAL CG1 HG11 sing N N 307 
VAL CG1 HG12 sing N N 308 
VAL CG1 HG13 sing N N 309 
VAL CG2 HG21 sing N N 310 
VAL CG2 HG22 sing N N 311 
VAL CG2 HG23 sing N N 312 
VAL OXT HXT  sing N N 313 
# 
_atom_sites.entry_id                    2BNI 
_atom_sites.fract_transf_matrix[1][1]   0.02522025 
_atom_sites.fract_transf_matrix[1][2]   0.01195913 
_atom_sites.fract_transf_matrix[1][3]   0.03495521 
_atom_sites.fract_transf_matrix[2][1]   -0.01848151 
_atom_sites.fract_transf_matrix[2][2]   0.00420295 
_atom_sites.fract_transf_matrix[2][3]   0.04051815 
_atom_sites.fract_transf_matrix[3][1]   0.00131133 
_atom_sites.fract_transf_matrix[3][2]   -0.00647767 
_atom_sites.fract_transf_matrix[3][3]   0.00127006 
_atom_sites.fract_transf_vector[1]      0.344601 
_atom_sites.fract_transf_vector[2]      1.098663 
_atom_sites.fract_transf_vector[3]      0.267863 
# 
loop_
_atom_type.symbol 
C 
N 
O 
S 
# 
loop_
_atom_site.group_PDB 
_atom_site.id 
_atom_site.type_symbol 
_atom_site.label_atom_id 
_atom_site.label_alt_id 
_atom_site.label_comp_id 
_atom_site.label_asym_id 
_atom_site.label_entity_id 
_atom_site.label_seq_id 
_atom_site.pdbx_PDB_ins_code 
_atom_site.Cartn_x 
_atom_site.Cartn_y 
_atom_site.Cartn_z 
_atom_site.occupancy 
_atom_site.B_iso_or_equiv 
_atom_site.pdbx_formal_charge 
_atom_site.auth_seq_id 
_atom_site.auth_comp_id 
_atom_site.auth_asym_id 
_atom_site.auth_atom_id 
_atom_site.pdbx_PDB_model_num 
ATOM   1    C C   . ARG A 1 2  ? 5.753   21.531  -3.798  1.00 27.20 ? 1    ARG A C   1 
ATOM   2    O O   . ARG A 1 2  ? 5.921   20.325  -3.466  1.00 29.45 ? 1    ARG A O   1 
ATOM   3    N N   . MET A 1 3  ? 4.566   22.071  -4.129  1.00 25.76 ? 2    MET A N   1 
ATOM   4    C CA  . MET A 1 3  ? 3.368   21.240  -4.378  1.00 22.54 ? 2    MET A CA  1 
ATOM   5    C C   . MET A 1 3  ? 3.558   20.282  -5.543  1.00 21.52 ? 2    MET A C   1 
ATOM   6    O O   . MET A 1 3  ? 3.058   19.158  -5.465  1.00 20.55 ? 2    MET A O   1 
ATOM   7    C CB  . MET A 1 3  ? 2.055   22.013  -4.681  1.00 23.58 ? 2    MET A CB  1 
ATOM   8    C CG  . MET A 1 3  ? 1.532   23.003  -3.638  1.00 23.06 ? 2    MET A CG  1 
ATOM   9    S SD  . MET A 1 3  ? 1.626   22.355  -1.948  1.00 26.91 ? 2    MET A SD  1 
ATOM   10   C CE  . MET A 1 3  ? 0.829   20.725  -2.208  1.00 19.83 ? 2    MET A CE  1 
ATOM   11   N N   . LYS A 1 4  ? 4.196   20.716  -6.639  1.00 20.63 ? 3    LYS A N   1 
ATOM   12   C CA  . LYS A 1 4  ? 4.302   19.819  -7.817  1.00 20.47 ? 3    LYS A CA  1 
ATOM   13   C C   . LYS A 1 4  ? 5.085   18.533  -7.427  1.00 20.24 ? 3    LYS A C   1 
ATOM   14   O O   . LYS A 1 4  ? 4.754   17.414  -7.877  1.00 20.89 ? 3    LYS A O   1 
ATOM   15   C CB  . LYS A 1 4  ? 4.969   20.513  -9.011  1.00 21.07 ? 3    LYS A CB  1 
ATOM   16   C CG  . LYS A 1 4  ? 5.252   19.561  -10.156 1.00 21.21 ? 3    LYS A CG  1 
ATOM   17   C CD  . LYS A 1 4  ? 5.869   20.317  -11.358 1.00 24.22 ? 3    LYS A CD  1 
ATOM   18   C CE  . LYS A 1 4  ? 5.932   19.405  -12.610 1.00 27.50 ? 3    LYS A CE  1 
ATOM   19   N NZ  . LYS A 1 4  ? 6.088   17.932  -12.416 1.00 26.20 ? 3    LYS A NZ  1 
ATOM   20   N N   . GLN A 1 5  ? 6.107   18.662  -6.587  1.00 18.25 ? 4    GLN A N   1 
ATOM   21   C CA  . GLN A 1 5  ? 6.879   17.468  -6.154  1.00 18.14 ? 4    GLN A CA  1 
ATOM   22   C C   . GLN A 1 5  ? 6.008   16.542  -5.296  1.00 16.18 ? 4    GLN A C   1 
ATOM   23   O O   . GLN A 1 5  ? 6.015   15.300  -5.474  1.00 16.89 ? 4    GLN A O   1 
ATOM   24   C CB  . GLN A 1 5  ? 8.158   17.839  -5.428  1.00 19.72 ? 4    GLN A CB  1 
ATOM   25   C CG  . GLN A 1 5  ? 9.119   16.661  -5.143  1.00 20.83 ? 4    GLN A CG  1 
ATOM   26   C CD  . GLN A 1 5  ? 10.560  17.106  -4.828  1.00 22.80 ? 4    GLN A CD  1 
ATOM   27   O OE1 . GLN A 1 5  ? 10.919  18.289  -4.921  1.00 29.30 ? 4    GLN A OE1 1 
ATOM   28   N NE2 . GLN A 1 5  ? 11.380  16.156  -4.476  1.00 26.23 ? 4    GLN A NE2 1 
ATOM   29   N N   . ILE A 1 6  ? 5.236   17.122  -4.373  1.00 15.35 ? 5    ILE A N   1 
ATOM   30   C CA  . ILE A 1 6  ? 4.307   16.313  -3.636  1.00 15.60 ? 5    ILE A CA  1 
ATOM   31   C C   . ILE A 1 6  ? 3.337   15.572  -4.590  1.00 12.89 ? 5    ILE A C   1 
ATOM   32   O O   . ILE A 1 6  ? 3.102   14.390  -4.373  1.00 14.27 ? 5    ILE A O   1 
ATOM   33   C CB  . ILE A 1 6  ? 3.584   17.147  -2.517  1.00 15.43 ? 5    ILE A CB  1 
ATOM   34   C CG1 . ILE A 1 6  ? 4.611   17.513  -1.409  1.00 19.26 ? 5    ILE A CG1 1 
ATOM   35   C CG2 . ILE A 1 6  ? 2.464   16.377  -1.916  1.00 17.25 ? 5    ILE A CG2 1 
ATOM   36   C CD1 . ILE A 1 6  ? 4.000   18.649  -0.441  1.00 19.64 ? 5    ILE A CD1 1 
ATOM   37   N N   . GLU A 1 7  ? 2.737   16.289  -5.511  1.00 15.28 ? 6    GLU A N   1 
ATOM   38   C CA  . GLU A 1 7  ? 1.733   15.688  -6.386  1.00 14.50 ? 6    GLU A CA  1 
ATOM   39   C C   . GLU A 1 7  ? 2.353   14.587  -7.261  1.00 15.27 ? 6    GLU A C   1 
ATOM   40   O O   . GLU A 1 7  ? 1.781   13.506  -7.339  1.00 16.49 ? 6    GLU A O   1 
ATOM   41   C CB  . GLU A 1 7  ? 1.155   16.760  -7.263  1.00 15.57 ? 6    GLU A CB  1 
ATOM   42   C CG  . GLU A 1 7  ? 0.408   17.752  -6.404  1.00 19.39 ? 6    GLU A CG  1 
ATOM   43   C CD  . GLU A 1 7  ? 0.165   19.054  -7.027  1.00 22.71 ? 6    GLU A CD  1 
ATOM   44   O OE1 . GLU A 1 7  ? 0.638   19.248  -8.171  1.00 24.11 ? 6    GLU A OE1 1 
ATOM   45   O OE2 . GLU A 1 7  ? -0.540  19.855  -6.338  1.00 25.01 ? 6    GLU A OE2 1 
ATOM   46   N N   . ASP A 1 8  ? 3.572   14.827  -7.756  1.00 16.15 ? 7    ASP A N   1 
ATOM   47   C CA  . ASP A 1 8  ? 4.253   13.846  -8.595  1.00 15.47 ? 7    ASP A CA  1 
ATOM   48   C C   . ASP A 1 8  ? 4.612   12.619  -7.746  1.00 16.14 ? 7    ASP A C   1 
ATOM   49   O O   . ASP A 1 8  ? 4.540   11.473  -8.228  1.00 17.73 ? 7    ASP A O   1 
ATOM   50   C CB  . ASP A 1 8  ? 5.493   14.466  -9.202  1.00 15.35 ? 7    ASP A CB  1 
ATOM   51   C CG  . ASP A 1 8  ? 5.162   15.418  -10.303 1.00 21.13 ? 7    ASP A CG  1 
ATOM   52   O OD1 . ASP A 1 8  ? 3.987   15.483  -10.760 1.00 24.10 ? 7    ASP A OD1 1 
ATOM   53   O OD2 . ASP A 1 8  ? 6.108   16.112  -10.718 1.00 24.03 ? 7    ASP A OD2 1 
ATOM   54   N N   . LYS A 1 9  ? 4.972   12.817  -6.470  1.00 13.98 ? 8    LYS A N   1 
ATOM   55   C CA  . LYS A 1 9  ? 5.279   11.663  -5.626  1.00 14.17 ? 8    LYS A CA  1 
ATOM   56   C C   . LYS A 1 9  ? 4.021   10.846  -5.303  1.00 13.81 ? 8    LYS A C   1 
ATOM   57   O O   . LYS A 1 9  ? 4.046   9.598   -5.279  1.00 14.73 ? 8    LYS A O   1 
ATOM   58   C CB  . LYS A 1 9  ? 5.994   12.096  -4.330  1.00 14.44 ? 8    LYS A CB  1 
ATOM   59   C CG  . LYS A 1 9  ? 6.290   10.983  -3.405  1.00 15.10 ? 8    LYS A CG  1 
ATOM   60   C CD  . LYS A 1 9  ? 7.186   9.887   -4.050  1.00 18.27 ? 8    LYS A CD  1 
ATOM   61   C CE  . LYS A 1 9  ? 8.604   10.373  -4.315  1.00 20.95 ? 8    LYS A CE  1 
ATOM   62   N NZ  . LYS A 1 9  ? 9.438   9.193   -4.782  1.00 22.51 ? 8    LYS A NZ  1 
ATOM   63   N N   . LEU A 1 10 ? 2.896   11.536  -5.116  1.00 13.88 ? 9    LEU A N   1 
ATOM   64   C CA  . LEU A 1 10 ? 1.643   10.809  -4.821  1.00 12.87 ? 9    LEU A CA  1 
ATOM   65   C C   . LEU A 1 10 ? 1.276   10.037  -6.101  1.00 13.01 ? 9    LEU A C   1 
ATOM   66   O O   . LEU A 1 10 ? 0.759   8.923   -5.972  1.00 14.41 ? 9    LEU A O   1 
ATOM   67   C CB  . LEU A 1 10 ? 0.521   11.782  -4.450  1.00 12.99 ? 9    LEU A CB  1 
ATOM   68   C CG  . LEU A 1 10 ? 0.614   12.347  -3.010  1.00 11.27 ? 9    LEU A CG  1 
ATOM   69   C CD1 . LEU A 1 10 ? -0.406  13.517  -2.865  1.00 13.58 ? 9    LEU A CD1 1 
ATOM   70   C CD2 . LEU A 1 10 ? 0.318   11.270  -1.997  1.00 13.55 ? 9    LEU A CD2 1 
ATOM   71   N N   . GLU A 1 11 ? 1.534   10.616  -7.271  1.00 15.64 ? 10   GLU A N   1 
ATOM   72   C CA  . GLU A 1 11 ? 1.122   9.841   -8.473  1.00 16.57 ? 10   GLU A CA  1 
ATOM   73   C C   . GLU A 1 11 ? 2.041   8.618   -8.619  1.00 18.07 ? 10   GLU A C   1 
ATOM   74   O O   . GLU A 1 11 ? 1.536   7.538   -9.008  1.00 16.68 ? 10   GLU A O   1 
ATOM   75   C CB  . GLU A 1 11 ? 1.145   10.715  -9.723  1.00 17.43 ? 10   GLU A CB  1 
ATOM   76   C CG  . GLU A 1 11 ? 0.632   9.983   -10.949 1.00 20.22 ? 10   GLU A CG  1 
ATOM   77   C CD  . GLU A 1 11 ? -0.903  9.713   -10.918 1.00 20.51 ? 10   GLU A CD  1 
ATOM   78   O OE1 . GLU A 1 11 ? -1.649  10.496  -10.302 1.00 25.21 ? 10   GLU A OE1 1 
ATOM   79   O OE2 . GLU A 1 11 ? -1.372  8.737   -11.574 1.00 28.65 ? 10   GLU A OE2 1 
ATOM   80   N N   . GLU A 1 12 ? 3.332   8.776   -8.278  1.00 16.95 ? 11   GLU A N   1 
ATOM   81   C CA  . GLU A 1 12 ? 4.268   7.614   -8.261  1.00 16.34 ? 11   GLU A CA  1 
ATOM   82   C C   . GLU A 1 12 ? 3.793   6.510   -7.307  1.00 16.04 ? 11   GLU A C   1 
ATOM   83   O O   . GLU A 1 12 ? 3.754   5.308   -7.634  1.00 16.71 ? 11   GLU A O   1 
ATOM   84   C CB  . GLU A 1 12 ? 5.672   8.053   -7.861  1.00 18.13 ? 11   GLU A CB  1 
ATOM   85   C CG  . GLU A 1 12 ? 6.680   7.018   -8.040  1.00 18.82 ? 11   GLU A CG  1 
ATOM   86   C CD  . GLU A 1 12 ? 8.065   7.467   -7.595  1.00 23.07 ? 11   GLU A CD  1 
ATOM   87   O OE1 . GLU A 1 12 ? 8.219   8.671   -7.191  1.00 23.87 ? 11   GLU A OE1 1 
ATOM   88   O OE2 . GLU A 1 12 ? 8.997   6.617   -7.706  1.00 27.58 ? 11   GLU A OE2 1 
ATOM   89   N N   . ILE A 1 13 ? 3.378   6.924   -6.113  1.00 13.89 ? 12   ILE A N   1 
ATOM   90   C CA  . ILE A 1 13 ? 2.919   5.968   -5.146  1.00 13.78 ? 12   ILE A CA  1 
ATOM   91   C C   . ILE A 1 13 ? 1.636   5.279   -5.653  1.00 12.90 ? 12   ILE A C   1 
ATOM   92   O O   . ILE A 1 13 ? 1.523   4.070   -5.507  1.00 12.50 ? 12   ILE A O   1 
ATOM   93   C CB  . ILE A 1 13 ? 2.659   6.674   -3.750  1.00 14.68 ? 12   ILE A CB  1 
ATOM   94   C CG1 . ILE A 1 13 ? 4.008   7.104   -3.112  1.00 14.50 ? 12   ILE A CG1 1 
ATOM   95   C CG2 . ILE A 1 13 ? 1.791   5.773   -2.845  1.00 12.70 ? 12   ILE A CG2 1 
ATOM   96   C CD1 . ILE A 1 13 ? 3.807   8.181   -2.012  1.00 15.18 ? 12   ILE A CD1 1 
ATOM   97   N N   . LEU A 1 14 ? 0.736   6.063   -6.254  1.00 15.93 ? 13   LEU A N   1 
ATOM   98   C CA  . LEU A 1 14 ? -0.495  5.532   -6.928  1.00 17.61 ? 13   LEU A CA  1 
ATOM   99   C C   . LEU A 1 14 ? -0.248  4.456   -7.888  1.00 17.97 ? 13   LEU A C   1 
ATOM   100  O O   . LEU A 1 14 ? -0.839  3.369   -7.850  1.00 18.58 ? 13   LEU A O   1 
ATOM   101  C CB  . LEU A 1 14 ? -1.195  6.656   -7.722  1.00 16.64 ? 13   LEU A CB  1 
ATOM   102  C CG  . LEU A 1 14 ? -1.917  7.450   -6.691  1.00 18.99 ? 13   LEU A CG  1 
ATOM   103  C CD1 . LEU A 1 14 ? -2.626  8.643   -7.210  1.00 14.38 ? 13   LEU A CD1 1 
ATOM   104  C CD2 . LEU A 1 14 ? -2.814  6.500   -5.960  1.00 23.04 ? 13   LEU A CD2 1 
ATOM   105  N N   . SER A 1 15 ? 0.674   4.763   -8.727  1.00 18.23 ? 14   SER A N   1 
ATOM   106  C CA  . SER A 1 15 ? 0.929   3.895   -9.808  1.00 20.08 ? 14   SER A CA  1 
ATOM   107  C C   . SER A 1 15 ? 1.637   2.618   -9.284  1.00 18.65 ? 14   SER A C   1 
ATOM   108  O O   . SER A 1 15 ? 1.271   1.509   -9.684  1.00 18.48 ? 14   SER A O   1 
ATOM   109  C CB  . SER A 1 15 ? 1.517   4.730   -10.916 1.00 22.75 ? 14   SER A CB  1 
ATOM   110  O OG  . SER A 1 15 ? 0.506   5.779   -11.140 1.00 22.82 ? 14   SER A OG  1 
ATOM   111  N N   . LYS A 1 16 ? 2.494   2.734   -8.288  1.00 14.26 ? 15   LYS A N   1 
ATOM   112  C CA  . LYS A 1 16 ? 3.072   1.542   -7.697  1.00 13.37 ? 15   LYS A CA  1 
ATOM   113  C C   . LYS A 1 16 ? 2.023   0.726   -6.902  1.00 13.98 ? 15   LYS A C   1 
ATOM   114  O O   . LYS A 1 16 ? 2.021   -0.528  -6.929  1.00 13.92 ? 15   LYS A O   1 
ATOM   115  C CB  . LYS A 1 16 ? 4.255   1.832   -6.740  1.00 15.66 ? 15   LYS A CB  1 
ATOM   116  N N   . GLY A 1 17 ? 1.092   1.420   -6.269  1.00 13.56 ? 16   GLY A N   1 
ATOM   117  C CA  . GLY A 1 17 ? 0.036   0.688   -5.543  1.00 15.54 ? 16   GLY A CA  1 
ATOM   118  C C   . GLY A 1 17 ? -0.795  -0.125  -6.498  1.00 15.42 ? 16   GLY A C   1 
ATOM   119  O O   . GLY A 1 17 ? -1.137  -1.280  -6.218  1.00 15.77 ? 16   GLY A O   1 
ATOM   120  N N   . HIS A 1 18 ? -1.101  0.414   -7.667  1.00 14.77 ? 17   HIS A N   1 
ATOM   121  C CA  . HIS A 1 18 ? -1.802  -0.369  -8.714  1.00 15.54 ? 17   HIS A CA  1 
ATOM   122  C C   . HIS A 1 18 ? -1.031  -1.613  -9.127  1.00 14.54 ? 17   HIS A C   1 
ATOM   123  O O   . HIS A 1 18 ? -1.630  -2.690  -9.297  1.00 15.34 ? 17   HIS A O   1 
ATOM   124  C CB  . HIS A 1 18 ? -2.168  0.444   -9.958  1.00 16.58 ? 17   HIS A CB  1 
ATOM   125  C CG  . HIS A 1 18 ? -3.099  1.569   -9.683  1.00 16.17 ? 17   HIS A CG  1 
ATOM   126  N ND1 . HIS A 1 18 ? -3.088  2.745   -10.404 1.00 21.79 ? 17   HIS A ND1 1 
ATOM   127  C CD2 . HIS A 1 18 ? -4.028  1.737   -8.701  1.00 21.28 ? 17   HIS A CD2 1 
ATOM   128  C CE1 . HIS A 1 18 ? -3.984  3.579   -9.893  1.00 21.40 ? 17   HIS A CE1 1 
ATOM   129  N NE2 . HIS A 1 18 ? -4.594  2.981   -8.887  1.00 22.89 ? 17   HIS A NE2 1 
ATOM   130  N N   . HIS A 1 19 ? 0.293   -1.463  -9.262  1.00 14.51 ? 18   HIS A N   1 
ATOM   131  C CA  . HIS A 1 19 ? 1.165   -2.556  -9.604  1.00 12.74 ? 18   HIS A CA  1 
ATOM   132  C C   . HIS A 1 19 ? 1.125   -3.600  -8.509  1.00 12.30 ? 18   HIS A C   1 
ATOM   133  O O   . HIS A 1 19 ? 1.021   -4.804  -8.760  1.00 13.18 ? 18   HIS A O   1 
ATOM   134  C CB  . HIS A 1 19 ? 2.610   -2.070  -9.786  1.00 14.92 ? 18   HIS A CB  1 
ATOM   135  C CG  . HIS A 1 19 ? 3.609   -3.171  -9.924  1.00 18.61 ? 18   HIS A CG  1 
ATOM   136  N ND1 . HIS A 1 19 ? 3.673   -3.981  -11.032 1.00 25.55 ? 18   HIS A ND1 1 
ATOM   137  C CD2 . HIS A 1 19 ? 4.564   -3.608  -9.071  1.00 20.31 ? 18   HIS A CD2 1 
ATOM   138  C CE1 . HIS A 1 19 ? 4.652   -4.861  -10.864 1.00 23.42 ? 18   HIS A CE1 1 
ATOM   139  N NE2 . HIS A 1 19 ? 5.200   -4.661  -9.682  1.00 25.45 ? 18   HIS A NE2 1 
ATOM   140  N N   . ILE A 1 20 ? 1.244   -3.154  -7.253  1.00 12.23 ? 19   ILE A N   1 
ATOM   141  C CA  . ILE A 1 20 ? 1.121   -4.053  -6.114  1.00 12.66 ? 19   ILE A CA  1 
ATOM   142  C C   . ILE A 1 20 ? -0.224  -4.812  -6.087  1.00 10.11 ? 19   ILE A C   1 
ATOM   143  O O   . ILE A 1 20 ? -0.198  -6.008  -5.867  1.00 12.11 ? 19   ILE A O   1 
ATOM   144  C CB  . ILE A 1 20 ? 1.366   -3.320  -4.770  1.00 13.08 ? 19   ILE A CB  1 
ATOM   145  C CG1 . ILE A 1 20 ? 2.861   -2.906  -4.648  1.00 15.39 ? 19   ILE A CG1 1 
ATOM   146  C CG2 . ILE A 1 20 ? 0.854   -4.156  -3.572  1.00 14.13 ? 19   ILE A CG2 1 
ATOM   147  C CD1 . ILE A 1 20 ? 3.076   -1.883  -3.441  1.00 14.04 ? 19   ILE A CD1 1 
ATOM   148  N N   . CYS A 1 21 ? -1.307  -4.145  -6.444  1.00 13.97 ? 20   CYS A N   1 
ATOM   149  C CA  . CYS A 1 21 ? -2.633  -4.822  -6.455  1.00 14.10 ? 20   CYS A CA  1 
ATOM   150  C C   . CYS A 1 21 ? -2.621  -5.911  -7.570  1.00 12.63 ? 20   CYS A C   1 
ATOM   151  O O   . CYS A 1 21 ? -2.958  -7.094  -7.279  1.00 16.23 ? 20   CYS A O   1 
ATOM   152  C CB  . CYS A 1 21 ? -3.659  -3.750  -6.726  1.00 15.70 ? 20   CYS A CB  1 
ATOM   153  S SG  . CYS A 1 21 ? -3.961  -2.771  -5.241  1.00 19.17 ? 20   CYS A SG  1 
ATOM   154  N N   . ASN A 1 22 ? -2.029  -5.598  -8.717  1.00 15.20 ? 21   ASN A N   1 
ATOM   155  C CA  . ASN A 1 22 ? -1.951  -6.581  -9.784  1.00 15.00 ? 21   ASN A CA  1 
ATOM   156  C C   . ASN A 1 22 ? -1.116  -7.802  -9.334  1.00 15.39 ? 21   ASN A C   1 
ATOM   157  O O   . ASN A 1 22 ? -1.428  -8.972  -9.630  1.00 15.79 ? 21   ASN A O   1 
ATOM   158  C CB  . ASN A 1 22 ? -1.384  -6.019  -11.112 1.00 15.77 ? 21   ASN A CB  1 
ATOM   159  N N   . GLU A 1 23 ? -0.017  -7.517  -8.635  1.00 12.64 ? 22   GLU A N   1 
ATOM   160  C CA  . GLU A 1 23 ? 0.822   -8.607  -8.141  1.00 14.73 ? 22   GLU A CA  1 
ATOM   161  C C   . GLU A 1 23 ? 0.106   -9.506  -7.118  1.00 12.39 ? 22   GLU A C   1 
ATOM   162  O O   . GLU A 1 23 ? 0.266   -10.718 -7.163  1.00 13.70 ? 22   GLU A O   1 
ATOM   163  C CB  . GLU A 1 23 ? 2.151   -8.098  -7.521  1.00 14.31 ? 22   GLU A CB  1 
ATOM   164  C CG  . GLU A 1 23 ? 3.069   -7.363  -8.563  1.00 16.01 ? 22   GLU A CG  1 
ATOM   165  C CD  . GLU A 1 23 ? 3.738   -8.240  -9.596  1.00 27.22 ? 22   GLU A CD  1 
ATOM   166  O OE1 . GLU A 1 23 ? 3.626   -9.483  -9.539  1.00 29.54 ? 22   GLU A OE1 1 
ATOM   167  O OE2 . GLU A 1 23 ? 4.422   -7.652  -10.482 1.00 31.27 ? 22   GLU A OE2 1 
ATOM   168  N N   . LEU A 1 24 ? -0.683  -8.894  -6.242  1.00 13.02 ? 23   LEU A N   1 
ATOM   169  C CA  . LEU A 1 24 ? -1.330  -9.677  -5.235  1.00 13.70 ? 23   LEU A CA  1 
ATOM   170  C C   . LEU A 1 24 ? -2.433  -10.499 -5.926  1.00 14.36 ? 23   LEU A C   1 
ATOM   171  O O   . LEU A 1 24 ? -2.684  -11.635 -5.502  1.00 14.36 ? 23   LEU A O   1 
ATOM   172  C CB  . LEU A 1 24 ? -1.919  -8.755  -4.147  1.00 14.28 ? 23   LEU A CB  1 
ATOM   173  C CG  . LEU A 1 24 ? -0.833  -8.049  -3.269  1.00 14.96 ? 23   LEU A CG  1 
ATOM   174  C CD1 . LEU A 1 24 ? -1.520  -7.091  -2.279  1.00 17.22 ? 23   LEU A CD1 1 
ATOM   175  C CD2 . LEU A 1 24 ? 0.064   -9.030  -2.555  1.00 14.08 ? 23   LEU A CD2 1 
ATOM   176  N N   . ALA A 1 25 ? -3.056  -9.916  -6.958  1.00 13.87 ? 24   ALA A N   1 
ATOM   177  C CA  . ALA A 1 25 ? -4.081  -10.673 -7.737  1.00 15.50 ? 24   ALA A CA  1 
ATOM   178  C C   . ALA A 1 25 ? -3.470  -11.891 -8.372  1.00 16.12 ? 24   ALA A C   1 
ATOM   179  O O   . ALA A 1 25 ? -4.055  -12.989 -8.342  1.00 16.06 ? 24   ALA A O   1 
ATOM   180  C CB  . ALA A 1 25 ? -4.733  -9.799  -8.760  1.00 17.68 ? 24   ALA A CB  1 
ATOM   181  N N   . ARG A 1 26 ? -2.279  -11.704 -8.949  1.00 16.30 ? 25   ARG A N   1 
ATOM   182  C CA  . ARG A 1 26 ? -1.580  -12.799 -9.576  1.00 16.14 ? 25   ARG A CA  1 
ATOM   183  C C   . ARG A 1 26 ? -1.267  -13.889 -8.520  1.00 15.44 ? 25   ARG A C   1 
ATOM   184  O O   . ARG A 1 26 ? -1.413  -15.077 -8.745  1.00 16.61 ? 25   ARG A O   1 
ATOM   185  C CB  . ARG A 1 26 ? -0.287  -12.272 -10.205 1.00 17.85 ? 25   ARG A CB  1 
ATOM   186  C CG  . ARG A 1 26 ? 0.496   -13.361 -10.914 1.00 19.73 ? 25   ARG A CG  1 
ATOM   187  C CD  . ARG A 1 26 ? 1.620   -12.763 -11.782 1.00 20.30 ? 25   ARG A CD  1 
ATOM   188  N NE  . ARG A 1 26 ? 2.569   -12.011 -10.985 1.00 23.50 ? 25   ARG A NE  1 
ATOM   189  N N   . ILE A 1 27 ? -0.759  -13.491 -7.336  1.00 16.10 ? 26   ILE A N   1 
ATOM   190  C CA  . ILE A 1 27 ? -0.386  -14.447 -6.305  1.00 15.13 ? 26   ILE A CA  1 
ATOM   191  C C   . ILE A 1 27 ? -1.624  -15.248 -5.813  1.00 15.19 ? 26   ILE A C   1 
ATOM   192  O O   . ILE A 1 27 ? -1.567  -16.460 -5.642  1.00 15.41 ? 26   ILE A O   1 
ATOM   193  C CB  . ILE A 1 27 ? 0.262   -13.704 -5.082  1.00 15.05 ? 26   ILE A CB  1 
ATOM   194  C CG1 . ILE A 1 27 ? 1.701   -13.330 -5.431  1.00 16.49 ? 26   ILE A CG1 1 
ATOM   195  C CG2 . ILE A 1 27 ? 0.181   -14.614 -3.861  1.00 15.63 ? 26   ILE A CG2 1 
ATOM   196  C CD1 . ILE A 1 27 ? 2.375   -12.330 -4.475  1.00 15.62 ? 26   ILE A CD1 1 
ATOM   197  N N   . LYS A 1 28 ? -2.715  -14.541 -5.639  1.00 13.79 ? 27   LYS A N   1 
ATOM   198  C CA  . LYS A 1 28 ? -3.966  -15.164 -5.199  1.00 14.92 ? 27   LYS A CA  1 
ATOM   199  C C   . LYS A 1 28 ? -4.355  -16.277 -6.210  1.00 15.75 ? 27   LYS A C   1 
ATOM   200  O O   . LYS A 1 28 ? -4.670  -17.391 -5.798  1.00 15.32 ? 27   LYS A O   1 
ATOM   201  C CB  . LYS A 1 28 ? -5.061  -14.095 -5.077  1.00 16.06 ? 27   LYS A CB  1 
ATOM   202  C CG  . LYS A 1 28 ? -6.413  -14.692 -4.655  1.00 17.58 ? 27   LYS A CG  1 
ATOM   203  C CD  . LYS A 1 28 ? -7.430  -13.628 -4.361  1.00 24.05 ? 27   LYS A CD  1 
ATOM   204  C CE  . LYS A 1 28 ? -8.782  -14.293 -4.109  1.00 28.84 ? 27   LYS A CE  1 
ATOM   205  N NZ  . LYS A 1 28 ? -9.529  -14.294 -5.378  1.00 31.17 ? 27   LYS A NZ  1 
ATOM   206  N N   . LYS A 1 29 ? -4.365  -15.933 -7.486  1.00 17.48 ? 28   LYS A N   1 
ATOM   207  C CA  . LYS A 1 29 ? -4.617  -16.971 -8.506  1.00 21.10 ? 28   LYS A CA  1 
ATOM   208  C C   . LYS A 1 29 ? -3.640  -18.176 -8.475  1.00 21.75 ? 28   LYS A C   1 
ATOM   209  O O   . LYS A 1 29 ? -4.084  -19.329 -8.518  1.00 22.95 ? 28   LYS A O   1 
ATOM   210  C CB  . LYS A 1 29 ? -4.727  -16.285 -9.842  1.00 21.74 ? 28   LYS A CB  1 
ATOM   211  C CG  . LYS A 1 29 ? -5.235  -17.191 -11.016 1.00 25.88 ? 28   LYS A CG  1 
ATOM   212  C CD  . LYS A 1 29 ? -6.153  -16.439 -11.966 1.00 28.30 ? 28   LYS A CD  1 
ATOM   213  N N   . LEU A 1 30 ? -2.332  -17.962 -8.317  1.00 21.62 ? 29   LEU A N   1 
ATOM   214  C CA  . LEU A 1 30 ? -1.386  -19.092 -8.168  1.00 23.29 ? 29   LEU A CA  1 
ATOM   215  C C   . LEU A 1 30 ? -1.664  -19.975 -6.964  1.00 23.63 ? 29   LEU A C   1 
ATOM   216  O O   . LEU A 1 30 ? -1.548  -21.209 -7.036  1.00 25.21 ? 29   LEU A O   1 
ATOM   217  C CB  . LEU A 1 30 ? 0.067   -18.599 -8.111  1.00 22.77 ? 29   LEU A CB  1 
ATOM   218  C CG  . LEU A 1 30 ? 0.448   -17.624 -9.225  1.00 25.24 ? 29   LEU A CG  1 
ATOM   219  C CD1 . LEU A 1 30 ? 1.959   -17.245 -9.063  1.00 25.26 ? 29   LEU A CD1 1 
ATOM   220  C CD2 . LEU A 1 30 ? 0.151   -18.147 -10.614 1.00 28.13 ? 29   LEU A CD2 1 
ATOM   221  N N   . LEU A 1 31 ? -2.036  -19.384 -5.833  1.00 22.07 ? 30   LEU A N   1 
ATOM   222  C CA  . LEU A 1 31 ? -2.280  -20.202 -4.653  1.00 21.59 ? 30   LEU A CA  1 
ATOM   223  C C   . LEU A 1 31 ? -3.541  -21.069 -4.818  1.00 21.72 ? 30   LEU A C   1 
ATOM   224  O O   . LEU A 1 31 ? -3.629  -22.079 -4.124  1.00 22.14 ? 30   LEU A O   1 
ATOM   225  C CB  . LEU A 1 31 ? -2.392  -19.364 -3.374  1.00 22.22 ? 30   LEU A CB  1 
ATOM   226  C CG  . LEU A 1 31 ? -1.196  -18.488 -3.097  1.00 23.38 ? 30   LEU A CG  1 
ATOM   227  C CD1 . LEU A 1 31 ? -1.502  -17.617 -1.856  1.00 19.69 ? 30   LEU A CD1 1 
ATOM   228  C CD2 . LEU A 1 31 ? 0.032   -19.353 -2.830  1.00 23.48 ? 30   LEU A CD2 1 
HETATM 229  O O1  . TYZ B 1 1  ? -8.664  20.789  7.379   1.00 18.04 ? 0    TYZ B O1  1 
HETATM 230  C C7  . TYZ B 1 1  ? -8.825  22.005  7.159   1.00 16.09 ? 0    TYZ B C7  1 
HETATM 231  C C3  . TYZ B 1 1  ? -9.124  22.893  8.282   1.00 15.05 ? 0    TYZ B C3  1 
HETATM 232  C C4  . TYZ B 1 1  ? -9.230  22.426  9.603   1.00 15.57 ? 0    TYZ B C4  1 
HETATM 233  C C5  . TYZ B 1 1  ? -9.523  23.240  10.663  1.00 14.77 ? 0    TYZ B C5  1 
HETATM 234  C C6  . TYZ B 1 1  ? -9.704  24.595  10.471  1.00 16.27 ? 0    TYZ B C6  1 
HETATM 235  C C1  . TYZ B 1 1  ? -9.559  25.077  9.167   1.00 14.66 ? 0    TYZ B C1  1 
HETATM 236  C C2  . TYZ B 1 1  ? -9.306  24.274  8.054   1.00 14.00 ? 0    TYZ B C2  1 
HETATM 237  C C8  . TYZ B 1 1  ? -10.139 25.255  12.808  1.00 21.49 ? 0    TYZ B C8  1 
HETATM 238  N N   . TYZ B 1 1  ? -10.002 25.487  11.471  1.00 17.81 ? 0    TYZ B N   1 
HETATM 239  O O4  . TYZ B 1 1  ? -10.377 24.127  13.259  1.00 23.61 ? 0    TYZ B O4  1 
HETATM 240  C C9  . TYZ B 1 1  ? -9.991  26.463  13.707  1.00 22.65 ? 0    TYZ B C9  1 
ATOM   241  N N   . ARG B 1 2  ? -8.639  22.447  5.975   1.00 15.59 ? 1    ARG B N   1 
ATOM   242  C CA  . ARG B 1 2  ? -8.550  21.617  4.766   1.00 16.67 ? 1    ARG B CA  1 
ATOM   243  C C   . ARG B 1 2  ? -7.215  20.870  4.753   1.00 17.84 ? 1    ARG B C   1 
ATOM   244  O O   . ARG B 1 2  ? -7.168  19.673  4.401   1.00 17.10 ? 1    ARG B O   1 
ATOM   245  C CB  . ARG B 1 2  ? -8.650  22.474  3.514   1.00 16.41 ? 1    ARG B CB  1 
ATOM   246  C CG  . ARG B 1 2  ? -8.796  21.688  2.201   1.00 20.89 ? 1    ARG B CG  1 
ATOM   247  C CD  . ARG B 1 2  ? -9.044  22.705  1.100   1.00 23.79 ? 1    ARG B CD  1 
ATOM   248  N NE  . ARG B 1 2  ? -9.111  22.143  -0.265  1.00 26.10 ? 1    ARG B NE  1 
ATOM   249  C CZ  . ARG B 1 2  ? -8.056  21.915  -1.047  1.00 23.33 ? 1    ARG B CZ  1 
ATOM   250  N NH1 . ARG B 1 2  ? -6.799  22.116  -0.603  1.00 24.71 ? 1    ARG B NH1 1 
ATOM   251  N NH2 . ARG B 1 2  ? -8.269  21.475  -2.281  1.00 22.60 ? 1    ARG B NH2 1 
ATOM   252  N N   . MET B 1 3  ? -6.118  21.536  5.140   1.00 15.20 ? 2    MET B N   1 
ATOM   253  C CA  . MET B 1 3  ? -4.781  20.914  5.169   1.00 17.64 ? 2    MET B CA  1 
ATOM   254  C C   . MET B 1 3  ? -4.673  19.992  6.338   1.00 17.44 ? 2    MET B C   1 
ATOM   255  O O   . MET B 1 3  ? -4.205  18.854  6.190   1.00 17.23 ? 2    MET B O   1 
ATOM   256  C CB  . MET B 1 3  ? -3.701  21.987  5.266   1.00 17.50 ? 2    MET B CB  1 
ATOM   257  C CG  . MET B 1 3  ? -2.413  21.500  4.557   1.00 20.10 ? 2    MET B CG  1 
ATOM   258  S SD  . MET B 1 3  ? -2.578  20.807  2.853   1.00 25.79 ? 2    MET B SD  1 
ATOM   259  C CE  . MET B 1 3  ? -3.795  21.898  2.174   1.00 21.60 ? 2    MET B CE  1 
ATOM   260  N N   . LYS B 1 4  ? -5.178  20.406  7.515   1.00 16.49 ? 3    LYS B N   1 
ATOM   261  C CA  . LYS B 1 4  ? -5.221  19.528  8.681   1.00 18.13 ? 3    LYS B CA  1 
ATOM   262  C C   . LYS B 1 4  ? -6.045  18.242  8.347   1.00 15.09 ? 3    LYS B C   1 
ATOM   263  O O   . LYS B 1 4  ? -5.628  17.116  8.704   1.00 16.51 ? 3    LYS B O   1 
ATOM   264  C CB  . LYS B 1 4  ? -5.754  20.270  9.929   1.00 18.51 ? 3    LYS B CB  1 
ATOM   265  C CG  . LYS B 1 4  ? -6.053  19.332  11.095  1.00 22.42 ? 3    LYS B CG  1 
ATOM   266  N N   . GLN B 1 5  ? -7.134  18.384  7.623   1.00 15.50 ? 4    GLN B N   1 
ATOM   267  C CA  . GLN B 1 5  ? -7.923  17.182  7.244   1.00 15.15 ? 4    GLN B CA  1 
ATOM   268  C C   . GLN B 1 5  ? -7.112  16.227  6.379   1.00 13.69 ? 4    GLN B C   1 
ATOM   269  O O   . GLN B 1 5  ? -7.100  15.006  6.626   1.00 14.91 ? 4    GLN B O   1 
ATOM   270  C CB  . GLN B 1 5  ? -9.200  17.570  6.547   1.00 16.70 ? 4    GLN B CB  1 
ATOM   271  C CG  . GLN B 1 5  ? -10.054 16.368  6.200   1.00 18.59 ? 4    GLN B CG  1 
ATOM   272  C CD  . GLN B 1 5  ? -11.515 16.734  5.923   1.00 23.04 ? 4    GLN B CD  1 
ATOM   273  O OE1 . GLN B 1 5  ? -11.899 17.906  5.890   1.00 22.67 ? 4    GLN B OE1 1 
ATOM   274  N NE2 . GLN B 1 5  ? -12.336 15.731  5.733   1.00 22.94 ? 4    GLN B NE2 1 
ATOM   275  N N   . ILE B 1 6  ? -6.357  16.769  5.413   1.00 14.31 ? 5    ILE B N   1 
ATOM   276  C CA  . ILE B 1 6  ? -5.554  15.935  4.534   1.00 14.20 ? 5    ILE B CA  1 
ATOM   277  C C   . ILE B 1 6  ? -4.400  15.288  5.354   1.00 14.07 ? 5    ILE B C   1 
ATOM   278  O O   . ILE B 1 6  ? -4.127  14.082  5.212   1.00 12.59 ? 5    ILE B O   1 
ATOM   279  C CB  . ILE B 1 6  ? -4.977  16.805  3.385   1.00 14.58 ? 5    ILE B CB  1 
ATOM   280  C CG1 . ILE B 1 6  ? -6.061  16.996  2.330   1.00 16.27 ? 5    ILE B CG1 1 
ATOM   281  C CG2 . ILE B 1 6  ? -3.866  16.045  2.671   1.00 15.61 ? 5    ILE B CG2 1 
ATOM   282  C CD1 . ILE B 1 6  ? -5.871  18.211  1.376   1.00 16.28 ? 5    ILE B CD1 1 
ATOM   283  N N   . GLU B 1 7  ? -3.764  16.040  6.251   1.00 13.77 ? 6    GLU B N   1 
ATOM   284  C CA  . GLU B 1 7  ? -2.638  15.482  7.052   1.00 14.20 ? 6    GLU B CA  1 
ATOM   285  C C   . GLU B 1 7  ? -3.239  14.303  7.871   1.00 13.93 ? 6    GLU B C   1 
ATOM   286  O O   . GLU B 1 7  ? -2.609  13.216  8.014   1.00 14.70 ? 6    GLU B O   1 
ATOM   287  C CB  . GLU B 1 7  ? -2.011  16.511  8.010   1.00 14.31 ? 6    GLU B CB  1 
ATOM   288  C CG  . GLU B 1 7  ? -1.320  17.656  7.250   1.00 15.53 ? 6    GLU B CG  1 
ATOM   289  C CD  . GLU B 1 7  ? -1.170  18.926  8.085   1.00 25.83 ? 6    GLU B CD  1 
ATOM   290  O OE1 . GLU B 1 7  ? -1.297  18.880  9.318   1.00 27.37 ? 6    GLU B OE1 1 
ATOM   291  O OE2 . GLU B 1 7  ? -0.976  19.990  7.485   1.00 31.68 ? 6    GLU B OE2 1 
ATOM   292  N N   . ASP B 1 8  ? -4.438  14.481  8.428   1.00 14.51 ? 7    ASP B N   1 
ATOM   293  C CA  . ASP B 1 8  ? -4.966  13.440  9.323   1.00 16.45 ? 7    ASP B CA  1 
ATOM   294  C C   . ASP B 1 8  ? -5.284  12.216  8.514   1.00 16.78 ? 7    ASP B C   1 
ATOM   295  O O   . ASP B 1 8  ? -5.048  11.077  9.026   1.00 16.80 ? 7    ASP B O   1 
ATOM   296  C CB  . ASP B 1 8  ? -6.206  13.869  10.147  1.00 16.72 ? 7    ASP B CB  1 
ATOM   297  C CG  . ASP B 1 8  ? -5.874  14.864  11.277  1.00 19.58 ? 7    ASP B CG  1 
ATOM   298  O OD1 . ASP B 1 8  ? -4.707  14.932  11.720  1.00 21.37 ? 7    ASP B OD1 1 
ATOM   299  O OD2 . ASP B 1 8  ? -6.862  15.537  11.723  1.00 25.12 ? 7    ASP B OD2 1 
ATOM   300  N N   . LYS B 1 9  ? -5.820  12.404  7.288   1.00 13.83 ? 8    LYS B N   1 
ATOM   301  C CA  . LYS B 1 9  ? -6.129  11.277  6.384   1.00 14.30 ? 8    LYS B CA  1 
ATOM   302  C C   . LYS B 1 9  ? -4.839  10.527  6.002   1.00 13.84 ? 8    LYS B C   1 
ATOM   303  O O   . LYS B 1 9  ? -4.816  9.276   5.928   1.00 15.06 ? 8    LYS B O   1 
ATOM   304  C CB  . LYS B 1 9  ? -6.876  11.725  5.129   1.00 16.77 ? 8    LYS B CB  1 
ATOM   305  C CG  . LYS B 1 9  ? -7.414  10.600  4.265   1.00 16.67 ? 8    LYS B CG  1 
ATOM   306  C CD  . LYS B 1 9  ? -8.291  9.710   5.128   1.00 21.95 ? 8    LYS B CD  1 
ATOM   307  C CE  . LYS B 1 9  ? -9.581  9.231   4.511   1.00 27.30 ? 8    LYS B CE  1 
ATOM   308  N NZ  . LYS B 1 9  ? -10.287 8.459   5.582   1.00 25.41 ? 8    LYS B NZ  1 
ATOM   309  N N   . LEU B 1 10 ? -3.765  11.244  5.709   1.00 13.52 ? 9    LEU B N   1 
ATOM   310  C CA  . LEU B 1 10 ? -2.473  10.611  5.413   1.00 12.56 ? 9    LEU B CA  1 
ATOM   311  C C   . LEU B 1 10 ? -1.947  9.784   6.586   1.00 14.79 ? 9    LEU B C   1 
ATOM   312  O O   . LEU B 1 10 ? -1.434  8.671   6.398   1.00 14.69 ? 9    LEU B O   1 
ATOM   313  C CB  . LEU B 1 10 ? -1.417  11.669  5.017   1.00 13.60 ? 9    LEU B CB  1 
ATOM   314  C CG  . LEU B 1 10 ? -1.583  12.331  3.667   1.00 12.63 ? 9    LEU B CG  1 
ATOM   315  C CD1 . LEU B 1 10 ? -0.535  13.503  3.459   1.00 14.42 ? 9    LEU B CD1 1 
ATOM   316  C CD2 . LEU B 1 10 ? -1.332  11.239  2.590   1.00 14.16 ? 9    LEU B CD2 1 
ATOM   317  N N   . GLU B 1 11 ? -2.170  10.248  7.809   1.00 15.21 ? 10   GLU B N   1 
ATOM   318  C CA  . GLU B 1 11 ? -1.769  9.447   8.979   1.00 16.85 ? 10   GLU B CA  1 
ATOM   319  C C   . GLU B 1 11 ? -2.643  8.188   9.075   1.00 16.89 ? 10   GLU B C   1 
ATOM   320  O O   . GLU B 1 11 ? -2.123  7.096   9.359   1.00 16.38 ? 10   GLU B O   1 
ATOM   321  C CB  . GLU B 1 11 ? -1.854  10.297  10.264  1.00 19.54 ? 10   GLU B CB  1 
ATOM   322  C CG  . GLU B 1 11 ? -1.375  9.519   11.547  1.00 20.90 ? 10   GLU B CG  1 
ATOM   323  C CD  . GLU B 1 11 ? 0.171   9.175   11.612  1.00 23.59 ? 10   GLU B CD  1 
ATOM   324  O OE1 . GLU B 1 11 ? 0.982   9.879   10.956  1.00 24.79 ? 10   GLU B OE1 1 
ATOM   325  O OE2 . GLU B 1 11 ? 0.606   8.233   12.382  1.00 22.63 ? 10   GLU B OE2 1 
ATOM   326  N N   . GLU B 1 12 ? -3.932  8.283   8.783   1.00 15.90 ? 11   GLU B N   1 
ATOM   327  C CA  . GLU B 1 12 ? -4.799  7.101   8.735   1.00 15.98 ? 11   GLU B CA  1 
ATOM   328  C C   . GLU B 1 12 ? -4.267  6.118   7.688   1.00 15.92 ? 11   GLU B C   1 
ATOM   329  O O   . GLU B 1 12 ? -4.131  4.907   7.945   1.00 14.67 ? 11   GLU B O   1 
ATOM   330  C CB  . GLU B 1 12 ? -6.239  7.509   8.416   1.00 17.59 ? 11   GLU B CB  1 
ATOM   331  C CG  . GLU B 1 12 ? -7.201  6.335   8.618   1.00 20.13 ? 11   GLU B CG  1 
ATOM   332  C CD  . GLU B 1 12 ? -8.610  6.625   8.093   1.00 26.73 ? 11   GLU B CD  1 
ATOM   333  O OE1 . GLU B 1 12 ? -8.896  7.814   7.855   1.00 26.48 ? 11   GLU B OE1 1 
ATOM   334  O OE2 . GLU B 1 12 ? -9.434  5.688   7.925   1.00 29.94 ? 11   GLU B OE2 1 
ATOM   335  N N   . ILE B 1 13 ? -3.932  6.614   6.512   1.00 13.18 ? 12   ILE B N   1 
ATOM   336  C CA  . ILE B 1 13 ? -3.486  5.751   5.410   1.00 13.57 ? 12   ILE B CA  1 
ATOM   337  C C   . ILE B 1 13 ? -2.178  5.123   5.780   1.00 13.39 ? 12   ILE B C   1 
ATOM   338  O O   . ILE B 1 13 ? -1.993  3.936   5.486   1.00 13.52 ? 12   ILE B O   1 
ATOM   339  C CB  . ILE B 1 13 ? -3.395  6.544   4.094   1.00 12.54 ? 12   ILE B CB  1 
ATOM   340  C CG1 . ILE B 1 13 ? -4.794  6.913   3.646   1.00 16.81 ? 12   ILE B CG1 1 
ATOM   341  C CG2 . ILE B 1 13 ? -2.655  5.698   2.940   1.00 15.53 ? 12   ILE B CG2 1 
ATOM   342  C CD1 . ILE B 1 13 ? -4.819  7.936   2.480   1.00 18.94 ? 12   ILE B CD1 1 
ATOM   343  N N   . LEU B 1 14 ? -1.259  5.879   6.375   1.00 14.41 ? 13   LEU B N   1 
ATOM   344  C CA  . LEU B 1 14 ? -0.023  5.345   6.934   1.00 17.77 ? 13   LEU B CA  1 
ATOM   345  C C   . LEU B 1 14 ? -0.189  4.177   7.791   1.00 15.45 ? 13   LEU B C   1 
ATOM   346  O O   . LEU B 1 14 ? 0.525   3.183   7.623   1.00 17.34 ? 13   LEU B O   1 
ATOM   347  C CB  . LEU B 1 14 ? 0.610   6.408   7.832   1.00 18.66 ? 13   LEU B CB  1 
ATOM   348  C CG  . LEU B 1 14 ? 1.513   7.164   6.931   1.00 22.71 ? 13   LEU B CG  1 
ATOM   349  C CD1 . LEU B 1 14 ? 2.041   8.380   7.567   1.00 23.79 ? 13   LEU B CD1 1 
ATOM   350  C CD2 . LEU B 1 14 ? 2.620   6.271   6.427   1.00 24.09 ? 13   LEU B CD2 1 
ATOM   351  N N   . SER B 1 15 ? -1.038  4.333   8.785   1.00 16.57 ? 14   SER B N   1 
ATOM   352  C CA  . SER B 1 15 ? -1.353  3.301   9.745   1.00 17.68 ? 14   SER B CA  1 
ATOM   353  C C   . SER B 1 15 ? -1.869  2.069   9.027   1.00 17.51 ? 14   SER B C   1 
ATOM   354  O O   . SER B 1 15 ? -1.361  0.963   9.268   1.00 18.62 ? 14   SER B O   1 
ATOM   355  C CB  . SER B 1 15 ? -2.351  3.835   10.738  1.00 19.37 ? 14   SER B CB  1 
ATOM   356  O OG  . SER B 1 15 ? -1.992  3.322   12.008  1.00 26.55 ? 14   SER B OG  1 
ATOM   357  N N   . LYS B 1 16 ? -2.859  2.221   8.152   1.00 15.54 ? 15   LYS B N   1 
ATOM   358  C CA  . LYS B 1 16 ? -3.469  1.126   7.402   1.00 15.75 ? 15   LYS B CA  1 
ATOM   359  C C   . LYS B 1 16 ? -2.416  0.451   6.527   1.00 14.42 ? 15   LYS B C   1 
ATOM   360  O O   . LYS B 1 16 ? -2.321  -0.832  6.511   1.00 15.11 ? 15   LYS B O   1 
ATOM   361  C CB  . LYS B 1 16 ? -4.577  1.627   6.509   1.00 17.14 ? 15   LYS B CB  1 
ATOM   362  C CG  . LYS B 1 16 ? -5.880  1.882   7.232   1.00 17.91 ? 15   LYS B CG  1 
ATOM   363  N N   . GLY B 1 17 ? -1.527  1.211   5.862   1.00 13.88 ? 16   GLY B N   1 
ATOM   364  C CA  . GLY B 1 17 ? -0.458  0.611   5.039   1.00 14.46 ? 16   GLY B CA  1 
ATOM   365  C C   . GLY B 1 17 ? 0.501   -0.169  5.926   1.00 13.79 ? 16   GLY B C   1 
ATOM   366  O O   . GLY B 1 17 ? 0.854   -1.289  5.571   1.00 13.42 ? 16   GLY B O   1 
ATOM   367  N N   . HIS B 1 18 ? 0.862   0.352   7.116   1.00 13.71 ? 17   HIS B N   1 
ATOM   368  C CA  . HIS B 1 18 ? 1.684   -0.461  8.014   1.00 15.28 ? 17   HIS B CA  1 
ATOM   369  C C   . HIS B 1 18 ? 0.983   -1.770  8.422   1.00 14.38 ? 17   HIS B C   1 
ATOM   370  O O   . HIS B 1 18 ? 1.612   -2.863  8.427   1.00 14.99 ? 17   HIS B O   1 
ATOM   371  C CB  . HIS B 1 18 ? 2.176   0.347   9.219   1.00 15.24 ? 17   HIS B CB  1 
ATOM   372  C CG  . HIS B 1 18 ? 3.403   1.166   8.938   1.00 15.77 ? 17   HIS B CG  1 
ATOM   373  N ND1 . HIS B 1 18 ? 4.620   0.576   8.688   1.00 20.47 ? 17   HIS B ND1 1 
ATOM   374  C CD2 . HIS B 1 18 ? 3.627   2.515   8.917   1.00 14.90 ? 17   HIS B CD2 1 
ATOM   375  C CE1 . HIS B 1 18 ? 5.536   1.513   8.497   1.00 20.94 ? 17   HIS B CE1 1 
ATOM   376  N NE2 . HIS B 1 18 ? 4.956   2.696   8.633   1.00 18.39 ? 17   HIS B NE2 1 
ATOM   377  N N   . HIS B 1 19 ? -0.330  -1.708  8.668   1.00 15.15 ? 18   HIS B N   1 
ATOM   378  C CA  . HIS B 1 19 ? -1.107  -2.905  9.080   1.00 16.49 ? 18   HIS B CA  1 
ATOM   379  C C   . HIS B 1 19 ? -1.089  -3.899  7.901   1.00 14.00 ? 18   HIS B C   1 
ATOM   380  O O   . HIS B 1 19 ? -0.871  -5.123  8.109   1.00 14.60 ? 18   HIS B O   1 
ATOM   381  C CB  . HIS B 1 19 ? -2.554  -2.515  9.408   1.00 19.20 ? 18   HIS B CB  1 
ATOM   382  C CG  . HIS B 1 19 ? -3.488  -3.682  9.610   1.00 23.14 ? 18   HIS B CG  1 
ATOM   383  N ND1 . HIS B 1 19 ? -3.314  -4.621  10.608  1.00 28.73 ? 18   HIS B ND1 1 
ATOM   384  C CD2 . HIS B 1 19 ? -4.600  -4.068  8.932   1.00 28.48 ? 18   HIS B CD2 1 
ATOM   385  C CE1 . HIS B 1 19 ? -4.271  -5.528  10.537  1.00 26.49 ? 18   HIS B CE1 1 
ATOM   386  N NE2 . HIS B 1 19 ? -5.076  -5.213  9.539   1.00 29.67 ? 18   HIS B NE2 1 
ATOM   387  N N   . ILE B 1 20 ? -1.311  -3.409  6.680   1.00 13.60 ? 19   ILE B N   1 
ATOM   388  C CA  . ILE B 1 20 ? -1.274  -4.254  5.474   1.00 14.73 ? 19   ILE B CA  1 
ATOM   389  C C   . ILE B 1 20 ? 0.063   -4.936  5.311   1.00 14.63 ? 19   ILE B C   1 
ATOM   390  O O   . ILE B 1 20 ? 0.115   -6.166  5.038   1.00 12.98 ? 19   ILE B O   1 
ATOM   391  C CB  . ILE B 1 20 ? -1.669  -3.476  4.221   1.00 15.33 ? 19   ILE B CB  1 
ATOM   392  C CG1 . ILE B 1 20 ? -3.172  -3.261  4.287   1.00 17.74 ? 19   ILE B CG1 1 
ATOM   393  C CG2 . ILE B 1 20 ? -1.288  -4.228  2.911   1.00 17.96 ? 19   ILE B CG2 1 
ATOM   394  C CD1 . ILE B 1 20 ? -3.686  -2.255  3.278   1.00 17.26 ? 19   ILE B CD1 1 
ATOM   395  N N   . CYS B 1 21 ? 1.140   -4.199  5.481   1.00 13.43 ? 20   CYS B N   1 
ATOM   396  C CA  . CYS B 1 21 ? 2.429   -4.843  5.394   1.00 12.64 ? 20   CYS B CA  1 
ATOM   397  C C   . CYS B 1 21 ? 2.612   -5.915  6.426   1.00 13.69 ? 20   CYS B C   1 
ATOM   398  O O   . CYS B 1 21 ? 3.177   -6.981  6.091   1.00 14.65 ? 20   CYS B O   1 
ATOM   399  C CB  . CYS B 1 21 ? 3.563   -3.827  5.562   1.00 12.98 ? 20   CYS B CB  1 
ATOM   400  S SG  . CYS B 1 21 ? 3.688   -2.598  4.173   1.00 16.75 ? 20   CYS B SG  1 
ATOM   401  N N   . ASN B 1 22 ? 2.136   -5.648  7.665   1.00 11.82 ? 21   ASN B N   1 
ATOM   402  C CA  . ASN B 1 22 ? 2.242   -6.676  8.696   1.00 14.05 ? 21   ASN B CA  1 
ATOM   403  C C   . ASN B 1 22 ? 1.481   -7.949  8.319   1.00 12.58 ? 21   ASN B C   1 
ATOM   404  O O   . ASN B 1 22 ? 1.962   -9.086  8.523   1.00 12.68 ? 21   ASN B O   1 
ATOM   405  C CB  . ASN B 1 22 ? 1.773   -6.118  10.079  1.00 13.82 ? 21   ASN B CB  1 
ATOM   406  C CG  . ASN B 1 22 ? 2.723   -5.035  10.603  1.00 17.50 ? 21   ASN B CG  1 
ATOM   407  O OD1 . ASN B 1 22 ? 3.776   -4.805  10.006  1.00 19.77 ? 21   ASN B OD1 1 
ATOM   408  N ND2 . ASN B 1 22 ? 2.290   -4.259  11.611  1.00 17.97 ? 21   ASN B ND2 1 
ATOM   409  N N   . GLU B 1 23 ? 0.301   -7.771  7.732   1.00 12.16 ? 22   GLU B N   1 
ATOM   410  C CA  . GLU B 1 23 ? -0.533  -8.907  7.263   1.00 14.65 ? 22   GLU B CA  1 
ATOM   411  C C   . GLU B 1 23 ? 0.150   -9.735  6.147   1.00 12.62 ? 22   GLU B C   1 
ATOM   412  O O   . GLU B 1 23 ? 0.183   -10.985 6.153   1.00 12.76 ? 22   GLU B O   1 
ATOM   413  C CB  . GLU B 1 23 ? -1.910  -8.460  6.809   1.00 16.90 ? 22   GLU B CB  1 
ATOM   414  C CG  . GLU B 1 23 ? -2.802  -7.928  7.933   1.00 19.71 ? 22   GLU B CG  1 
ATOM   415  C CD  . GLU B 1 23 ? -3.304  -8.996  8.908   1.00 27.16 ? 22   GLU B CD  1 
ATOM   416  O OE1 . GLU B 1 23 ? -3.280  -10.228 8.582   1.00 28.77 ? 22   GLU B OE1 1 
ATOM   417  O OE2 . GLU B 1 23 ? -3.765  -8.562  10.001  1.00 29.54 ? 22   GLU B OE2 1 
ATOM   418  N N   . LEU B 1 24 ? 0.741   -9.022  5.195   1.00 11.18 ? 23   LEU B N   1 
ATOM   419  C CA  . LEU B 1 24 ? 1.512   -9.689  4.113   1.00 12.13 ? 23   LEU B CA  1 
ATOM   420  C C   . LEU B 1 24 ? 2.727   -10.437 4.660   1.00 12.87 ? 23   LEU B C   1 
ATOM   421  O O   . LEU B 1 24 ? 3.034   -11.519 4.176   1.00 12.30 ? 23   LEU B O   1 
ATOM   422  C CB  . LEU B 1 24 ? 1.947   -8.676  3.057   1.00 13.26 ? 23   LEU B CB  1 
ATOM   423  C CG  . LEU B 1 24 ? 0.798   -8.096  2.245   1.00 14.54 ? 23   LEU B CG  1 
ATOM   424  C CD1 . LEU B 1 24 ? 1.337   -6.964  1.414   1.00 15.21 ? 23   LEU B CD1 1 
ATOM   425  C CD2 . LEU B 1 24 ? 0.203   -9.143  1.314   1.00 14.72 ? 23   LEU B CD2 1 
ATOM   426  N N   . ALA B 1 25 ? 3.415   -9.881  5.669   1.00 12.50 ? 24   ALA B N   1 
ATOM   427  C CA  . ALA B 1 25 ? 4.562   -10.538 6.244   1.00 12.52 ? 24   ALA B CA  1 
ATOM   428  C C   . ALA B 1 25 ? 4.059   -11.815 6.951   1.00 11.24 ? 24   ALA B C   1 
ATOM   429  O O   . ALA B 1 25 ? 4.686   -12.911 6.911   1.00 13.39 ? 24   ALA B O   1 
ATOM   430  C CB  . ALA B 1 25 ? 5.197   -9.611  7.258   1.00 13.98 ? 24   ALA B CB  1 
ATOM   431  N N   . ARG B 1 26 ? 2.907   -11.725 7.611   1.00 12.96 ? 25   ARG B N   1 
ATOM   432  C CA  . ARG B 1 26 ? 2.312   -12.918 8.228   1.00 13.85 ? 25   ARG B CA  1 
ATOM   433  C C   . ARG B 1 26 ? 2.034   -13.989 7.199   1.00 12.25 ? 25   ARG B C   1 
ATOM   434  O O   . ARG B 1 26 ? 2.377   -15.178 7.405   1.00 13.56 ? 25   ARG B O   1 
ATOM   435  C CB  . ARG B 1 26 ? 1.031   -12.549 8.988   1.00 15.55 ? 25   ARG B CB  1 
ATOM   436  C CG  . ARG B 1 26 ? 0.443   -13.673 9.825   1.00 16.80 ? 25   ARG B CG  1 
ATOM   437  C CD  . ARG B 1 26 ? -0.709  -13.138 10.728  1.00 17.40 ? 25   ARG B CD  1 
ATOM   438  N N   . ILE B 1 27 ? 1.363   -13.615 6.089   1.00 13.02 ? 26   ILE B N   1 
ATOM   439  C CA  . ILE B 1 27 ? 1.099   -14.519 4.976   1.00 12.82 ? 26   ILE B CA  1 
ATOM   440  C C   . ILE B 1 27 ? 2.337   -15.155 4.390   1.00 13.01 ? 26   ILE B C   1 
ATOM   441  O O   . ILE B 1 27 ? 2.379   -16.364 4.185   1.00 13.55 ? 26   ILE B O   1 
ATOM   442  C CB  . ILE B 1 27 ? 0.264   -13.780 3.947   1.00 12.87 ? 26   ILE B CB  1 
ATOM   443  C CG1 . ILE B 1 27 ? -1.142  -13.601 4.543   1.00 13.34 ? 26   ILE B CG1 1 
ATOM   444  C CG2 . ILE B 1 27 ? 0.042   -14.634 2.632   1.00 11.75 ? 26   ILE B CG2 1 
ATOM   445  C CD1 . ILE B 1 27 ? -2.015  -12.585 3.774   1.00 15.28 ? 26   ILE B CD1 1 
ATOM   446  N N   . LYS B 1 28 ? 3.376   -14.355 4.241   1.00 12.26 ? 27   LYS B N   1 
ATOM   447  C CA  . LYS B 1 28 ? 4.632   -14.846 3.700   1.00 12.71 ? 27   LYS B CA  1 
ATOM   448  C C   . LYS B 1 28 ? 5.194   -15.930 4.640   1.00 12.73 ? 27   LYS B C   1 
ATOM   449  O O   . LYS B 1 28 ? 5.670   -16.970 4.155   1.00 13.21 ? 27   LYS B O   1 
ATOM   450  C CB  . LYS B 1 28 ? 5.658   -13.734 3.610   1.00 11.20 ? 27   LYS B CB  1 
ATOM   451  C CG  . LYS B 1 28 ? 6.994   -14.264 3.038   1.00 12.31 ? 27   LYS B CG  1 
ATOM   452  C CD  . LYS B 1 28 ? 8.052   -13.226 3.183   1.00 19.54 ? 27   LYS B CD  1 
ATOM   453  C CE  . LYS B 1 28 ? 9.302   -13.760 2.487   1.00 19.72 ? 27   LYS B CE  1 
ATOM   454  N NZ  . LYS B 1 28 ? 10.589  -13.102 2.874   1.00 27.32 ? 27   LYS B NZ  1 
ATOM   455  N N   . LYS B 1 29 ? 5.107   -15.682 5.938   1.00 12.67 ? 28   LYS B N   1 
ATOM   456  C CA  . LYS B 1 29 ? 5.579   -16.691 6.908   1.00 14.39 ? 28   LYS B CA  1 
ATOM   457  C C   . LYS B 1 29 ? 4.822   -18.000 6.779   1.00 12.56 ? 28   LYS B C   1 
ATOM   458  O O   . LYS B 1 29 ? 5.424   -19.110 6.680   1.00 13.35 ? 28   LYS B O   1 
ATOM   459  C CB  . LYS B 1 29 ? 5.515   -16.151 8.348   1.00 15.34 ? 28   LYS B CB  1 
ATOM   460  C CG  . LYS B 1 29 ? 5.794   -17.292 9.368   1.00 20.83 ? 28   LYS B CG  1 
ATOM   461  C CD  . LYS B 1 29 ? 6.756   -16.875 10.456  1.00 27.75 ? 28   LYS B CD  1 
ATOM   462  C CE  . LYS B 1 29 ? 7.250   -18.070 11.322  1.00 26.87 ? 28   LYS B CE  1 
ATOM   463  N NZ  . LYS B 1 29 ? 6.230   -18.890 12.058  1.00 34.23 ? 28   LYS B NZ  1 
ATOM   464  N N   . LEU B 1 30 ? 3.495   -17.905 6.834   1.00 13.31 ? 29   LEU B N   1 
ATOM   465  C CA  . LEU B 1 30 ? 2.629   -19.085 6.746   1.00 14.36 ? 29   LEU B CA  1 
ATOM   466  C C   . LEU B 1 30 ? 2.917   -19.908 5.463   1.00 13.49 ? 29   LEU B C   1 
ATOM   467  O O   . LEU B 1 30 ? 3.038   -21.129 5.504   1.00 14.54 ? 29   LEU B O   1 
ATOM   468  C CB  . LEU B 1 30 ? 1.141   -18.708 6.847   1.00 15.66 ? 29   LEU B CB  1 
ATOM   469  C CG  . LEU B 1 30 ? 0.749   -18.002 8.100   1.00 19.93 ? 29   LEU B CG  1 
ATOM   470  C CD1 . LEU B 1 30 ? -0.787  -17.657 7.892   1.00 18.35 ? 29   LEU B CD1 1 
ATOM   471  C CD2 . LEU B 1 30 ? 1.014   -18.908 9.281   1.00 20.60 ? 29   LEU B CD2 1 
ATOM   472  N N   . LEU B 1 31 ? 3.079   -19.222 4.319   1.00 13.01 ? 30   LEU B N   1 
ATOM   473  C CA  . LEU B 1 31 ? 3.213   -19.919 3.051   1.00 12.90 ? 30   LEU B CA  1 
ATOM   474  C C   . LEU B 1 31 ? 4.565   -20.628 2.968   1.00 13.25 ? 30   LEU B C   1 
ATOM   475  O O   . LEU B 1 31 ? 4.709   -21.590 2.174   1.00 15.56 ? 30   LEU B O   1 
ATOM   476  C CB  . LEU B 1 31 ? 3.128   -18.905 1.894   1.00 14.14 ? 30   LEU B CB  1 
ATOM   477  C CG  . LEU B 1 31 ? 1.698   -18.376 1.659   1.00 13.87 ? 30   LEU B CG  1 
ATOM   478  C CD1 . LEU B 1 31 ? 1.690   -17.317 0.590   1.00 16.56 ? 30   LEU B CD1 1 
ATOM   479  C CD2 . LEU B 1 31 ? 0.739   -19.521 1.245   1.00 11.80 ? 30   LEU B CD2 1 
ATOM   480  N N   . GLY B 1 32 ? 5.550   -20.193 3.799   1.00 12.47 ? 31   GLY B N   1 
ATOM   481  C CA  . GLY B 1 32 ? 6.826   -20.900 3.785   1.00 13.89 ? 31   GLY B CA  1 
ATOM   482  C C   . GLY B 1 32 ? 6.898   -22.103 4.707   1.00 14.48 ? 31   GLY B C   1 
ATOM   483  O O   . GLY B 1 32 ? 7.921   -22.821 4.616   1.00 15.75 ? 31   GLY B O   1 
ATOM   484  N N   . GLU B 1 33 ? 5.897   -22.313 5.576   1.00 14.54 ? 32   GLU B N   1 
ATOM   485  C CA  . GLU B 1 33 ? 5.913   -23.395 6.593   1.00 16.14 ? 32   GLU B CA  1 
ATOM   486  C C   . GLU B 1 33 ? 5.368   -24.680 5.987   1.00 17.41 ? 32   GLU B C   1 
ATOM   487  O O   . GLU B 1 33 ? 5.918   -25.781 6.220   1.00 16.37 ? 32   GLU B O   1 
ATOM   488  C CB  . GLU B 1 33 ? 5.055   -22.975 7.793   1.00 16.83 ? 32   GLU B CB  1 
ATOM   489  C CG  . GLU B 1 33 ? 5.721   -21.926 8.630   1.00 22.49 ? 32   GLU B CG  1 
ATOM   490  C CD  . GLU B 1 33 ? 4.802   -21.461 9.763   1.00 27.44 ? 32   GLU B CD  1 
ATOM   491  O OE1 . GLU B 1 33 ? 3.548   -21.592 9.686   1.00 33.05 ? 32   GLU B OE1 1 
ATOM   492  O OE2 . GLU B 1 33 ? 5.343   -20.939 10.742  1.00 36.90 ? 32   GLU B OE2 1 
ATOM   493  N N   . ARG B 1 34 ? 4.261   -24.598 5.270   1.00 15.67 ? 33   ARG B N   1 
ATOM   494  C CA  . ARG B 1 34 ? 3.557   -25.784 4.749   1.00 16.95 ? 33   ARG B CA  1 
ATOM   495  C C   . ARG B 1 34 ? 2.494   -25.378 3.727   1.00 19.30 ? 33   ARG B C   1 
ATOM   496  O O   . ARG B 1 34 ? 2.214   -24.171 3.630   1.00 18.33 ? 33   ARG B O   1 
ATOM   497  C CB  . ARG B 1 34 ? 2.895   -26.582 5.892   1.00 17.58 ? 33   ARG B CB  1 
ATOM   498  C CG  . ARG B 1 34 ? 1.880   -25.775 6.660   1.00 18.78 ? 33   ARG B CG  1 
ATOM   499  C CD  . ARG B 1 34 ? 1.365   -26.578 7.841   1.00 24.78 ? 33   ARG B CD  1 
ATOM   500  N NE  . ARG B 1 34 ? 2.457   -27.064 8.727   1.00 30.72 ? 33   ARG B NE  1 
ATOM   501  C CZ  . ARG B 1 34 ? 3.090   -26.355 9.665   1.00 31.31 ? 33   ARG B CZ  1 
ATOM   502  N NH1 . ARG B 1 34 ? 2.823   -25.071 9.885   1.00 30.31 ? 33   ARG B NH1 1 
ATOM   503  N NH2 . ARG B 1 34 ? 4.025   -26.933 10.401  1.00 31.19 ? 33   ARG B NH2 1 
ATOM   504  O OXT . ARG B 1 34 ? 1.863   -26.269 3.101   1.00 18.73 ? 33   ARG B OXT 1 
HETATM 505  O O1  . TYZ C 1 1  ? -8.143  -22.206 4.578   1.00 17.85 ? 0    TYZ C O1  1 
HETATM 506  C C7  . TYZ C 1 1  ? -8.016  -23.421 4.802   1.00 15.64 ? 0    TYZ C C7  1 
HETATM 507  C C3  . TYZ C 1 1  ? -9.141  -24.352 4.692   1.00 15.87 ? 0    TYZ C C3  1 
HETATM 508  C C4  . TYZ C 1 1  ? -10.459 -23.936 4.429   1.00 14.43 ? 0    TYZ C C4  1 
HETATM 509  C C5  . TYZ C 1 1  ? -11.463 -24.878 4.359   1.00 15.49 ? 0    TYZ C C5  1 
HETATM 510  C C6  . TYZ C 1 1  ? -11.210 -26.229 4.543   1.00 16.25 ? 0    TYZ C C6  1 
HETATM 511  C C1  . TYZ C 1 1  ? -9.883  -26.635 4.773   1.00 15.94 ? 0    TYZ C C1  1 
HETATM 512  C C2  . TYZ C 1 1  ? -8.836  -25.732 4.869   1.00 15.37 ? 0    TYZ C C2  1 
HETATM 513  C C8  . TYZ C 1 1  ? -13.533 -27.106 4.212   1.00 23.35 ? 0    TYZ C C8  1 
HETATM 514  N N   . TYZ C 1 1  ? -12.200 -27.183 4.469   1.00 18.76 ? 0    TYZ C N   1 
HETATM 515  O O4  . TYZ C 1 1  ? -14.180 -28.111 3.807   1.00 27.33 ? 0    TYZ C O4  1 
HETATM 516  C C9  . TYZ C 1 1  ? -14.186 -25.771 4.442   1.00 21.69 ? 0    TYZ C C9  1 
ATOM   517  N N   . ARG C 1 2  ? -6.803  -23.760 4.975   1.00 16.67 ? 1    ARG C N   1 
ATOM   518  C CA  . ARG C 1 2  ? -5.708  -22.844 5.235   1.00 17.91 ? 1    ARG C CA  1 
ATOM   519  C C   . ARG C 1 2  ? -5.329  -21.996 4.009   1.00 17.51 ? 1    ARG C C   1 
ATOM   520  O O   . ARG C 1 2  ? -5.002  -20.794 4.146   1.00 16.45 ? 1    ARG C O   1 
ATOM   521  C CB  . ARG C 1 2  ? -4.515  -23.650 5.672   1.00 16.98 ? 1    ARG C CB  1 
ATOM   522  C CG  . ARG C 1 2  ? -3.360  -22.832 6.263   1.00 23.04 ? 1    ARG C CG  1 
ATOM   523  C CD  . ARG C 1 2  ? -2.268  -23.800 6.681   1.00 23.82 ? 1    ARG C CD  1 
ATOM   524  N NE  . ARG C 1 2  ? -1.039  -23.179 7.200   1.00 26.03 ? 1    ARG C NE  1 
ATOM   525  C CZ  . ARG C 1 2  ? 0.000   -22.769 6.469   1.00 22.72 ? 1    ARG C CZ  1 
ATOM   526  N NH1 . ARG C 1 2  ? -0.023  -22.822 5.139   1.00 25.67 ? 1    ARG C NH1 1 
ATOM   527  N NH2 . ARG C 1 2  ? 1.056   -22.271 7.109   1.00 22.69 ? 1    ARG C NH2 1 
ATOM   528  N N   . MET C 1 3  ? -5.329  -22.594 2.809   1.00 15.48 ? 2    MET C N   1 
ATOM   529  C CA  . MET C 1 3  ? -4.998  -21.873 1.590   1.00 17.26 ? 2    MET C CA  1 
ATOM   530  C C   . MET C 1 3  ? -6.148  -21.001 1.188   1.00 17.45 ? 2    MET C C   1 
ATOM   531  O O   . MET C 1 3  ? -5.940  -19.857 0.767   1.00 17.14 ? 2    MET C O   1 
ATOM   532  C CB  . MET C 1 3  ? -4.658  -22.837 0.445   1.00 18.21 ? 2    MET C CB  1 
ATOM   533  C CG  . MET C 1 3  ? -3.708  -22.180 -0.543  1.00 19.63 ? 2    MET C CG  1 
ATOM   534  S SD  . MET C 1 3  ? -2.142  -21.505 0.183   1.00 25.07 ? 2    MET C SD  1 
ATOM   535  C CE  . MET C 1 3  ? -1.015  -22.750 -0.443  1.00 23.70 ? 2    MET C CE  1 
ATOM   536  N N   . LYS C 1 4  ? -7.397  -21.479 1.343   1.00 16.86 ? 3    LYS C N   1 
ATOM   537  C CA  . LYS C 1 4  ? -8.573  -20.675 1.025   1.00 17.25 ? 3    LYS C CA  1 
ATOM   538  C C   . LYS C 1 4  ? -8.607  -19.459 1.975   1.00 16.41 ? 3    LYS C C   1 
ATOM   539  O O   . LYS C 1 4  ? -8.926  -18.340 1.572   1.00 17.15 ? 3    LYS C O   1 
ATOM   540  C CB  . LYS C 1 4  ? -9.840  -21.530 1.152   1.00 17.67 ? 3    LYS C CB  1 
ATOM   541  C CG  . LYS C 1 4  ? -11.144 -20.721 1.005   1.00 22.70 ? 3    LYS C CG  1 
ATOM   542  N N   . GLN C 1 5  ? -8.242  -19.658 3.221   1.00 16.32 ? 4    GLN C N   1 
ATOM   543  C CA  . GLN C 1 5  ? -8.187  -18.489 4.162   1.00 16.76 ? 4    GLN C CA  1 
ATOM   544  C C   . GLN C 1 5  ? -7.178  -17.415 3.673   1.00 15.97 ? 4    GLN C C   1 
ATOM   545  O O   . GLN C 1 5  ? -7.414  -16.191 3.737   1.00 16.26 ? 4    GLN C O   1 
ATOM   546  C CB  . GLN C 1 5  ? -7.878  -18.912 5.610   1.00 17.65 ? 4    GLN C CB  1 
ATOM   547  C CG  . GLN C 1 5  ? -8.036  -17.760 6.615   1.00 19.01 ? 4    GLN C CG  1 
ATOM   548  C CD  . GLN C 1 5  ? -8.071  -18.239 8.058   1.00 22.10 ? 4    GLN C CD  1 
ATOM   549  O OE1 . GLN C 1 5  ? -7.956  -19.439 8.336   1.00 23.18 ? 4    GLN C OE1 1 
ATOM   550  N NE2 . GLN C 1 5  ? -8.179  -17.299 8.989   1.00 21.43 ? 4    GLN C NE2 1 
ATOM   551  N N   . ILE C 1 6  ? -6.029  -17.862 3.184   1.00 15.51 ? 5    ILE C N   1 
ATOM   552  C CA  . ILE C 1 6  ? -4.998  -16.916 2.751   1.00 14.20 ? 5    ILE C CA  1 
ATOM   553  C C   . ILE C 1 6  ? -5.483  -16.221 1.452   1.00 15.01 ? 5    ILE C C   1 
ATOM   554  O O   . ILE C 1 6  ? -5.301  -14.989 1.282   1.00 12.43 ? 5    ILE C O   1 
ATOM   555  C CB  . ILE C 1 6  ? -3.666  -17.684 2.475   1.00 14.42 ? 5    ILE C CB  1 
ATOM   556  C CG1 . ILE C 1 6  ? -3.035  -17.982 3.823   1.00 15.86 ? 5    ILE C CG1 1 
ATOM   557  C CG2 . ILE C 1 6  ? -2.699  -16.830 1.645   1.00 16.22 ? 5    ILE C CG2 1 
ATOM   558  C CD1 . ILE C 1 6  ? -1.870  -19.052 3.793   1.00 16.96 ? 5    ILE C CD1 1 
ATOM   559  N N   . GLU C 1 7  ? -6.102  -16.974 0.532   1.00 14.01 ? 6    GLU C N   1 
ATOM   560  C CA  . GLU C 1 7  ? -6.591  -16.397 -0.763  1.00 13.85 ? 6    GLU C CA  1 
ATOM   561  C C   . GLU C 1 7  ? -7.642  -15.333 -0.418  1.00 13.91 ? 6    GLU C C   1 
ATOM   562  O O   . GLU C 1 7  ? -7.630  -14.225 -1.045  1.00 14.75 ? 6    GLU C O   1 
ATOM   563  C CB  . GLU C 1 7  ? -7.245  -17.458 -1.654  1.00 13.44 ? 6    GLU C CB  1 
ATOM   564  C CG  . GLU C 1 7  ? -6.241  -18.483 -2.100  1.00 14.43 ? 6    GLU C CG  1 
ATOM   565  C CD  . GLU C 1 7  ? -6.902  -19.691 -2.714  1.00 24.00 ? 6    GLU C CD  1 
ATOM   566  O OE1 . GLU C 1 7  ? -7.921  -19.543 -3.416  1.00 30.48 ? 6    GLU C OE1 1 
ATOM   567  O OE2 . GLU C 1 7  ? -6.385  -20.795 -2.490  1.00 30.75 ? 6    GLU C OE2 1 
ATOM   568  N N   . ASP C 1 8  ? -8.562  -15.625 0.504   1.00 14.33 ? 7    ASP C N   1 
ATOM   569  C CA  . ASP C 1 8  ? -9.576  -14.664 0.877   1.00 16.26 ? 7    ASP C CA  1 
ATOM   570  C C   . ASP C 1 8  ? -8.921  -13.471 1.560   1.00 13.88 ? 7    ASP C C   1 
ATOM   571  O O   . ASP C 1 8  ? -9.410  -12.315 1.340   1.00 16.55 ? 7    ASP C O   1 
ATOM   572  C CB  . ASP C 1 8  ? -10.634 -15.246 1.822   1.00 14.99 ? 7    ASP C CB  1 
ATOM   573  C CG  . ASP C 1 8  ? -11.577 -16.234 1.151   1.00 19.73 ? 7    ASP C CG  1 
ATOM   574  O OD1 . ASP C 1 8  ? -11.650 -16.277 -0.083  1.00 20.25 ? 7    ASP C OD1 1 
ATOM   575  O OD2 . ASP C 1 8  ? -12.343 -16.925 1.910   1.00 23.62 ? 7    ASP C OD2 1 
ATOM   576  N N   . LYS C 1 9  ? -7.852  -13.649 2.355   1.00 14.34 ? 8    LYS C N   1 
ATOM   577  C CA  . LYS C 1 9  ? -7.202  -12.489 2.991   1.00 14.12 ? 8    LYS C CA  1 
ATOM   578  C C   . LYS C 1 9  ? -6.515  -11.634 1.913   1.00 13.15 ? 8    LYS C C   1 
ATOM   579  O O   . LYS C 1 9  ? -6.619  -10.385 1.918   1.00 13.83 ? 8    LYS C O   1 
ATOM   580  C CB  . LYS C 1 9  ? -6.211  -12.903 4.087   1.00 17.25 ? 8    LYS C CB  1 
ATOM   581  C CG  . LYS C 1 9  ? -5.750  -11.808 5.005   1.00 19.04 ? 8    LYS C CG  1 
ATOM   582  C CD  . LYS C 1 9  ? -6.930  -11.406 5.918   1.00 26.40 ? 8    LYS C CD  1 
ATOM   583  C CE  . LYS C 1 9  ? -6.515  -10.439 7.005   1.00 30.61 ? 8    LYS C CE  1 
ATOM   584  N NZ  . LYS C 1 9  ? -7.673  -9.606  7.370   1.00 29.37 ? 8    LYS C NZ  1 
ATOM   585  N N   . LEU C 1 10 ? -5.929  -12.256 0.902   1.00 14.42 ? 9    LEU C N   1 
ATOM   586  C CA  . LEU C 1 10 ? -5.357  -11.483 -0.183  1.00 13.41 ? 9    LEU C CA  1 
ATOM   587  C C   . LEU C 1 10 ? -6.388  -10.637 -0.905  1.00 14.97 ? 9    LEU C C   1 
ATOM   588  O O   . LEU C 1 10 ? -6.109  -9.484  -1.310  1.00 13.77 ? 9    LEU C O   1 
ATOM   589  C CB  . LEU C 1 10 ? -4.593  -12.375 -1.182  1.00 13.84 ? 9    LEU C CB  1 
ATOM   590  C CG  . LEU C 1 10 ? -3.301  -12.973 -0.629  1.00 13.44 ? 9    LEU C CG  1 
ATOM   591  C CD1 . LEU C 1 10 ? -2.765  -14.066 -1.612  1.00 12.00 ? 9    LEU C CD1 1 
ATOM   592  C CD2 . LEU C 1 10 ? -2.246  -11.877 -0.479  1.00 16.07 ? 9    LEU C CD2 1 
ATOM   593  N N   . GLU C 1 11 ? -7.593  -11.191 -1.039  1.00 16.02 ? 10   GLU C N   1 
ATOM   594  C CA  . GLU C 1 11 ? -8.646  -10.474 -1.783  1.00 17.85 ? 10   GLU C CA  1 
ATOM   595  C C   . GLU C 1 11 ? -9.028  -9.258  -0.978  1.00 16.82 ? 10   GLU C C   1 
ATOM   596  O O   . GLU C 1 11 ? -9.211  -8.169  -1.523  1.00 17.74 ? 10   GLU C O   1 
ATOM   597  C CB  . GLU C 1 11 ? -9.855  -11.397 -2.096  1.00 19.87 ? 10   GLU C CB  1 
ATOM   598  C CG  . GLU C 1 11 ? -10.953 -10.712 -2.992  1.00 20.84 ? 10   GLU C CG  1 
ATOM   599  C CD  . GLU C 1 11 ? -10.481 -10.162 -4.396  1.00 27.00 ? 10   GLU C CD  1 
ATOM   600  O OE1 . GLU C 1 11 ? -9.521  -10.696 -4.976  1.00 28.53 ? 10   GLU C OE1 1 
ATOM   601  O OE2 . GLU C 1 11 ? -11.138 -9.225  -4.954  1.00 25.31 ? 10   GLU C OE2 1 
ATOM   602  N N   . GLU C 1 12 ? -9.109  -9.410  0.315   1.00 13.37 ? 11   GLU C N   1 
ATOM   603  C CA  . GLU C 1 12 ? -9.408  -8.313  1.227   1.00 16.05 ? 11   GLU C CA  1 
ATOM   604  C C   . GLU C 1 12 ? -8.324  -7.220  1.114   1.00 15.42 ? 11   GLU C C   1 
ATOM   605  O O   . GLU C 1 12 ? -8.634  -6.007  1.052   1.00 15.33 ? 11   GLU C O   1 
ATOM   606  C CB  . GLU C 1 12 ? -9.523  -8.824  2.675   1.00 16.43 ? 11   GLU C CB  1 
ATOM   607  C CG  . GLU C 1 12 ? -9.888  -7.686  3.648   1.00 19.74 ? 11   GLU C CG  1 
ATOM   608  C CD  . GLU C 1 12 ? -9.914  -8.078  5.125   1.00 21.79 ? 11   GLU C CD  1 
ATOM   609  O OE1 . GLU C 1 12 ? -9.676  -9.272  5.395   1.00 24.27 ? 11   GLU C OE1 1 
ATOM   610  O OE2 . GLU C 1 12 ? -10.225 -7.206  5.991   1.00 25.11 ? 11   GLU C OE2 1 
ATOM   611  N N   . ILE C 1 13 ? -7.057  -7.596  1.170   1.00 13.58 ? 12   ILE C N   1 
ATOM   612  C CA  . ILE C 1 13 ? -5.960  -6.659  1.132   1.00 12.79 ? 12   ILE C CA  1 
ATOM   613  C C   . ILE C 1 13 ? -5.919  -5.951  -0.190  1.00 12.72 ? 12   ILE C C   1 
ATOM   614  O O   . ILE C 1 13 ? -5.754  -4.737  -0.191  1.00 12.70 ? 12   ILE C O   1 
ATOM   615  C CB  . ILE C 1 13 ? -4.656  -7.443  1.370   1.00 13.02 ? 12   ILE C CB  1 
ATOM   616  C CG1 . ILE C 1 13 ? -4.647  -7.924  2.811   1.00 14.51 ? 12   ILE C CG1 1 
ATOM   617  C CG2 . ILE C 1 13 ? -3.414  -6.539  0.990   1.00 13.42 ? 12   ILE C CG2 1 
ATOM   618  C CD1 . ILE C 1 13 ? -3.534  -8.948  3.081   1.00 17.16 ? 12   ILE C CD1 1 
ATOM   619  N N   . LEU C 1 14 ? -6.030  -6.648  -1.320  1.00 14.83 ? 13   LEU C N   1 
ATOM   620  C CA  . LEU C 1 14 ? -5.976  -5.894  -2.566  1.00 16.33 ? 13   LEU C CA  1 
ATOM   621  C C   . LEU C 1 14 ? -7.283  -4.980  -2.729  1.00 15.44 ? 13   LEU C C   1 
ATOM   622  O O   . LEU C 1 14 ? -7.164  -3.892  -3.273  1.00 16.96 ? 13   LEU C O   1 
ATOM   623  C CB  . LEU C 1 14 ? -5.486  -6.764  -3.769  1.00 16.66 ? 13   LEU C CB  1 
ATOM   624  C CG  . LEU C 1 14 ? -6.638  -7.675  -4.187  1.00 18.49 ? 13   LEU C CG  1 
ATOM   625  C CD1 . LEU C 1 14 ? -7.496  -6.992  -5.280  1.00 15.51 ? 13   LEU C CD1 1 
ATOM   626  C CD2 . LEU C 1 14 ? -6.063  -8.950  -4.758  1.00 20.30 ? 13   LEU C CD2 1 
ATOM   627  N N   . SER C 1 15 ? -8.452  -5.319  -2.191  1.00 15.49 ? 14   SER C N   1 
ATOM   628  C CA  . SER C 1 15 ? -9.583  -4.388  -2.076  1.00 18.03 ? 14   SER C CA  1 
ATOM   629  C C   . SER C 1 15 ? -9.215  -3.121  -1.272  1.00 18.06 ? 14   SER C C   1 
ATOM   630  O O   . SER C 1 15 ? -9.427  -1.959  -1.744  1.00 18.38 ? 14   SER C O   1 
ATOM   631  C CB  . SER C 1 15 ? -10.773 -5.122  -1.523  1.00 19.85 ? 14   SER C CB  1 
ATOM   632  O OG  . SER C 1 15 ? -11.275 -5.916  -2.589  1.00 29.33 ? 14   SER C OG  1 
ATOM   633  N N   . LYS C 1 16 ? -8.650  -3.290  -0.082  1.00 15.61 ? 15   LYS C N   1 
ATOM   634  C CA  . LYS C 1 16 ? -8.244  -2.170  0.777   1.00 14.83 ? 15   LYS C CA  1 
ATOM   635  C C   . LYS C 1 16 ? -7.184  -1.374  0.020   1.00 14.77 ? 15   LYS C C   1 
ATOM   636  O O   . LYS C 1 16 ? -7.180  -0.110  0.025   1.00 15.89 ? 15   LYS C O   1 
ATOM   637  C CB  . LYS C 1 16 ? -7.650  -2.672  2.120   1.00 16.93 ? 15   LYS C CB  1 
ATOM   638  C CG  . LYS C 1 16 ? -8.637  -3.081  3.227   1.00 15.87 ? 15   LYS C CG  1 
ATOM   639  N N   . GLY C 1 17 ? -6.289  -2.063  -0.691  1.00 12.87 ? 16   GLY C N   1 
ATOM   640  C CA  . GLY C 1 17 ? -5.217  -1.387  -1.456  1.00 13.17 ? 16   GLY C CA  1 
ATOM   641  C C   . GLY C 1 17 ? -5.775  -0.517  -2.569  1.00 12.76 ? 16   GLY C C   1 
ATOM   642  O O   . GLY C 1 17 ? -5.353  0.637   -2.762  1.00 12.16 ? 16   GLY C O   1 
ATOM   643  N N   . HIS C 1 18 ? -6.763  -1.053  -3.305  1.00 12.39 ? 17   HIS C N   1 
ATOM   644  C CA  . HIS C 1 18 ? -7.451  -0.224  -4.281  1.00 13.94 ? 17   HIS C CA  1 
ATOM   645  C C   . HIS C 1 18 ? -8.147  0.998   -3.654  1.00 13.59 ? 17   HIS C C   1 
ATOM   646  O O   . HIS C 1 18 ? -8.036  2.146   -4.194  1.00 15.15 ? 17   HIS C O   1 
ATOM   647  C CB  . HIS C 1 18 ? -8.417  -1.077  -5.149  1.00 15.26 ? 17   HIS C CB  1 
ATOM   648  C CG  . HIS C 1 18 ? -7.731  -1.824  -6.256  1.00 16.73 ? 17   HIS C CG  1 
ATOM   649  N ND1 . HIS C 1 18 ? -7.145  -1.177  -7.322  1.00 22.95 ? 17   HIS C ND1 1 
ATOM   650  C CD2 . HIS C 1 18 ? -7.555  -3.158  -6.497  1.00 17.28 ? 17   HIS C CD2 1 
ATOM   651  C CE1 . HIS C 1 18 ? -6.606  -2.062  -8.144  1.00 21.72 ? 17   HIS C CE1 1 
ATOM   652  N NE2 . HIS C 1 18 ? -6.844  -3.272  -7.666  1.00 20.22 ? 17   HIS C NE2 1 
ATOM   653  N N   . HIS C 1 19 ? -8.803  0.816   -2.508  1.00 14.44 ? 18   HIS C N   1 
ATOM   654  C CA  . HIS C 1 19 ? -9.403  1.941   -1.785  1.00 16.27 ? 18   HIS C CA  1 
ATOM   655  C C   . HIS C 1 19 ? -8.368  3.000   -1.400  1.00 14.88 ? 18   HIS C C   1 
ATOM   656  O O   . HIS C 1 19 ? -8.568  4.210   -1.648  1.00 14.21 ? 18   HIS C O   1 
ATOM   657  C CB  . HIS C 1 19 ? -10.110 1.399   -0.547  1.00 18.66 ? 18   HIS C CB  1 
ATOM   658  C CG  . HIS C 1 19 ? -10.724 2.456   0.315   1.00 21.95 ? 18   HIS C CG  1 
ATOM   659  N ND1 . HIS C 1 19 ? -11.687 3.327   -0.141  1.00 29.54 ? 18   HIS C ND1 1 
ATOM   660  C CD2 . HIS C 1 19 ? -10.493 2.798   1.604   1.00 25.10 ? 18   HIS C CD2 1 
ATOM   661  C CE1 . HIS C 1 19 ? -12.010 4.171   0.820   1.00 23.12 ? 18   HIS C CE1 1 
ATOM   662  N NE2 . HIS C 1 19 ? -11.303 3.871   1.892   1.00 27.36 ? 18   HIS C NE2 1 
ATOM   663  N N   . ILE C 1 20 ? -7.256  2.584   -0.801  1.00 15.36 ? 19   ILE C N   1 
ATOM   664  C CA  . ILE C 1 20 ? -6.137  3.489   -0.465  1.00 14.70 ? 19   ILE C CA  1 
ATOM   665  C C   . ILE C 1 20 ? -5.659  4.244   -1.681  1.00 13.98 ? 19   ILE C C   1 
ATOM   666  O O   . ILE C 1 20 ? -5.454  5.474   -1.631  1.00 13.21 ? 19   ILE C O   1 
ATOM   667  C CB  . ILE C 1 20 ? -4.980  2.716   0.165   1.00 15.21 ? 19   ILE C CB  1 
ATOM   668  C CG1 . ILE C 1 20 ? -5.411  2.394   1.582   1.00 16.22 ? 19   ILE C CG1 1 
ATOM   669  C CG2 . ILE C 1 20 ? -3.721  3.511   0.161   1.00 16.63 ? 19   ILE C CG2 1 
ATOM   670  C CD1 . ILE C 1 20 ? -4.609  1.298   2.249   1.00 18.28 ? 19   ILE C CD1 1 
ATOM   671  N N   . CYS C 1 21 ? -5.492  3.556   -2.800  1.00 13.36 ? 20   CYS C N   1 
ATOM   672  C CA  . CYS C 1 21 ? -5.028  4.272   -3.963  1.00 14.01 ? 20   CYS C CA  1 
ATOM   673  C C   . CYS C 1 21 ? -6.067  5.335   -4.389  1.00 14.00 ? 20   CYS C C   1 
ATOM   674  O O   . CYS C 1 21 ? -5.708  6.491   -4.695  1.00 14.10 ? 20   CYS C O   1 
ATOM   675  C CB  . CYS C 1 21 ? -4.775  3.310   -5.115  1.00 14.56 ? 20   CYS C CB  1 
ATOM   676  S SG  . CYS C 1 21 ? -3.336  2.243   -4.949  1.00 15.86 ? 20   CYS C SG  1 
ATOM   677  N N   . ASN C 1 22 ? -7.356  4.971   -4.350  1.00 13.51 ? 21   ASN C N   1 
ATOM   678  C CA  . ASN C 1 22 ? -8.390  5.948   -4.664  1.00 15.27 ? 21   ASN C CA  1 
ATOM   679  C C   . ASN C 1 22 ? -8.357  7.170   -3.722  1.00 13.46 ? 21   ASN C C   1 
ATOM   680  O O   . ASN C 1 22 ? -8.512  8.325   -4.179  1.00 14.09 ? 21   ASN C O   1 
ATOM   681  C CB  . ASN C 1 22 ? -9.762  5.288   -4.670  1.00 15.27 ? 21   ASN C CB  1 
ATOM   682  C CG  . ASN C 1 22 ? -9.930  4.281   -5.784  1.00 17.06 ? 21   ASN C CG  1 
ATOM   683  O OD1 . ASN C 1 22 ? -9.105  4.198   -6.700  1.00 18.67 ? 21   ASN C OD1 1 
ATOM   684  N ND2 . ASN C 1 22 ? -10.949 3.407   -5.651  1.00 16.25 ? 21   ASN C ND2 1 
ATOM   685  N N   . GLU C 1 23 ? -8.089  6.939   -2.446  1.00 13.05 ? 22   GLU C N   1 
ATOM   686  C CA  . GLU C 1 23 ? -8.012  8.005   -1.470  1.00 13.55 ? 22   GLU C CA  1 
ATOM   687  C C   . GLU C 1 23 ? -6.784  8.921   -1.767  1.00 11.68 ? 22   GLU C C   1 
ATOM   688  O O   . GLU C 1 23 ? -6.904  10.150  -1.758  1.00 13.11 ? 22   GLU C O   1 
ATOM   689  C CB  . GLU C 1 23 ? -7.914  7.481   -0.037  1.00 12.68 ? 22   GLU C CB  1 
ATOM   690  C CG  . GLU C 1 23 ? -9.204  6.831   0.550   1.00 18.41 ? 22   GLU C CG  1 
ATOM   691  C CD  . GLU C 1 23 ? -10.306 7.835   0.829   1.00 23.64 ? 22   GLU C CD  1 
ATOM   692  O OE1 . GLU C 1 23 ? -10.061 9.060   0.965   1.00 30.32 ? 22   GLU C OE1 1 
ATOM   693  N N   . LEU C 1 24 ? -5.635  8.319   -2.061  1.00 11.85 ? 23   LEU C N   1 
ATOM   694  C CA  . LEU C 1 24 ? -4.463  9.111   -2.469  1.00 11.51 ? 23   LEU C CA  1 
ATOM   695  C C   . LEU C 1 24 ? -4.680  9.929   -3.746  1.00 12.74 ? 23   LEU C C   1 
ATOM   696  O O   . LEU C 1 24 ? -4.193  11.038  -3.833  1.00 11.43 ? 23   LEU C O   1 
ATOM   697  C CB  . LEU C 1 24 ? -3.264  8.195   -2.629  1.00 13.06 ? 23   LEU C CB  1 
ATOM   698  C CG  . LEU C 1 24 ? -2.752  7.509   -1.384  1.00 14.82 ? 23   LEU C CG  1 
ATOM   699  C CD1 . LEU C 1 24 ? -1.622  6.610   -1.777  1.00 16.86 ? 23   LEU C CD1 1 
ATOM   700  C CD2 . LEU C 1 24 ? -2.255  8.535   -0.388  1.00 17.02 ? 23   LEU C CD2 1 
ATOM   701  N N   . ALA C 1 25 ? -5.392  9.373   -4.748  1.00 12.51 ? 24   ALA C N   1 
ATOM   702  C CA  . ALA C 1 25 ? -5.675  10.106  -5.946  1.00 12.81 ? 24   ALA C CA  1 
ATOM   703  C C   . ALA C 1 25 ? -6.578  11.284  -5.603  1.00 11.97 ? 24   ALA C C   1 
ATOM   704  O O   . ALA C 1 25 ? -6.397  12.405  -6.148  1.00 13.76 ? 24   ALA C O   1 
ATOM   705  C CB  . ALA C 1 25 ? -6.368  9.181   -6.929  1.00 14.60 ? 24   ALA C CB  1 
ATOM   706  N N   . ARG C 1 26 ? -7.510  11.085  -4.653  1.00 12.51 ? 25   ARG C N   1 
ATOM   707  C CA  . ARG C 1 26 ? -8.385  12.176  -4.249  1.00 13.64 ? 25   ARG C CA  1 
ATOM   708  C C   . ARG C 1 26 ? -7.581  13.296  -3.601  1.00 13.48 ? 25   ARG C C   1 
ATOM   709  O O   . ARG C 1 26 ? -7.767  14.510  -3.914  1.00 13.86 ? 25   ARG C O   1 
ATOM   710  C CB  . ARG C 1 26 ? -9.460  11.658  -3.294  1.00 15.46 ? 25   ARG C CB  1 
ATOM   711  C CG  . ARG C 1 26 ? -10.423 12.689  -2.867  1.00 19.66 ? 25   ARG C CG  1 
ATOM   712  C CD  . ARG C 1 26 ? -11.545 12.098  -2.016  1.00 21.89 ? 25   ARG C CD  1 
ATOM   713  N NE  . ARG C 1 26 ? -12.307 13.240  -1.575  1.00 28.99 ? 25   ARG C NE  1 
ATOM   714  C CZ  . ARG C 1 26 ? -11.952 14.002  -0.561  1.00 31.38 ? 25   ARG C CZ  1 
ATOM   715  N NH1 . ARG C 1 26 ? -10.860 13.700  0.157   1.00 29.67 ? 25   ARG C NH1 1 
ATOM   716  N NH2 . ARG C 1 26 ? -12.697 15.076  -0.281  1.00 31.91 ? 25   ARG C NH2 1 
ATOM   717  N N   . ILE C 1 27 ? -6.695  12.915  -2.683  1.00 13.47 ? 26   ILE C N   1 
ATOM   718  C CA  . ILE C 1 27 ? -5.779  13.851  -2.041  1.00 13.54 ? 26   ILE C CA  1 
ATOM   719  C C   . ILE C 1 27 ? -4.859  14.603  -2.998  1.00 11.56 ? 26   ILE C C   1 
ATOM   720  O O   . ILE C 1 27 ? -4.723  15.818  -2.929  1.00 13.45 ? 26   ILE C O   1 
ATOM   721  C CB  . ILE C 1 27 ? -4.966  13.122  -0.980  1.00 13.63 ? 26   ILE C CB  1 
ATOM   722  C CG1 . ILE C 1 27 ? -5.898  12.784  0.203   1.00 14.24 ? 26   ILE C CG1 1 
ATOM   723  C CG2 . ILE C 1 27 ? -3.870  14.043  -0.378  1.00 11.69 ? 26   ILE C CG2 1 
ATOM   724  C CD1 . ILE C 1 27 ? -5.223  11.888  1.258   1.00 15.10 ? 26   ILE C CD1 1 
ATOM   725  N N   . LYS C 1 28 ? -4.345  13.916  -4.001  1.00 11.40 ? 27   LYS C N   1 
ATOM   726  C CA  . LYS C 1 28 ? -3.536  14.550  -5.043  1.00 12.06 ? 27   LYS C CA  1 
ATOM   727  C C   . LYS C 1 28 ? -4.356  15.640  -5.792  1.00 11.49 ? 27   LYS C C   1 
ATOM   728  O O   . LYS C 1 28 ? -3.830  16.725  -6.083  1.00 12.23 ? 27   LYS C O   1 
ATOM   729  C CB  . LYS C 1 28 ? -3.042  13.520  -6.042  1.00 11.75 ? 27   LYS C CB  1 
ATOM   730  C CG  . LYS C 1 28 ? -2.122  14.105  -7.082  1.00 13.88 ? 27   LYS C CG  1 
ATOM   731  C CD  . LYS C 1 28 ? -1.973  13.133  -8.194  1.00 16.95 ? 27   LYS C CD  1 
ATOM   732  C CE  . LYS C 1 28 ? -0.874  13.646  -9.133  1.00 19.34 ? 27   LYS C CE  1 
ATOM   733  N NZ  . LYS C 1 28 ? -1.341  14.751  -9.938  1.00 23.52 ? 27   LYS C NZ  1 
ATOM   734  N N   . LYS C 1 29 ? -5.600  15.308  -6.095  1.00 12.51 ? 28   LYS C N   1 
ATOM   735  C CA  . LYS C 1 29 ? -6.483  16.266  -6.795  1.00 14.20 ? 28   LYS C CA  1 
ATOM   736  C C   . LYS C 1 29 ? -6.694  17.488  -5.933  1.00 12.92 ? 28   LYS C C   1 
ATOM   737  O O   . LYS C 1 29 ? -6.470  18.636  -6.398  1.00 14.20 ? 28   LYS C O   1 
ATOM   738  C CB  . LYS C 1 29 ? -7.789  15.606  -7.238  1.00 14.59 ? 28   LYS C CB  1 
ATOM   739  C CG  . LYS C 1 29 ? -8.611  16.573  -8.107  1.00 21.39 ? 28   LYS C CG  1 
ATOM   740  C CD  . LYS C 1 29 ? -10.054 16.624  -7.715  1.00 28.93 ? 28   LYS C CD  1 
ATOM   741  N N   . LEU C 1 30 ? -7.050  17.295  -4.668  1.00 14.32 ? 29   LEU C N   1 
ATOM   742  C CA  . LEU C 1 30 ? -7.308  18.413  -3.805  1.00 14.62 ? 29   LEU C CA  1 
ATOM   743  C C   . LEU C 1 30 ? -6.096  19.313  -3.624  1.00 13.63 ? 29   LEU C C   1 
ATOM   744  O O   . LEU C 1 30 ? -6.202  20.534  -3.661  1.00 13.65 ? 29   LEU C O   1 
ATOM   745  C CB  . LEU C 1 30 ? -7.768  17.936  -2.434  1.00 15.39 ? 29   LEU C CB  1 
ATOM   746  C CG  . LEU C 1 30 ? -9.078  17.180  -2.380  1.00 19.42 ? 29   LEU C CG  1 
ATOM   747  C CD1 . LEU C 1 30 ? -9.295  16.694  -0.893  1.00 24.50 ? 29   LEU C CD1 1 
ATOM   748  C CD2 . LEU C 1 30 ? -10.246 18.038  -2.919  1.00 24.11 ? 29   LEU C CD2 1 
ATOM   749  N N   . LEU C 1 31 ? -4.911  18.680  -3.509  1.00 14.05 ? 30   LEU C N   1 
ATOM   750  C CA  . LEU C 1 31 ? -3.713  19.453  -3.253  1.00 14.28 ? 30   LEU C CA  1 
ATOM   751  C C   . LEU C 1 31 ? -3.304  20.301  -4.445  1.00 12.88 ? 30   LEU C C   1 
ATOM   752  O O   . LEU C 1 31 ? -2.557  21.305  -4.262  1.00 15.08 ? 30   LEU C O   1 
ATOM   753  C CB  . LEU C 1 31 ? -2.528  18.553  -2.856  1.00 15.24 ? 30   LEU C CB  1 
ATOM   754  C CG  . LEU C 1 31 ? -2.655  17.982  -1.435  1.00 13.33 ? 30   LEU C CG  1 
ATOM   755  C CD1 . LEU C 1 31 ? -1.560  16.958  -1.218  1.00 16.75 ? 30   LEU C CD1 1 
ATOM   756  C CD2 . LEU C 1 31 ? -2.627  19.060  -0.356  1.00 14.36 ? 30   LEU C CD2 1 
ATOM   757  N N   . GLY C 1 32 ? -3.782  19.890  -5.656  1.00 12.42 ? 31   GLY C N   1 
ATOM   758  C CA  . GLY C 1 32 ? -3.472  20.704  -6.854  1.00 12.82 ? 31   GLY C CA  1 
ATOM   759  C C   . GLY C 1 32 ? -4.392  21.882  -7.099  1.00 13.09 ? 31   GLY C C   1 
ATOM   760  O O   . GLY C 1 32 ? -4.065  22.706  -7.972  1.00 16.49 ? 31   GLY C O   1 
ATOM   761  N N   . GLU C 1 33 ? -5.529  21.927  -6.412  1.00 13.93 ? 32   GLU C N   1 
ATOM   762  C CA  . GLU C 1 33 ? -6.544  22.982  -6.630  1.00 14.99 ? 32   GLU C CA  1 
ATOM   763  C C   . GLU C 1 33 ? -6.245  24.243  -5.838  1.00 15.70 ? 32   GLU C C   1 
ATOM   764  O O   . GLU C 1 33 ? -6.353  25.370  -6.370  1.00 14.11 ? 32   GLU C O   1 
ATOM   765  C CB  . GLU C 1 33 ? -7.908  22.453  -6.222  1.00 16.35 ? 32   GLU C CB  1 
ATOM   766  C CG  . GLU C 1 33 ? -8.332  21.369  -7.154  1.00 21.19 ? 32   GLU C CG  1 
ATOM   767  C CD  . GLU C 1 33 ? -9.687  20.796  -6.784  1.00 27.34 ? 32   GLU C CD  1 
ATOM   768  O OE1 . GLU C 1 33 ? -10.022 20.703  -5.580  1.00 31.18 ? 32   GLU C OE1 1 
ATOM   769  O OE2 . GLU C 1 33 ? -10.400 20.437  -7.731  1.00 36.41 ? 32   GLU C OE2 1 
ATOM   770  N N   . ARG C 1 34 ? -5.912  24.132  -4.564  1.00 15.41 ? 33   ARG C N   1 
ATOM   771  C CA  . ARG C 1 34 ? -5.644  25.292  -3.739  1.00 17.87 ? 33   ARG C CA  1 
ATOM   772  C C   . ARG C 1 34 ? -4.972  24.838  -2.450  1.00 18.64 ? 33   ARG C C   1 
ATOM   773  O O   . ARG C 1 34 ? -4.898  23.616  -2.200  1.00 18.23 ? 33   ARG C O   1 
ATOM   774  C CB  . ARG C 1 34 ? -6.977  25.995  -3.375  1.00 17.48 ? 33   ARG C CB  1 
ATOM   775  C CG  . ARG C 1 34 ? -7.919  25.103  -2.562  1.00 20.18 ? 33   ARG C CG  1 
ATOM   776  C CD  . ARG C 1 34 ? -9.313  25.678  -2.429  1.00 19.83 ? 33   ARG C CD  1 
ATOM   777  N NE  . ARG C 1 34 ? -10.085 25.463  -3.670  1.00 28.51 ? 33   ARG C NE  1 
ATOM   778  C CZ  . ARG C 1 34 ? -10.413 26.409  -4.553  1.00 27.89 ? 33   ARG C CZ  1 
ATOM   779  N NH1 . ARG C 1 34 ? -11.104 26.065  -5.636  1.00 26.62 ? 33   ARG C NH1 1 
ATOM   780  N NH2 . ARG C 1 34 ? -10.065 27.679  -4.359  1.00 29.19 ? 33   ARG C NH2 1 
ATOM   781  O OXT . ARG C 1 34 ? -4.613  25.696  -1.589  1.00 18.07 ? 33   ARG C OXT 1 
ATOM   782  C C   . ARG D 1 2  ? 6.271   -20.855 -6.067  1.00 25.17 ? 1    ARG D C   1 
ATOM   783  O O   . ARG D 1 2  ? 6.049   -19.634 -6.027  1.00 26.66 ? 1    ARG D O   1 
ATOM   784  N N   . MET D 1 3  ? 6.674   -21.559 -5.006  1.00 25.16 ? 2    MET D N   1 
ATOM   785  C CA  . MET D 1 3  ? 6.507   -21.079 -3.633  1.00 23.09 ? 2    MET D CA  1 
ATOM   786  C C   . MET D 1 3  ? 7.585   -20.039 -3.242  1.00 20.87 ? 2    MET D C   1 
ATOM   787  O O   . MET D 1 3  ? 7.249   -18.967 -2.714  1.00 19.01 ? 2    MET D O   1 
ATOM   788  C CB  . MET D 1 3  ? 6.611   -22.249 -2.663  1.00 25.51 ? 2    MET D CB  1 
ATOM   789  C CG  . MET D 1 3  ? 5.494   -22.329 -1.643  1.00 26.52 ? 2    MET D CG  1 
ATOM   790  S SD  . MET D 1 3  ? 3.837   -22.500 -2.448  1.00 27.99 ? 2    MET D SD  1 
ATOM   791  C CE  . MET D 1 3  ? 3.043   -21.080 -1.746  1.00 28.55 ? 2    MET D CE  1 
ATOM   792  N N   . LYS D 1 4  ? 8.870   -20.360 -3.455  1.00 20.29 ? 3    LYS D N   1 
ATOM   793  C CA  . LYS D 1 4  ? 9.947   -19.383 -3.217  1.00 18.61 ? 3    LYS D CA  1 
ATOM   794  C C   . LYS D 1 4  ? 9.730   -18.055 -4.009  1.00 18.58 ? 3    LYS D C   1 
ATOM   795  O O   . LYS D 1 4  ? 9.981   -16.956 -3.479  1.00 18.53 ? 3    LYS D O   1 
ATOM   796  C CB  . LYS D 1 4  ? 11.359  -19.982 -3.412  1.00 20.68 ? 3    LYS D CB  1 
ATOM   797  N N   . GLN D 1 5  ? 9.197   -18.161 -5.228  1.00 17.14 ? 4    GLN D N   1 
ATOM   798  C CA  . GLN D 1 5  ? 8.843   -16.994 -6.113  1.00 17.46 ? 4    GLN D CA  1 
ATOM   799  C C   . GLN D 1 5  ? 7.752   -16.128 -5.452  1.00 17.11 ? 4    GLN D C   1 
ATOM   800  O O   . GLN D 1 5  ? 7.850   -14.851 -5.393  1.00 17.59 ? 4    GLN D O   1 
ATOM   801  C CB  . GLN D 1 5  ? 8.277   -17.464 -7.460  1.00 20.71 ? 4    GLN D CB  1 
ATOM   802  N N   . ILE D 1 6  ? 6.699   -16.795 -4.970  1.00 15.76 ? 5    ILE D N   1 
ATOM   803  C CA  . ILE D 1 6  ? 5.682   -16.105 -4.234  1.00 15.53 ? 5    ILE D CA  1 
ATOM   804  C C   . ILE D 1 6  ? 6.199   -15.402 -3.010  1.00 14.22 ? 5    ILE D C   1 
ATOM   805  O O   . ILE D 1 6  ? 5.841   -14.256 -2.772  1.00 12.65 ? 5    ILE D O   1 
ATOM   806  C CB  . ILE D 1 6  ? 4.524   -17.073 -3.938  1.00 16.24 ? 5    ILE D CB  1 
ATOM   807  C CG1 . ILE D 1 6  ? 3.872   -17.389 -5.278  1.00 17.65 ? 5    ILE D CG1 1 
ATOM   808  C CG2 . ILE D 1 6  ? 3.554   -16.482 -2.944  1.00 17.45 ? 5    ILE D CG2 1 
ATOM   809  C CD1 . ILE D 1 6  ? 2.746   -18.497 -5.145  1.00 20.80 ? 5    ILE D CD1 1 
ATOM   810  N N   A GLU D 1 7  ? 7.035   -16.109 -2.254  0.50 15.30 ? 6    GLU D N   1 
ATOM   811  N N   B GLU D 1 7  ? 7.009   -16.077 -2.225  0.50 15.30 ? 6    GLU D N   1 
ATOM   812  C CA  A GLU D 1 7  ? 7.562   -15.621 -0.973  0.50 14.35 ? 6    GLU D CA  1 
ATOM   813  C CA  B GLU D 1 7  ? 7.491   -15.469 -0.996  0.50 14.32 ? 6    GLU D CA  1 
ATOM   814  C C   A GLU D 1 7  ? 8.505   -14.434 -1.193  0.50 15.39 ? 6    GLU D C   1 
ATOM   815  C C   B GLU D 1 7  ? 8.356   -14.264 -1.362  0.50 15.04 ? 6    GLU D C   1 
ATOM   816  O O   A GLU D 1 7  ? 8.501   -13.508 -0.383  0.50 14.77 ? 6    GLU D O   1 
ATOM   817  O O   B GLU D 1 7  ? 8.159   -13.161 -0.858  0.50 13.80 ? 6    GLU D O   1 
ATOM   818  C CB  A GLU D 1 7  ? 8.303   -16.737 -0.241  0.50 14.20 ? 6    GLU D CB  1 
ATOM   819  C CB  B GLU D 1 7  ? 8.282   -16.498 -0.225  0.50 14.22 ? 6    GLU D CB  1 
ATOM   820  C CG  A GLU D 1 7  ? 7.389   -17.872 0.295   0.50 14.01 ? 6    GLU D CG  1 
ATOM   821  C CG  B GLU D 1 7  ? 7.353   -17.485 0.457   0.50 16.01 ? 6    GLU D CG  1 
ATOM   822  C CD  A GLU D 1 7  ? 6.520   -17.477 1.524   0.50 10.04 ? 6    GLU D CD  1 
ATOM   823  C CD  B GLU D 1 7  ? 7.886   -18.903 0.524   0.50 14.11 ? 6    GLU D CD  1 
ATOM   824  O OE1 B GLU D 1 7  ? 9.070   -19.105 0.230   0.50 17.31 ? 6    GLU D OE1 1 
ATOM   825  O OE2 B GLU D 1 7  ? 7.079   -19.809 0.860   0.50 14.08 ? 6    GLU D OE2 1 
ATOM   826  N N   . ASP D 1 8  ? 9.270   -14.476 -2.294  1.00 16.30 ? 7    ASP D N   1 
ATOM   827  C CA  . ASP D 1 8  ? 10.192  -13.401 -2.647  1.00 16.37 ? 7    ASP D CA  1 
ATOM   828  C C   . ASP D 1 8  ? 9.392   -12.216 -3.181  1.00 15.95 ? 7    ASP D C   1 
ATOM   829  O O   . ASP D 1 8  ? 9.749   -11.063 -2.891  1.00 18.12 ? 7    ASP D O   1 
ATOM   830  C CB  . ASP D 1 8  ? 11.215  -13.888 -3.641  1.00 16.30 ? 7    ASP D CB  1 
ATOM   831  C CG  . ASP D 1 8  ? 12.246  -14.841 -3.027  1.00 18.55 ? 7    ASP D CG  1 
ATOM   832  O OD1 . ASP D 1 8  ? 12.359  -14.977 -1.771  1.00 23.52 ? 7    ASP D OD1 1 
ATOM   833  O OD2 . ASP D 1 8  ? 13.005  -15.419 -3.842  1.00 23.98 ? 7    ASP D OD2 1 
ATOM   834  N N   . LYS D 1 9  ? 8.286   -12.440 -3.915  1.00 14.36 ? 8    LYS D N   1 
ATOM   835  C CA  . LYS D 1 9  ? 7.474   -11.301 -4.397  1.00 14.07 ? 8    LYS D CA  1 
ATOM   836  C C   . LYS D 1 9  ? 6.785   -10.602 -3.227  1.00 11.21 ? 8    LYS D C   1 
ATOM   837  O O   . LYS D 1 9  ? 6.666   -9.370  -3.186  1.00 12.48 ? 8    LYS D O   1 
ATOM   838  C CB  . LYS D 1 9  ? 6.387   -11.737 -5.428  1.00 15.75 ? 8    LYS D CB  1 
ATOM   839  C CG  . LYS D 1 9  ? 5.719   -10.658 -6.265  1.00 16.64 ? 8    LYS D CG  1 
ATOM   840  C CD  . LYS D 1 9  ? 6.815   -10.039 -7.202  1.00 23.16 ? 8    LYS D CD  1 
ATOM   841  C CE  . LYS D 1 9  ? 6.550   -8.676  -7.726  1.00 28.75 ? 8    LYS D CE  1 
ATOM   842  N NZ  . LYS D 1 9  ? 7.817   -8.280  -8.364  1.00 25.37 ? 8    LYS D NZ  1 
ATOM   843  N N   . LEU D 1 10 ? 6.306   -11.401 -2.259  1.00 11.17 ? 9    LEU D N   1 
ATOM   844  C CA  . LEU D 1 10 ? 5.632   -10.787 -1.045  1.00 11.24 ? 9    LEU D CA  1 
ATOM   845  C C   . LEU D 1 10 ? 6.706   -9.955  -0.298  1.00 10.70 ? 9    LEU D C   1 
ATOM   846  O O   . LEU D 1 10 ? 6.360   -8.847  0.129   1.00 13.99 ? 9    LEU D O   1 
ATOM   847  C CB  . LEU D 1 10 ? 4.991   -11.874 -0.130  1.00 11.04 ? 9    LEU D CB  1 
ATOM   848  C CG  . LEU D 1 10 ? 3.733   -12.517 -0.712  1.00 11.25 ? 9    LEU D CG  1 
ATOM   849  C CD1 . LEU D 1 10 ? 3.462   -13.776 0.095   1.00 13.48 ? 9    LEU D CD1 1 
ATOM   850  C CD2 . LEU D 1 10 ? 2.571   -11.557 -0.734  1.00 13.39 ? 9    LEU D CD2 1 
ATOM   851  N N   . GLU D 1 11 ? 7.937   -10.448 -0.221  1.00 14.42 ? 10   GLU D N   1 
ATOM   852  C CA  . GLU D 1 11 ? 8.940   -9.659  0.526   1.00 15.69 ? 10   GLU D CA  1 
ATOM   853  C C   . GLU D 1 11 ? 9.288   -8.376  -0.256  1.00 16.68 ? 10   GLU D C   1 
ATOM   854  O O   . GLU D 1 11 ? 9.385   -7.313  0.379   1.00 16.17 ? 10   GLU D O   1 
ATOM   855  C CB  . GLU D 1 11 ? 10.166  -10.500 0.789   1.00 18.68 ? 10   GLU D CB  1 
ATOM   856  C CG  . GLU D 1 11 ? 11.158  -9.816  1.731   1.00 21.72 ? 10   GLU D CG  1 
ATOM   857  C CD  . GLU D 1 11 ? 10.637  -9.600  3.185   1.00 22.44 ? 10   GLU D CD  1 
ATOM   858  O OE1 . GLU D 1 11 ? 9.923   -10.459 3.719   1.00 26.29 ? 10   GLU D OE1 1 
ATOM   859  O OE2 . GLU D 1 11 ? 10.985  -8.554  3.808   1.00 31.90 ? 10   GLU D OE2 1 
ATOM   860  N N   . GLU D 1 12 ? 9.371   -8.463  -1.589  1.00 15.92 ? 11   GLU D N   1 
ATOM   861  C CA  . GLU D 1 12 ? 9.534   -7.235  -2.405  1.00 15.52 ? 11   GLU D CA  1 
ATOM   862  C C   . GLU D 1 12 ? 8.360   -6.224  -2.152  1.00 15.38 ? 11   GLU D C   1 
ATOM   863  O O   . GLU D 1 12 ? 8.557   -4.997  -1.995  1.00 16.21 ? 11   GLU D O   1 
ATOM   864  C CB  . GLU D 1 12 ? 9.637   -7.575  -3.909  1.00 15.42 ? 11   GLU D CB  1 
ATOM   865  C CG  . GLU D 1 12 ? 9.856   -6.404  -4.824  1.00 16.99 ? 11   GLU D CG  1 
ATOM   866  C CD  . GLU D 1 12 ? 9.882   -6.780  -6.296  1.00 20.94 ? 11   GLU D CD  1 
ATOM   867  O OE1 . GLU D 1 12 ? 9.716   -7.996  -6.632  1.00 22.86 ? 11   GLU D OE1 1 
ATOM   868  O OE2 . GLU D 1 12 ? 10.136  -5.846  -7.117  1.00 27.85 ? 11   GLU D OE2 1 
ATOM   869  N N   . ILE D 1 13 ? 7.125   -6.743  -2.148  1.00 12.57 ? 12   ILE D N   1 
ATOM   870  C CA  . ILE D 1 13 ? 5.990   -5.885  -1.987  1.00 14.97 ? 12   ILE D CA  1 
ATOM   871  C C   . ILE D 1 13 ? 5.983   -5.228  -0.578  1.00 14.58 ? 12   ILE D C   1 
ATOM   872  O O   . ILE D 1 13 ? 5.723   -4.045  -0.485  1.00 14.99 ? 12   ILE D O   1 
ATOM   873  C CB  . ILE D 1 13 ? 4.692   -6.719  -2.150  1.00 15.06 ? 12   ILE D CB  1 
ATOM   874  C CG1 . ILE D 1 13 ? 4.479   -7.021  -3.646  1.00 15.26 ? 12   ILE D CG1 1 
ATOM   875  C CG2 . ILE D 1 13 ? 3.483   -5.938  -1.586  1.00 13.67 ? 12   ILE D CG2 1 
ATOM   876  C CD1 . ILE D 1 13 ? 3.479   -8.168  -3.915  1.00 16.14 ? 12   ILE D CD1 1 
ATOM   877  N N   . LEU D 1 14 ? 6.262   -5.972  0.486   1.00 16.87 ? 13   LEU D N   1 
ATOM   878  C CA  . LEU D 1 14 ? 6.068   -5.350  1.799   1.00 19.05 ? 13   LEU D CA  1 
ATOM   879  C C   . LEU D 1 14 ? 7.281   -4.394  2.080   1.00 19.66 ? 13   LEU D C   1 
ATOM   880  O O   . LEU D 1 14 ? 7.152   -3.431  2.856   1.00 20.02 ? 13   LEU D O   1 
ATOM   881  C CB  . LEU D 1 14 ? 5.712   -6.404  2.896   1.00 22.23 ? 13   LEU D CB  1 
ATOM   882  C CG  . LEU D 1 14 ? 6.881   -7.326  3.198   1.00 21.56 ? 13   LEU D CG  1 
ATOM   883  C CD1 . LEU D 1 14 ? 7.719   -6.712  4.347   1.00 24.50 ? 13   LEU D CD1 1 
ATOM   884  C CD2 . LEU D 1 14 ? 6.463   -8.736  3.658   1.00 18.99 ? 13   LEU D CD2 1 
ATOM   885  N N   A SER D 1 15 ? 8.411   -4.713  1.457   0.50 19.01 ? 14   SER D N   1 
ATOM   886  N N   B SER D 1 15 ? 8.399   -4.600  1.410   0.50 19.11 ? 14   SER D N   1 
ATOM   887  C CA  A SER D 1 15 ? 9.579   -3.855  1.359   0.50 18.98 ? 14   SER D CA  1 
ATOM   888  C CA  B SER D 1 15 ? 9.521   -3.686  1.541   0.50 19.42 ? 14   SER D CA  1 
ATOM   889  C C   A SER D 1 15 ? 9.127   -2.489  0.815   0.50 18.24 ? 14   SER D C   1 
ATOM   890  C C   B SER D 1 15 ? 9.352   -2.413  0.663   0.50 19.06 ? 14   SER D C   1 
ATOM   891  O O   A SER D 1 15 ? 9.239   -1.442  1.505   0.50 15.91 ? 14   SER D O   1 
ATOM   892  O O   B SER D 1 15 ? 9.841   -1.320  0.980   0.50 19.10 ? 14   SER D O   1 
ATOM   893  C CB  A SER D 1 15 ? 10.660  -4.548  0.501   0.50 20.51 ? 14   SER D CB  1 
ATOM   894  C CB  B SER D 1 15 ? 10.824  -4.448  1.352   0.50 20.39 ? 14   SER D CB  1 
ATOM   895  O OG  A SER D 1 15 ? 11.429  -3.666  -0.256  0.50 21.32 ? 14   SER D OG  1 
ATOM   896  O OG  B SER D 1 15 ? 10.875  -5.535  2.267   0.50 16.22 ? 14   SER D OG  1 
ATOM   897  N N   . LYS D 1 16 ? 8.566   -2.519  -0.389  1.00 16.68 ? 15   LYS D N   1 
ATOM   898  C CA  . LYS D 1 16 ? 8.122   -1.320  -1.077  1.00 14.52 ? 15   LYS D CA  1 
ATOM   899  C C   . LYS D 1 16 ? 6.980   -0.624  -0.310  1.00 13.21 ? 15   LYS D C   1 
ATOM   900  O O   . LYS D 1 16 ? 6.918   0.633   -0.259  1.00 13.90 ? 15   LYS D O   1 
ATOM   901  C CB  . LYS D 1 16 ? 7.597   -1.664  -2.487  1.00 16.20 ? 15   LYS D CB  1 
ATOM   902  C CG  . LYS D 1 16 ? 7.076   -0.560  -3.287  1.00 16.67 ? 15   LYS D CG  1 
ATOM   903  C CD  . LYS D 1 16 ? 8.177   0.534   -3.452  1.00 21.57 ? 15   LYS D CD  1 
ATOM   904  C CE  . LYS D 1 16 ? 9.208   0.022   -4.426  1.00 23.18 ? 15   LYS D CE  1 
ATOM   905  N NZ  . LYS D 1 16 ? 10.405  0.961   -4.512  1.00 24.62 ? 15   LYS D NZ  1 
ATOM   906  N N   . GLY D 1 17 ? 6.126   -1.418  0.322   1.00 13.21 ? 16   GLY D N   1 
ATOM   907  C CA  . GLY D 1 17 ? 5.145   -0.814  1.220   1.00 14.98 ? 16   GLY D CA  1 
ATOM   908  C C   . GLY D 1 17 ? 5.801   -0.021  2.326   1.00 14.93 ? 16   GLY D C   1 
ATOM   909  O O   . GLY D 1 17 ? 5.313   1.061   2.717   1.00 16.51 ? 16   GLY D O   1 
ATOM   910  N N   . HIS D 1 18 ? 6.915   -0.482  2.887   1.00 16.77 ? 17   HIS D N   1 
ATOM   911  C CA  . HIS D 1 18 ? 7.548   0.323   3.933   1.00 16.54 ? 17   HIS D CA  1 
ATOM   912  C C   . HIS D 1 18 ? 8.119   1.621   3.372   1.00 14.88 ? 17   HIS D C   1 
ATOM   913  O O   . HIS D 1 18 ? 8.062   2.668   3.992   1.00 15.43 ? 17   HIS D O   1 
ATOM   914  C CB  . HIS D 1 18 ? 8.661   -0.420  4.645   1.00 16.16 ? 17   HIS D CB  1 
ATOM   915  C CG  . HIS D 1 18 ? 8.206   -1.623  5.375   1.00 16.73 ? 17   HIS D CG  1 
ATOM   916  N ND1 . HIS D 1 18 ? 8.967   -2.775  5.455   1.00 22.21 ? 17   HIS D ND1 1 
ATOM   917  C CD2 . HIS D 1 18 ? 7.050   -1.876  6.049   1.00 24.31 ? 17   HIS D CD2 1 
ATOM   918  C CE1 . HIS D 1 18 ? 8.303   -3.679  6.161   1.00 22.17 ? 17   HIS D CE1 1 
ATOM   919  N NE2 . HIS D 1 18 ? 7.142   -3.158  6.541   1.00 24.16 ? 17   HIS D NE2 1 
ATOM   920  N N   . HIS D 1 19 ? 8.598   1.532   2.128   1.00 13.51 ? 18   HIS D N   1 
ATOM   921  C CA  . HIS D 1 19 ? 9.064   2.700   1.454   1.00 13.96 ? 18   HIS D CA  1 
ATOM   922  C C   . HIS D 1 19 ? 7.939   3.702   1.259   1.00 13.15 ? 18   HIS D C   1 
ATOM   923  O O   . HIS D 1 19 ? 8.096   4.901   1.542   1.00 13.46 ? 18   HIS D O   1 
ATOM   924  C CB  . HIS D 1 19 ? 9.708   2.343   0.104   1.00 15.05 ? 18   HIS D CB  1 
ATOM   925  C CG  . HIS D 1 19 ? 10.042  3.538   -0.720  1.00 15.46 ? 18   HIS D CG  1 
ATOM   926  N ND1 . HIS D 1 19 ? 11.116  4.340   -0.415  1.00 23.88 ? 18   HIS D ND1 1 
ATOM   927  C CD2 . HIS D 1 19 ? 9.425   4.100   -1.783  1.00 18.89 ? 18   HIS D CD2 1 
ATOM   928  C CE1 . HIS D 1 19 ? 11.177  5.325   -1.295  1.00 22.06 ? 18   HIS D CE1 1 
ATOM   929  N NE2 . HIS D 1 19 ? 10.171  5.204   -2.138  1.00 22.86 ? 18   HIS D NE2 1 
ATOM   930  N N   . ILE D 1 20 ? 6.791   3.221   0.755   1.00 12.67 ? 19   ILE D N   1 
ATOM   931  C CA  . ILE D 1 20 ? 5.612   4.052   0.600   1.00 13.36 ? 19   ILE D CA  1 
ATOM   932  C C   . ILE D 1 20 ? 5.160   4.744   1.904   1.00 12.20 ? 19   ILE D C   1 
ATOM   933  O O   . ILE D 1 20 ? 4.813   5.919   1.884   1.00 13.49 ? 19   ILE D O   1 
ATOM   934  C CB  . ILE D 1 20 ? 4.474   3.251   -0.042  1.00 12.05 ? 19   ILE D CB  1 
ATOM   935  C CG1 . ILE D 1 20 ? 4.775   2.986   -1.513  1.00 13.67 ? 19   ILE D CG1 1 
ATOM   936  C CG2 . ILE D 1 20 ? 3.111   3.980   0.136   1.00 15.71 ? 19   ILE D CG2 1 
ATOM   937  C CD1 . ILE D 1 20 ? 3.848   1.895   -2.149  1.00 14.80 ? 19   ILE D CD1 1 
ATOM   938  N N   . CYS D 1 21 ? 5.229   3.999   2.996   1.00 13.78 ? 20   CYS D N   1 
ATOM   939  C CA  . CYS D 1 21 ? 4.826   4.570   4.293   1.00 15.18 ? 20   CYS D CA  1 
ATOM   940  C C   . CYS D 1 21 ? 5.786   5.710   4.682   1.00 14.22 ? 20   CYS D C   1 
ATOM   941  O O   . CYS D 1 21 ? 5.295   6.800   5.051   1.00 17.14 ? 20   CYS D O   1 
ATOM   942  C CB  . CYS D 1 21 ? 4.858   3.469   5.338   1.00 16.63 ? 20   CYS D CB  1 
ATOM   943  S SG  . CYS D 1 21 ? 3.426   2.377   5.140   1.00 20.08 ? 20   CYS D SG  1 
ATOM   944  N N   . ASN D 1 22 ? 7.105   5.543   4.461   1.00 15.75 ? 21   ASN D N   1 
ATOM   945  C CA  . ASN D 1 22 ? 8.073   6.600   4.762   1.00 16.29 ? 21   ASN D CA  1 
ATOM   946  C C   . ASN D 1 22 ? 7.840   7.827   3.872   1.00 15.49 ? 21   ASN D C   1 
ATOM   947  O O   . ASN D 1 22 ? 7.892   8.961   4.312   1.00 16.36 ? 21   ASN D O   1 
ATOM   948  C CB  . ASN D 1 22 ? 9.520   6.148   4.589   1.00 17.25 ? 21   ASN D CB  1 
ATOM   949  C CG  . ASN D 1 22 ? 9.966   5.201   5.664   1.00 26.19 ? 21   ASN D CG  1 
ATOM   950  O OD1 . ASN D 1 22 ? 9.299   5.053   6.693   1.00 34.81 ? 21   ASN D OD1 1 
ATOM   951  N ND2 . ASN D 1 22 ? 11.092  4.517   5.421   1.00 29.95 ? 21   ASN D ND2 1 
ATOM   952  N N   . GLU D 1 23 ? 7.517   7.568   2.599   1.00 12.53 ? 22   GLU D N   1 
ATOM   953  C CA  . GLU D 1 23 ? 7.209   8.700   1.728   1.00 12.75 ? 22   GLU D CA  1 
ATOM   954  C C   . GLU D 1 23 ? 5.937   9.466   2.166   1.00 12.82 ? 22   GLU D C   1 
ATOM   955  O O   . GLU D 1 23 ? 5.898   10.688  2.108   1.00 13.19 ? 22   GLU D O   1 
ATOM   956  C CB  . GLU D 1 23 ? 7.025   8.265   0.250   1.00 14.08 ? 22   GLU D CB  1 
ATOM   957  C CG  . GLU D 1 23 ? 8.327   7.738   -0.373  1.00 15.78 ? 22   GLU D CG  1 
ATOM   958  C CD  . GLU D 1 23 ? 9.286   8.819   -0.840  1.00 25.64 ? 22   GLU D CD  1 
ATOM   959  O OE1 . GLU D 1 23 ? 9.174   10.018  -0.473  1.00 27.52 ? 22   GLU D OE1 1 
ATOM   960  O OE2 . GLU D 1 23 ? 10.181  8.417   -1.633  1.00 30.62 ? 22   GLU D OE2 1 
ATOM   961  N N   . LEU D 1 24 ? 4.903   8.733   2.569   1.00 12.78 ? 23   LEU D N   1 
ATOM   962  C CA  . LEU D 1 24 ? 3.689   9.415   2.997   1.00 13.32 ? 23   LEU D CA  1 
ATOM   963  C C   . LEU D 1 24 ? 3.952   10.158  4.328   1.00 13.86 ? 23   LEU D C   1 
ATOM   964  O O   . LEU D 1 24 ? 3.343   11.211  4.551   1.00 14.98 ? 23   LEU D O   1 
ATOM   965  C CB  . LEU D 1 24 ? 2.532   8.408   3.171   1.00 13.56 ? 23   LEU D CB  1 
ATOM   966  C CG  . LEU D 1 24 ? 2.010   7.793   1.836   1.00 14.52 ? 23   LEU D CG  1 
ATOM   967  C CD1 . LEU D 1 24 ? 0.971   6.726   2.250   1.00 16.17 ? 23   LEU D CD1 1 
ATOM   968  C CD2 . LEU D 1 24 ? 1.338   8.789   0.956   1.00 14.06 ? 23   LEU D CD2 1 
ATOM   969  N N   . ALA D 1 25 ? 4.854   9.616   5.141   1.00 13.80 ? 24   ALA D N   1 
ATOM   970  C CA  . ALA D 1 25 ? 5.138   10.297  6.401   1.00 15.19 ? 24   ALA D CA  1 
ATOM   971  C C   . ALA D 1 25 ? 5.862   11.628  6.085   1.00 15.60 ? 24   ALA D C   1 
ATOM   972  O O   . ALA D 1 25 ? 5.573   12.679  6.732   1.00 16.54 ? 24   ALA D O   1 
ATOM   973  C CB  . ALA D 1 25 ? 5.944   9.424   7.257   1.00 16.11 ? 24   ALA D CB  1 
ATOM   974  N N   . ARG D 1 26 ? 6.794   11.607  5.125   1.00 15.41 ? 25   ARG D N   1 
ATOM   975  C CA  . ARG D 1 26 ? 7.500   12.797  4.666   1.00 16.01 ? 25   ARG D CA  1 
ATOM   976  C C   . ARG D 1 26 ? 6.506   13.832  4.126   1.00 15.38 ? 25   ARG D C   1 
ATOM   977  O O   . ARG D 1 26 ? 6.570   15.025  4.397   1.00 16.62 ? 25   ARG D O   1 
ATOM   978  C CB  . ARG D 1 26 ? 8.503   12.428  3.563   1.00 17.05 ? 25   ARG D CB  1 
ATOM   979  C CG  . ARG D 1 26 ? 9.443   13.546  3.164   1.00 19.87 ? 25   ARG D CG  1 
ATOM   980  C CD  . ARG D 1 26 ? 10.431  13.053  2.062   1.00 20.36 ? 25   ARG D CD  1 
ATOM   981  N N   . ILE D 1 27 ? 5.569   13.385  3.278   1.00 15.25 ? 26   ILE D N   1 
ATOM   982  C CA  . ILE D 1 27 ? 4.621   14.304  2.696   1.00 15.19 ? 26   ILE D CA  1 
ATOM   983  C C   . ILE D 1 27 ? 3.726   14.998  3.758   1.00 15.26 ? 26   ILE D C   1 
ATOM   984  O O   . ILE D 1 27 ? 3.463   16.173  3.692   1.00 15.93 ? 26   ILE D O   1 
ATOM   985  C CB  . ILE D 1 27 ? 3.693   13.568  1.647   1.00 15.66 ? 26   ILE D CB  1 
ATOM   986  C CG1 . ILE D 1 27 ? 4.508   13.215  0.382   1.00 15.81 ? 26   ILE D CG1 1 
ATOM   987  C CG2 . ILE D 1 27 ? 2.486   14.435  1.352   1.00 14.29 ? 26   ILE D CG2 1 
ATOM   988  C CD1 . ILE D 1 27 ? 3.817   12.242  -0.577  1.00 16.82 ? 26   ILE D CD1 1 
ATOM   989  N N   . LYS D 1 28 ? 3.308   14.208  4.706   1.00 14.01 ? 27   LYS D N   1 
ATOM   990  C CA  . LYS D 1 28 ? 2.454   14.725  5.807   1.00 16.26 ? 27   LYS D CA  1 
ATOM   991  C C   . LYS D 1 28 ? 3.248   15.854  6.481   1.00 16.61 ? 27   LYS D C   1 
ATOM   992  O O   . LYS D 1 28 ? 2.690   16.920  6.749   1.00 16.13 ? 27   LYS D O   1 
ATOM   993  C CB  . LYS D 1 28 ? 2.063   13.583  6.767   1.00 17.27 ? 27   LYS D CB  1 
ATOM   994  C CG  . LYS D 1 28 ? 1.438   14.043  8.098   1.00 17.98 ? 27   LYS D CG  1 
ATOM   995  C CD  . LYS D 1 28 ? 1.453   12.957  9.181   1.00 19.63 ? 27   LYS D CD  1 
ATOM   996  C CE  . LYS D 1 28 ? 1.125   13.532  10.574  1.00 22.39 ? 27   LYS D CE  1 
ATOM   997  N NZ  . LYS D 1 28 ? 1.621   12.565  11.620  1.00 23.25 ? 27   LYS D NZ  1 
ATOM   998  N N   . LYS D 1 29 ? 4.511   15.596  6.760   1.00 17.89 ? 28   LYS D N   1 
ATOM   999  C CA  . LYS D 1 29 ? 5.291   16.646  7.403   1.00 21.48 ? 28   LYS D CA  1 
ATOM   1000 C C   . LYS D 1 29 ? 5.409   17.904  6.537   1.00 22.46 ? 28   LYS D C   1 
ATOM   1001 O O   . LYS D 1 29 ? 5.243   19.017  7.029   1.00 21.84 ? 28   LYS D O   1 
ATOM   1002 C CB  . LYS D 1 29 ? 6.645   16.105  7.786   1.00 20.80 ? 28   LYS D CB  1 
ATOM   1003 C CG  . LYS D 1 29 ? 7.498   17.032  8.732   1.00 25.27 ? 28   LYS D CG  1 
ATOM   1004 C CD  . LYS D 1 29 ? 8.760   16.345  9.190   1.00 24.53 ? 28   LYS D CD  1 
ATOM   1005 C CE  . LYS D 1 29 ? 8.505   15.261  10.285  1.00 29.70 ? 28   LYS D CE  1 
ATOM   1006 N NZ  . LYS D 1 29 ? 9.796   14.837  10.943  1.00 33.19 ? 28   LYS D NZ  1 
ATOM   1007 N N   . LEU D 1 30 ? 5.705   17.763  5.252   1.00 22.97 ? 29   LEU D N   1 
ATOM   1008 C CA  . LEU D 1 30 ? 5.782   18.933  4.386   1.00 24.87 ? 29   LEU D CA  1 
ATOM   1009 C C   . LEU D 1 30 ? 4.497   19.741  4.421   1.00 24.95 ? 29   LEU D C   1 
ATOM   1010 O O   . LEU D 1 30 ? 4.537   20.993  4.445   1.00 25.61 ? 29   LEU D O   1 
ATOM   1011 C CB  . LEU D 1 30 ? 6.091   18.523  2.931   1.00 24.53 ? 29   LEU D CB  1 
ATOM   1012 C CG  . LEU D 1 30 ? 7.548   18.131  2.784   1.00 26.83 ? 29   LEU D CG  1 
ATOM   1013 C CD1 . LEU D 1 30 ? 7.750   17.475  1.401   1.00 24.95 ? 29   LEU D CD1 1 
ATOM   1014 C CD2 . LEU D 1 30 ? 8.371   19.403  2.948   1.00 26.14 ? 29   LEU D CD2 1 
ATOM   1015 N N   . LEU D 1 31 ? 3.341   19.078  4.404   1.00 23.36 ? 30   LEU D N   1 
ATOM   1016 C CA  . LEU D 1 31 ? 2.074   19.816  4.318   1.00 22.53 ? 30   LEU D CA  1 
ATOM   1017 C C   . LEU D 1 31 ? 1.734   20.533  5.627   1.00 24.67 ? 30   LEU D C   1 
ATOM   1018 O O   . LEU D 1 31 ? 0.933   21.459  5.624   1.00 24.33 ? 30   LEU D O   1 
ATOM   1019 C CB  . LEU D 1 31 ? 0.889   18.879  4.030   1.00 22.95 ? 30   LEU D CB  1 
ATOM   1020 C CG  . LEU D 1 31 ? 0.893   18.109  2.742   1.00 22.90 ? 30   LEU D CG  1 
ATOM   1021 C CD1 . LEU D 1 31 ? -0.302  17.147  2.684   1.00 23.51 ? 30   LEU D CD1 1 
ATOM   1022 C CD2 . LEU D 1 31 ? 0.903   19.113  1.585   1.00 20.76 ? 30   LEU D CD2 1 
ATOM   1023 N N   . GLY D 1 32 ? 2.295   20.038  6.718   1.00 24.83 ? 31   GLY D N   1 
ATOM   1024 C CA  . GLY D 1 32 ? 2.158   20.670  8.039   1.00 29.66 ? 31   GLY D CA  1 
ATOM   1025 C C   . GLY D 1 32 ? 2.624   22.119  8.135   1.00 31.79 ? 31   GLY D C   1 
ATOM   1026 O O   . GLY D 1 32 ? 2.238   22.822  9.091   1.00 31.14 ? 31   GLY D O   1 
ATOM   1027 N N   . GLU D 1 33 ? 3.466   22.532  7.177   1.00 33.44 ? 32   GLU D N   1 
ATOM   1028 C CA  . GLU D 1 33 ? 3.989   23.919  6.943   1.00 36.64 ? 32   GLU D CA  1 
ATOM   1029 C C   . GLU D 1 33 ? 3.594   25.099  7.865   1.00 38.70 ? 32   GLU D C   1 
ATOM   1030 O O   . GLU D 1 33 ? 3.109   24.952  8.996   1.00 41.30 ? 32   GLU D O   1 
ATOM   1031 C CB  . GLU D 1 33 ? 3.706   24.349  5.489   1.00 36.72 ? 32   GLU D CB  1 
ATOM   1032 C CG  . GLU D 1 33 ? 2.237   24.196  5.118   1.00 35.78 ? 32   GLU D CG  1 
ATOM   1033 C CD  . GLU D 1 33 ? 1.809   24.895  3.819   1.00 38.05 ? 32   GLU D CD  1 
ATOM   1034 O OE1 . GLU D 1 33 ? 0.704   25.502  3.797   1.00 39.73 ? 32   GLU D OE1 1 
ATOM   1035 O OE2 . GLU D 1 33 ? 2.556   24.802  2.809   1.00 39.89 ? 32   GLU D OE2 1 
HETATM 1036 O O   . HOH E 2 .  ? 3.672   24.024  -8.076  1.00 33.28 ? 2001 HOH A O   1 
HETATM 1037 O O   . HOH E 2 .  ? -0.319  22.374  -7.640  1.00 21.72 ? 2002 HOH A O   1 
HETATM 1038 O O   . HOH E 2 .  ? -4.480  10.431  -9.999  1.00 25.49 ? 2003 HOH A O   1 
HETATM 1039 O O   . HOH E 2 .  ? 8.119   11.518  -8.323  1.00 27.85 ? 2004 HOH A O   1 
HETATM 1040 O O   . HOH E 2 .  ? 6.606   4.444   -4.801  1.00 19.40 ? 2005 HOH A O   1 
HETATM 1041 O O   . HOH E 2 .  ? -6.368  4.909   -7.759  1.00 24.40 ? 2006 HOH A O   1 
HETATM 1042 O O   . HOH E 2 .  ? -0.565  -1.364  -13.154 1.00 27.69 ? 2007 HOH A O   1 
HETATM 1043 O O   . HOH E 2 .  ? -6.921  -12.673 -8.696  1.00 26.71 ? 2008 HOH A O   1 
HETATM 1044 O O   . HOH E 2 .  ? -4.469  -22.822 -6.817  1.00 27.51 ? 2009 HOH A O   1 
HETATM 1045 O O   . HOH F 2 .  ? -12.132 21.744  6.490   1.00 29.40 ? 2001 HOH B O   1 
HETATM 1046 O O   . HOH F 2 .  ? -12.811 22.052  8.778   1.00 35.33 ? 2002 HOH B O   1 
HETATM 1047 O O   . HOH F 2 .  ? -9.005  13.302  7.701   1.00 21.49 ? 2003 HOH B O   1 
HETATM 1048 O O   . HOH F 2 .  ? -8.745  14.020  3.160   1.00 23.65 ? 2004 HOH B O   1 
HETATM 1049 O O   . HOH F 2 .  ? 3.860   9.866   10.522  1.00 27.69 ? 2005 HOH B O   1 
HETATM 1050 O O   . HOH F 2 .  ? -1.999  3.018   14.538  1.00 29.32 ? 2006 HOH B O   1 
HETATM 1051 O O   . HOH F 2 .  ? 5.930   5.210   8.202   1.00 30.20 ? 2007 HOH B O   1 
HETATM 1052 O O   . HOH F 2 .  ? 4.671   -2.172  8.769   1.00 22.54 ? 2008 HOH B O   1 
HETATM 1053 O O   . HOH F 2 .  ? -5.850  -6.524  5.971   1.00 29.16 ? 2009 HOH B O   1 
HETATM 1054 O O   . HOH F 2 .  ? -0.267  -9.183  11.349  1.00 20.68 ? 2010 HOH B O   1 
HETATM 1055 O O   . HOH F 2 .  ? 3.916   -1.802  12.787  1.00 24.03 ? 2011 HOH B O   1 
HETATM 1056 O O   . HOH F 2 .  ? 3.777   -9.455  10.603  1.00 26.21 ? 2012 HOH B O   1 
HETATM 1057 O O   . HOH F 2 .  ? -0.294  -4.374  12.931  1.00 23.77 ? 2013 HOH B O   1 
HETATM 1058 O O   . HOH F 2 .  ? 7.474   -12.907 6.874   1.00 21.81 ? 2014 HOH B O   1 
HETATM 1059 O O   . HOH F 2 .  ? 8.531   -17.632 3.883   1.00 25.91 ? 2015 HOH B O   1 
HETATM 1060 O O   . HOH F 2 .  ? 2.430   -22.951 1.274   1.00 15.95 ? 2016 HOH B O   1 
HETATM 1061 O O   . HOH F 2 .  ? -0.664  -25.581 2.381   1.00 33.00 ? 2017 HOH B O   1 
HETATM 1062 O O   . HOH G 2 .  ? -9.179  -14.715 5.300   1.00 20.98 ? 2001 HOH C O   1 
HETATM 1063 O O   . HOH G 2 .  ? -4.760  -15.292 6.399   1.00 22.75 ? 2002 HOH C O   1 
HETATM 1064 O O   . HOH G 2 .  ? -11.925 -16.574 4.685   1.00 27.35 ? 2003 HOH C O   1 
HETATM 1065 O O   . HOH G 2 .  ? -8.542  11.706  -9.062  1.00 27.17 ? 2004 HOH C O   1 
HETATM 1066 O O   . HOH G 2 .  ? -8.314  -10.777 -7.486  1.00 27.33 ? 2005 HOH C O   1 
HETATM 1067 O O   . HOH G 2 .  ? -6.308  16.629  -11.512 1.00 27.15 ? 2006 HOH C O   1 
HETATM 1068 O O   . HOH G 2 .  ? -13.191 -7.954  -0.982  1.00 31.35 ? 2007 HOH C O   1 
HETATM 1069 O O   . HOH G 2 .  ? -7.322  1.593   -7.312  1.00 21.20 ? 2008 HOH C O   1 
HETATM 1070 O O   . HOH G 2 .  ? -11.773 8.228   -2.857  1.00 17.11 ? 2009 HOH C O   1 
HETATM 1071 O O   . HOH G 2 .  ? -10.065 8.765   -6.346  1.00 26.86 ? 2010 HOH C O   1 
HETATM 1072 O O   . HOH G 2 .  ? -11.398 0.894   -7.668  1.00 25.88 ? 2011 HOH C O   1 
HETATM 1073 O O   . HOH G 2 .  ? -5.630  12.579  -8.844  1.00 22.23 ? 2012 HOH C O   1 
HETATM 1074 O O   . HOH G 2 .  ? -4.967  15.061  -9.825  1.00 23.85 ? 2013 HOH C O   1 
HETATM 1075 O O   . HOH G 2 .  ? -2.390  22.509  -1.862  1.00 16.92 ? 2014 HOH C O   1 
HETATM 1076 O O   . HOH G 2 .  ? -4.308  28.613  -1.940  1.00 28.11 ? 2015 HOH C O   1 
HETATM 1077 O O   . HOH G 2 .  ? -4.278  25.016  0.888   1.00 32.88 ? 2016 HOH C O   1 
HETATM 1078 O O   . HOH H 2 .  ? 9.662   -23.347 -3.981  1.00 29.42 ? 2001 HOH D O   1 
HETATM 1079 O O   . HOH H 2 .  ? 8.553   -22.226 1.010   1.00 23.02 ? 2002 HOH D O   1 
HETATM 1080 O O   . HOH H 2 .  ? 8.753   -10.623 6.270   1.00 27.91 ? 2003 HOH D O   1 
HETATM 1081 O O   . HOH H 2 .  ? 10.712  -10.831 -6.379  1.00 26.69 ? 2004 HOH D O   1 
HETATM 1082 O O   . HOH H 2 .  ? 11.151  -3.004  -5.468  1.00 36.40 ? 2005 HOH D O   1 
HETATM 1083 O O   . HOH H 2 .  ? 11.951  -1.035  2.643   1.00 28.55 ? 2006 HOH D O   1 
HETATM 1084 O O   . HOH H 2 .  ? 9.709   0.481   -7.353  1.00 39.84 ? 2007 HOH D O   1 
HETATM 1085 O O   . HOH H 2 .  ? 5.657   -5.241  7.788   1.00 22.78 ? 2008 HOH D O   1 
HETATM 1086 O O   . HOH H 2 .  ? 8.442   2.456   6.969   1.00 28.76 ? 2009 HOH D O   1 
HETATM 1087 O O   . HOH H 2 .  ? 9.945   9.747   6.107   1.00 25.22 ? 2010 HOH D O   1 
HETATM 1088 O O   . HOH H 2 .  ? 11.882  1.922   4.134   1.00 26.06 ? 2011 HOH D O   1 
HETATM 1089 O O   . HOH H 2 .  ? 5.354   12.420  9.323   1.00 28.39 ? 2012 HOH D O   1 
HETATM 1090 O O   . HOH H 2 .  ? -0.492  24.561  5.037   1.00 31.44 ? 2013 HOH D O   1 
# 
